data_3WWK
#
_entry.id   3WWK
#
_cell.length_a   130.851
_cell.length_b   117.072
_cell.length_c   152.238
_cell.angle_alpha   90.00
_cell.angle_beta   115.78
_cell.angle_gamma   90.00
#
_symmetry.space_group_name_H-M   'C 1 2 1'
#
loop_
_entity.id
_entity.type
_entity.pdbx_description
1 polymer 'C-type lectin domain family 1 member B'
2 polymer 'Snaclec rhodocytin subunit alpha'
3 polymer 'Snaclec rhodocytin subunit beta'
#
loop_
_entity_poly.entity_id
_entity_poly.type
_entity_poly.pdbx_seq_one_letter_code
_entity_poly.pdbx_strand_id
1 'polypeptide(L)'
;GSGHKSSPCDTNWRYYGDSCYGFFRHNLTWEESKQYCTDMNATLLKIDNRNIVEYIKARTHLIRWVGLSRQKSNEVWKWE
DGSVISENMFEFLEDGKGNMNCAYFHNGKMHPTFCENKHYLMCERKAG
;
C,I,L,F
2 'polypeptide(L)'
;GLEDCDFGWSPYDQHCYQAFNEQKTWDEAEKFCRAQENGAHLASIESNGEADFVSWLISQKDELADEDYVWIGLRAQNKE
QQCSSEWSDGSSVSYENLIDLHTKKCGALEKLTGFRKWVNYYCEQMHAFVCKLLPY
;
A,D,G,J
3 'polypeptide(L)'
;MGRFIFVSFGLLVVFLSLSGTGADCPSGWSSYEGHCYKPFNEPKNWADAERFCKLQPKHSHLVSFQSAEEADFVVKLTRP
RLKANLVWMGLSNIWHGCNWQWSDGARLNYKDWQEQSECLAFRGVHTEWLNMDCSSTCSFVCKFKA
;
B,E,H,K
#
# COMPACT_ATOMS: atom_id res chain seq x y z
N SER A 7 -21.68 -32.86 47.03
CA SER A 7 -22.80 -33.01 48.00
C SER A 7 -22.36 -33.62 49.33
N PRO A 8 -22.10 -34.95 49.37
CA PRO A 8 -21.58 -35.56 50.61
C PRO A 8 -20.08 -35.34 50.90
N CYS A 9 -19.37 -34.75 49.94
CA CYS A 9 -17.92 -34.60 50.08
C CYS A 9 -17.51 -33.34 50.88
N ASP A 10 -16.25 -33.32 51.31
CA ASP A 10 -15.74 -32.21 52.12
C ASP A 10 -14.91 -31.25 51.30
N THR A 11 -14.39 -30.22 51.96
CA THR A 11 -13.44 -29.30 51.32
C THR A 11 -12.26 -30.08 50.73
N ASN A 12 -11.86 -29.70 49.52
CA ASN A 12 -10.76 -30.35 48.79
C ASN A 12 -11.02 -31.82 48.49
N TRP A 13 -12.28 -32.18 48.35
CA TRP A 13 -12.59 -33.56 47.92
C TRP A 13 -13.73 -33.41 46.97
N ARG A 14 -13.60 -34.01 45.78
CA ARG A 14 -14.59 -33.88 44.72
C ARG A 14 -15.45 -35.12 44.70
N TYR A 15 -16.75 -34.92 44.50
CA TYR A 15 -17.72 -36.01 44.46
C TYR A 15 -17.99 -36.50 43.06
N TYR A 16 -17.82 -37.81 42.85
CA TYR A 16 -18.17 -38.43 41.58
C TYR A 16 -18.61 -39.86 41.79
N GLY A 17 -19.76 -40.23 41.21
CA GLY A 17 -20.34 -41.53 41.41
C GLY A 17 -20.71 -41.73 42.86
N ASP A 18 -20.00 -42.64 43.52
CA ASP A 18 -20.24 -42.88 44.95
C ASP A 18 -18.97 -42.63 45.78
N SER A 19 -18.05 -41.84 45.24
CA SER A 19 -16.76 -41.61 45.87
C SER A 19 -16.42 -40.16 46.04
N CYS A 20 -15.52 -39.91 46.99
CA CYS A 20 -14.88 -38.61 47.16
C CYS A 20 -13.43 -38.74 46.76
N TYR A 21 -12.97 -37.83 45.91
CA TYR A 21 -11.59 -37.85 45.40
C TYR A 21 -10.82 -36.62 45.84
N GLY A 22 -9.60 -36.83 46.36
CA GLY A 22 -8.75 -35.73 46.80
C GLY A 22 -7.47 -35.74 46.00
N PHE A 23 -7.03 -34.56 45.56
CA PHE A 23 -5.83 -34.43 44.74
C PHE A 23 -4.85 -33.60 45.54
N PHE A 24 -3.68 -34.18 45.80
CA PHE A 24 -2.71 -33.53 46.68
C PHE A 24 -1.35 -33.38 46.04
N ARG A 25 -0.88 -32.14 45.91
CA ARG A 25 0.43 -31.90 45.29
C ARG A 25 1.58 -31.99 46.29
N HIS A 26 1.72 -33.20 46.83
CA HIS A 26 2.80 -33.58 47.70
C HIS A 26 3.62 -34.60 46.92
N ASN A 27 4.88 -34.27 46.70
CA ASN A 27 5.80 -35.05 45.90
C ASN A 27 6.42 -36.15 46.75
N LEU A 28 5.86 -37.36 46.65
CA LEU A 28 6.16 -38.44 47.58
C LEU A 28 6.39 -39.75 46.84
N THR A 29 7.08 -40.67 47.50
CA THR A 29 7.24 -42.02 46.94
C THR A 29 5.89 -42.73 46.95
N TRP A 30 5.79 -43.88 46.27
CA TRP A 30 4.51 -44.58 46.20
C TRP A 30 4.03 -44.97 47.60
N GLU A 31 4.92 -45.60 48.35
CA GLU A 31 4.58 -46.07 49.72
C GLU A 31 4.29 -44.90 50.62
N GLU A 32 5.05 -43.81 50.48
CA GLU A 32 4.77 -42.62 51.29
C GLU A 32 3.40 -42.04 50.97
N SER A 33 3.02 -42.12 49.69
CA SER A 33 1.71 -41.65 49.25
C SER A 33 0.60 -42.52 49.81
N LYS A 34 0.81 -43.84 49.79
CA LYS A 34 -0.11 -44.79 50.42
C LYS A 34 -0.35 -44.40 51.87
N GLN A 35 0.76 -44.10 52.57
CA GLN A 35 0.71 -43.70 53.97
C GLN A 35 -0.08 -42.41 54.14
N TYR A 36 0.15 -41.46 53.22
CA TYR A 36 -0.55 -40.19 53.30
C TYR A 36 -2.06 -40.42 53.23
N CYS A 37 -2.49 -41.25 52.28
CA CYS A 37 -3.92 -41.52 52.11
C CYS A 37 -4.58 -42.11 53.34
N THR A 38 -4.02 -43.16 53.91
CA THR A 38 -4.62 -43.76 55.13
C THR A 38 -4.53 -42.86 56.33
N ASP A 39 -3.56 -41.94 56.37
CA ASP A 39 -3.56 -40.84 57.36
C ASP A 39 -4.88 -40.03 57.36
N MET A 40 -5.50 -40.08 56.22
CA MET A 40 -6.83 -39.42 56.03
C MET A 40 -7.96 -40.44 55.89
N ASN A 41 -7.69 -41.66 56.33
CA ASN A 41 -8.70 -42.74 56.24
C ASN A 41 -9.16 -42.98 54.82
N ALA A 42 -8.21 -42.91 53.91
CA ALA A 42 -8.44 -42.99 52.47
C ALA A 42 -7.50 -44.01 51.83
N THR A 43 -7.67 -44.19 50.54
CA THR A 43 -7.02 -45.20 49.71
C THR A 43 -6.46 -44.54 48.45
N LEU A 44 -5.29 -44.97 47.97
CA LEU A 44 -4.85 -44.52 46.67
C LEU A 44 -5.90 -44.99 45.66
N LEU A 45 -6.06 -44.24 44.58
CA LEU A 45 -7.15 -44.45 43.63
C LEU A 45 -7.16 -45.81 42.94
N LYS A 46 -8.37 -46.33 42.76
CA LYS A 46 -8.62 -47.50 41.91
C LYS A 46 -9.29 -47.02 40.62
N ILE A 47 -8.74 -47.44 39.48
CA ILE A 47 -9.34 -47.13 38.18
C ILE A 47 -9.76 -48.40 37.45
N ASP A 48 -11.02 -48.81 37.55
CA ASP A 48 -11.42 -50.07 36.96
C ASP A 48 -12.45 -49.91 35.84
N ASN A 49 -12.49 -48.76 35.23
CA ASN A 49 -13.31 -48.57 34.04
C ASN A 49 -12.87 -47.35 33.25
N ARG A 50 -13.26 -47.32 31.97
CA ARG A 50 -12.95 -46.20 31.09
C ARG A 50 -13.56 -44.89 31.57
N ASN A 51 -14.77 -44.96 32.13
CA ASN A 51 -15.49 -43.77 32.58
C ASN A 51 -14.68 -42.97 33.60
N ILE A 52 -14.09 -43.66 34.58
CA ILE A 52 -13.29 -42.98 35.59
C ILE A 52 -11.98 -42.42 35.00
N VAL A 53 -11.32 -43.16 34.11
CA VAL A 53 -10.25 -42.60 33.27
C VAL A 53 -10.54 -41.17 32.78
N GLU A 54 -11.68 -40.98 32.10
CA GLU A 54 -11.97 -39.69 31.51
C GLU A 54 -12.22 -38.61 32.54
N TYR A 55 -12.86 -38.97 33.64
CA TYR A 55 -13.07 -38.00 34.72
C TYR A 55 -11.73 -37.54 35.30
N ILE A 56 -10.85 -38.50 35.60
CA ILE A 56 -9.58 -38.17 36.21
C ILE A 56 -8.75 -37.28 35.28
N LYS A 57 -8.70 -37.61 34.00
CA LYS A 57 -7.88 -36.80 33.09
C LYS A 57 -8.49 -35.41 32.87
N ALA A 58 -9.78 -35.26 33.15
CA ALA A 58 -10.44 -33.94 33.09
C ALA A 58 -9.87 -33.09 34.26
N ARG A 59 -9.68 -33.79 35.38
CA ARG A 59 -9.44 -33.13 36.68
C ARG A 59 -8.03 -32.61 36.79
N THR A 60 -7.08 -33.36 36.20
CA THR A 60 -5.68 -33.01 36.31
C THR A 60 -4.90 -33.58 35.13
N HIS A 61 -3.83 -32.90 34.79
CA HIS A 61 -2.87 -33.37 33.80
C HIS A 61 -1.43 -33.56 34.32
N LEU A 62 -1.28 -33.42 35.64
CA LEU A 62 0.00 -33.69 36.29
C LEU A 62 0.13 -35.17 36.64
N ILE A 63 1.34 -35.70 36.60
CA ILE A 63 1.61 -37.08 37.01
C ILE A 63 1.17 -37.27 38.47
N ARG A 64 0.35 -38.29 38.73
CA ARG A 64 -0.04 -38.60 40.11
C ARG A 64 -0.05 -40.11 40.31
N TRP A 65 0.45 -40.56 41.45
CA TRP A 65 0.40 -41.98 41.79
C TRP A 65 -1.05 -42.46 41.82
N VAL A 66 -1.28 -43.70 41.37
CA VAL A 66 -2.51 -44.41 41.67
C VAL A 66 -2.23 -45.66 42.51
N GLY A 67 -3.29 -46.35 42.92
CA GLY A 67 -3.16 -47.48 43.84
C GLY A 67 -2.84 -48.82 43.19
N LEU A 68 -2.19 -48.81 42.03
CA LEU A 68 -1.89 -50.03 41.29
C LEU A 68 -0.43 -50.39 41.52
N SER A 69 -0.21 -51.63 41.96
CA SER A 69 1.16 -52.11 42.19
C SER A 69 1.23 -53.64 42.08
N ARG A 70 2.44 -54.13 41.85
CA ARG A 70 2.63 -55.58 41.90
C ARG A 70 3.57 -55.88 43.03
N GLN A 71 3.04 -56.66 43.99
CA GLN A 71 3.69 -56.97 45.26
C GLN A 71 5.14 -57.44 45.17
N LYS A 72 5.45 -58.01 44.00
CA LYS A 72 6.86 -58.28 43.62
C LYS A 72 6.97 -58.02 42.13
N SER A 73 8.18 -57.73 41.67
CA SER A 73 8.44 -57.56 40.25
C SER A 73 7.91 -58.75 39.47
N ASN A 74 7.38 -58.47 38.28
CA ASN A 74 6.91 -59.48 37.34
C ASN A 74 5.66 -60.28 37.75
N GLU A 75 5.02 -59.87 38.84
CA GLU A 75 3.74 -60.46 39.23
C GLU A 75 2.58 -59.66 38.62
N VAL A 76 1.35 -60.07 38.93
CA VAL A 76 0.14 -59.42 38.42
C VAL A 76 -0.09 -58.06 39.08
N TRP A 77 -0.75 -57.17 38.35
CA TRP A 77 -1.04 -55.82 38.83
C TRP A 77 -2.33 -55.78 39.63
N LYS A 78 -2.26 -55.21 40.83
CA LYS A 78 -3.38 -55.25 41.77
C LYS A 78 -3.62 -53.86 42.37
N TRP A 79 -4.88 -53.54 42.61
CA TRP A 79 -5.24 -52.36 43.34
C TRP A 79 -5.04 -52.51 44.83
N GLU A 80 -5.19 -51.40 45.56
CA GLU A 80 -5.12 -51.36 47.01
C GLU A 80 -5.92 -52.44 47.69
N ASP A 81 -7.11 -52.66 47.16
CA ASP A 81 -8.05 -53.60 47.78
C ASP A 81 -7.70 -55.07 47.53
N GLY A 82 -6.62 -55.29 46.79
CA GLY A 82 -6.15 -56.65 46.51
C GLY A 82 -6.74 -57.25 45.25
N SER A 83 -7.63 -56.52 44.57
CA SER A 83 -8.23 -57.03 43.34
C SER A 83 -7.21 -56.86 42.23
N VAL A 84 -7.32 -57.67 41.18
CA VAL A 84 -6.42 -57.57 40.04
C VAL A 84 -7.06 -56.65 38.99
N ILE A 85 -6.23 -55.86 38.33
CA ILE A 85 -6.69 -54.97 37.24
C ILE A 85 -7.59 -55.75 36.27
N SER A 86 -8.75 -55.19 35.91
CA SER A 86 -9.67 -55.87 35.00
C SER A 86 -9.06 -56.01 33.61
N GLU A 87 -9.45 -57.06 32.90
CA GLU A 87 -8.92 -57.33 31.57
C GLU A 87 -9.10 -56.13 30.65
N ASN A 88 -10.27 -55.51 30.75
CA ASN A 88 -10.62 -54.33 29.93
C ASN A 88 -9.66 -53.16 30.16
N MET A 89 -9.00 -53.14 31.32
CA MET A 89 -8.18 -52.01 31.70
C MET A 89 -6.72 -52.13 31.27
N PHE A 90 -6.31 -53.30 30.78
CA PHE A 90 -4.96 -53.46 30.23
C PHE A 90 -4.63 -52.48 29.09
N GLU A 91 -5.63 -52.08 28.32
CA GLU A 91 -5.48 -51.10 27.26
C GLU A 91 -4.92 -49.76 27.79
N PHE A 92 -5.13 -49.53 29.09
CA PHE A 92 -4.72 -48.27 29.73
C PHE A 92 -3.43 -48.38 30.52
N LEU A 93 -2.81 -49.57 30.51
CA LEU A 93 -1.55 -49.76 31.22
C LEU A 93 -0.40 -49.81 30.23
N GLU A 94 0.48 -48.82 30.31
CA GLU A 94 1.54 -48.66 29.32
C GLU A 94 2.75 -49.56 29.60
N ASP A 95 3.75 -49.50 28.74
CA ASP A 95 4.95 -50.36 28.84
C ASP A 95 5.76 -50.06 30.08
N GLY A 96 6.45 -51.09 30.57
CA GLY A 96 7.32 -50.97 31.71
C GLY A 96 8.37 -52.07 31.74
N LYS A 97 9.30 -51.93 32.68
CA LYS A 97 10.29 -52.96 32.95
C LYS A 97 9.80 -53.86 34.09
N GLY A 98 10.42 -55.03 34.20
CA GLY A 98 10.06 -56.03 35.20
C GLY A 98 10.17 -55.59 36.65
N ASN A 99 11.05 -54.63 36.92
CA ASN A 99 11.29 -54.13 38.25
C ASN A 99 10.67 -52.76 38.51
N MET A 100 9.78 -52.38 37.62
CA MET A 100 8.98 -51.16 37.85
C MET A 100 7.69 -51.63 38.46
N ASN A 101 7.44 -51.41 39.77
CA ASN A 101 6.34 -52.21 40.37
C ASN A 101 5.04 -51.42 40.67
N CYS A 102 5.22 -50.11 40.73
CA CYS A 102 4.08 -49.19 41.10
C CYS A 102 3.71 -48.37 39.87
N ALA A 103 2.46 -47.91 39.78
CA ALA A 103 2.05 -47.13 38.62
C ALA A 103 1.55 -45.73 38.95
N TYR A 104 1.86 -44.78 38.08
CA TYR A 104 1.22 -43.46 38.16
C TYR A 104 0.24 -43.32 36.98
N PHE A 105 -0.61 -42.31 37.07
CA PHE A 105 -1.56 -41.97 36.02
C PHE A 105 -1.16 -40.63 35.44
N HIS A 106 -1.16 -40.52 34.12
CA HIS A 106 -0.81 -39.25 33.52
C HIS A 106 -1.56 -39.12 32.19
N ASN A 107 -2.40 -38.10 32.06
CA ASN A 107 -3.11 -37.80 30.81
C ASN A 107 -3.85 -38.98 30.23
N GLY A 108 -4.46 -39.82 31.08
CA GLY A 108 -5.33 -40.88 30.61
C GLY A 108 -4.69 -42.23 30.41
N LYS A 109 -3.43 -42.37 30.86
CA LYS A 109 -2.74 -43.66 30.84
C LYS A 109 -2.05 -43.94 32.16
N MET A 110 -1.96 -45.21 32.52
CA MET A 110 -1.18 -45.62 33.70
C MET A 110 0.18 -46.10 33.24
N HIS A 111 1.21 -45.71 33.98
CA HIS A 111 2.59 -46.04 33.62
C HIS A 111 3.28 -46.69 34.79
N PRO A 112 3.82 -47.93 34.59
CA PRO A 112 4.68 -48.58 35.60
C PRO A 112 5.98 -47.82 35.78
N THR A 113 6.46 -47.72 37.01
CA THR A 113 7.68 -46.95 37.25
C THR A 113 8.26 -47.38 38.59
N PHE A 114 9.47 -46.90 38.88
CA PHE A 114 10.13 -47.22 40.14
C PHE A 114 9.42 -46.63 41.36
N CYS A 115 9.07 -47.50 42.31
CA CYS A 115 8.28 -47.10 43.47
C CYS A 115 8.95 -46.01 44.32
N GLU A 116 10.28 -45.91 44.26
CA GLU A 116 11.04 -44.94 45.08
C GLU A 116 11.12 -43.54 44.47
N ASN A 117 10.61 -43.42 43.26
CA ASN A 117 10.52 -42.11 42.58
C ASN A 117 9.42 -41.28 43.25
N LYS A 118 9.54 -39.96 43.11
CA LYS A 118 8.58 -39.05 43.71
C LYS A 118 7.59 -38.51 42.71
N HIS A 119 6.31 -38.56 43.08
CA HIS A 119 5.23 -37.95 42.30
C HIS A 119 4.13 -37.44 43.21
N TYR A 120 3.33 -36.53 42.69
CA TYR A 120 2.11 -36.10 43.37
C TYR A 120 1.14 -37.27 43.48
N LEU A 121 0.03 -37.09 44.19
CA LEU A 121 -0.85 -38.22 44.44
C LEU A 121 -2.31 -37.84 44.46
N MET A 122 -3.16 -38.84 44.59
CA MET A 122 -4.58 -38.63 44.83
C MET A 122 -5.13 -39.76 45.66
N CYS A 123 -6.16 -39.45 46.45
CA CYS A 123 -6.80 -40.42 47.36
C CYS A 123 -8.30 -40.51 47.10
N GLU A 124 -8.90 -41.60 47.57
CA GLU A 124 -10.30 -41.89 47.35
C GLU A 124 -10.93 -42.40 48.65
N ARG A 125 -12.13 -41.92 48.97
CA ARG A 125 -12.93 -42.38 50.13
C ARG A 125 -14.35 -42.63 49.62
N LYS A 126 -15.10 -43.53 50.26
CA LYS A 126 -16.48 -43.80 49.87
C LYS A 126 -17.33 -42.65 50.38
N ALA A 127 -18.22 -42.12 49.55
CA ALA A 127 -18.94 -40.92 49.90
C ALA A 127 -19.93 -41.26 51.01
N GLY A 128 -20.00 -40.42 52.03
CA GLY A 128 -20.81 -40.71 53.22
C GLY A 128 -21.46 -39.46 53.75
N LEU B 2 -8.80 -28.58 34.53
CA LEU B 2 -7.75 -28.81 35.55
C LEU B 2 -8.23 -28.47 36.97
N GLU B 3 -7.31 -28.64 37.91
CA GLU B 3 -7.45 -28.08 39.26
C GLU B 3 -6.11 -27.86 40.00
N ASP B 4 -5.01 -28.36 39.40
CA ASP B 4 -3.71 -28.61 40.00
C ASP B 4 -2.93 -27.31 39.98
N CYS B 5 -3.63 -26.23 40.28
CA CYS B 5 -3.10 -24.90 40.34
C CYS B 5 -2.79 -24.50 41.79
N ASP B 6 -1.85 -23.58 41.92
CA ASP B 6 -1.55 -22.88 43.18
C ASP B 6 -2.64 -21.89 43.59
N PHE B 7 -2.76 -21.62 44.90
CA PHE B 7 -3.77 -20.73 45.43
C PHE B 7 -3.57 -19.35 44.85
N GLY B 8 -4.66 -18.72 44.40
CA GLY B 8 -4.60 -17.44 43.69
C GLY B 8 -4.70 -17.63 42.18
N TRP B 9 -4.28 -18.80 41.73
CA TRP B 9 -4.27 -19.13 40.30
C TRP B 9 -5.55 -19.87 39.94
N SER B 10 -6.08 -19.58 38.75
CA SER B 10 -7.22 -20.29 38.17
C SER B 10 -6.79 -21.13 36.97
N PRO B 11 -7.25 -22.41 36.92
CA PRO B 11 -7.01 -23.27 35.77
C PRO B 11 -7.81 -22.79 34.57
N TYR B 12 -7.51 -23.32 33.41
CA TYR B 12 -8.47 -23.31 32.32
C TYR B 12 -8.32 -24.52 31.39
N ASP B 13 -7.29 -24.50 30.56
CA ASP B 13 -6.95 -25.60 29.65
C ASP B 13 -5.43 -25.72 29.62
N GLN B 14 -4.88 -26.64 30.42
CA GLN B 14 -3.43 -26.92 30.51
C GLN B 14 -2.56 -25.77 31.06
N HIS B 15 -3.23 -24.73 31.57
CA HIS B 15 -2.53 -23.59 32.17
C HIS B 15 -3.24 -23.02 33.40
N CYS B 16 -2.45 -22.36 34.26
CA CYS B 16 -2.90 -21.61 35.42
C CYS B 16 -2.77 -20.11 35.14
N TYR B 17 -3.76 -19.35 35.61
CA TYR B 17 -3.90 -17.93 35.29
C TYR B 17 -4.11 -17.07 36.54
N GLN B 18 -3.62 -15.84 36.52
CA GLN B 18 -3.92 -14.89 37.60
C GLN B 18 -3.81 -13.43 37.13
N ALA B 19 -4.89 -12.68 37.35
CA ALA B 19 -4.88 -11.25 37.13
C ALA B 19 -4.44 -10.57 38.42
N PHE B 20 -3.40 -9.75 38.31
CA PHE B 20 -2.87 -8.98 39.41
C PHE B 20 -3.26 -7.53 39.17
N ASN B 21 -3.91 -6.95 40.18
CA ASN B 21 -4.44 -5.58 40.14
C ASN B 21 -3.40 -4.47 40.30
N GLU B 22 -2.21 -4.79 40.81
CA GLU B 22 -1.04 -3.87 40.81
C GLU B 22 -0.73 -3.29 39.43
N GLN B 23 -0.49 -1.99 39.41
CA GLN B 23 -0.24 -1.31 38.18
C GLN B 23 1.24 -1.24 37.86
N LYS B 24 1.62 -1.91 36.79
CA LYS B 24 2.98 -1.96 36.38
C LYS B 24 3.08 -1.64 34.93
N THR B 25 4.20 -1.07 34.58
CA THR B 25 4.66 -1.01 33.21
C THR B 25 4.69 -2.44 32.66
N TRP B 26 4.58 -2.59 31.34
CA TRP B 26 4.62 -3.90 30.69
C TRP B 26 5.82 -4.72 31.14
N ASP B 27 7.02 -4.12 31.07
CA ASP B 27 8.24 -4.81 31.47
C ASP B 27 8.23 -5.26 32.94
N GLU B 28 7.79 -4.39 33.84
CA GLU B 28 7.69 -4.72 35.25
C GLU B 28 6.71 -5.90 35.43
N ALA B 29 5.63 -5.90 34.66
CA ALA B 29 4.63 -6.98 34.69
C ALA B 29 5.22 -8.32 34.25
N GLU B 30 5.98 -8.31 33.15
CA GLU B 30 6.65 -9.51 32.66
C GLU B 30 7.61 -10.06 33.71
N LYS B 31 8.43 -9.20 34.30
CA LYS B 31 9.40 -9.58 35.34
C LYS B 31 8.72 -10.14 36.59
N PHE B 32 7.63 -9.50 36.99
CA PHE B 32 6.82 -10.00 38.09
C PHE B 32 6.33 -11.41 37.81
N CYS B 33 5.87 -11.67 36.58
CA CYS B 33 5.34 -12.97 36.21
C CYS B 33 6.45 -14.03 36.25
N ARG B 34 7.63 -13.67 35.76
CA ARG B 34 8.76 -14.60 35.74
C ARG B 34 9.16 -14.99 37.16
N ALA B 35 9.01 -14.01 38.05
CA ALA B 35 9.38 -14.14 39.46
C ALA B 35 8.31 -14.81 40.32
N GLN B 36 7.19 -15.18 39.70
CA GLN B 36 6.22 -16.14 40.28
C GLN B 36 6.50 -17.48 39.58
N GLU B 37 7.77 -17.84 39.67
CA GLU B 37 8.31 -18.92 38.94
C GLU B 37 7.64 -20.25 39.17
N ASN B 38 7.40 -20.87 38.05
CA ASN B 38 8.35 -21.84 37.64
C ASN B 38 8.79 -20.95 36.49
N GLY B 39 8.15 -21.07 35.35
CA GLY B 39 8.42 -20.10 34.27
C GLY B 39 7.12 -19.40 34.00
N ALA B 40 6.73 -18.37 34.76
CA ALA B 40 5.43 -17.68 34.49
C ALA B 40 5.68 -16.44 33.65
N HIS B 41 4.74 -16.07 32.78
CA HIS B 41 4.93 -14.97 31.84
C HIS B 41 3.63 -14.23 31.77
N LEU B 42 3.66 -13.00 31.28
CA LEU B 42 2.43 -12.32 30.88
C LEU B 42 1.68 -13.25 29.94
N ALA B 43 0.34 -13.26 30.03
CA ALA B 43 -0.48 -14.25 29.32
C ALA B 43 -0.33 -14.23 27.81
N SER B 44 -0.29 -15.41 27.20
CA SER B 44 -0.46 -15.54 25.76
C SER B 44 -1.87 -16.07 25.52
N ILE B 45 -2.54 -15.49 24.52
CA ILE B 45 -3.88 -15.91 24.12
C ILE B 45 -3.81 -16.62 22.78
N GLU B 46 -4.12 -17.90 22.77
CA GLU B 46 -3.91 -18.74 21.61
C GLU B 46 -5.22 -19.23 21.02
N SER B 47 -6.33 -18.80 21.62
CA SER B 47 -7.64 -19.25 21.15
C SER B 47 -8.81 -18.40 21.66
N ASN B 48 -9.94 -18.61 20.99
CA ASN B 48 -11.24 -18.05 21.35
C ASN B 48 -11.64 -18.42 22.75
N GLY B 49 -11.54 -19.72 23.09
CA GLY B 49 -11.90 -20.21 24.43
C GLY B 49 -11.10 -19.58 25.56
N GLU B 50 -9.80 -19.39 25.32
CA GLU B 50 -8.87 -18.78 26.28
C GLU B 50 -9.12 -17.28 26.42
N ALA B 51 -9.39 -16.62 25.28
CA ALA B 51 -9.83 -15.22 25.27
C ALA B 51 -11.08 -15.03 26.13
N ASP B 52 -12.07 -15.89 25.90
CA ASP B 52 -13.26 -15.93 26.72
C ASP B 52 -12.91 -16.16 28.19
N PHE B 53 -12.06 -17.14 28.47
CA PHE B 53 -11.60 -17.40 29.85
C PHE B 53 -10.87 -16.25 30.51
N VAL B 54 -9.88 -15.67 29.82
CA VAL B 54 -9.11 -14.59 30.42
C VAL B 54 -10.04 -13.40 30.74
N SER B 55 -10.96 -13.16 29.82
CA SER B 55 -11.95 -12.09 29.91
C SER B 55 -12.89 -12.26 31.11
N TRP B 56 -13.28 -13.50 31.34
CA TRP B 56 -14.10 -13.89 32.48
C TRP B 56 -13.32 -13.79 33.77
N LEU B 57 -12.05 -14.18 33.74
CA LEU B 57 -11.19 -14.08 34.90
C LEU B 57 -11.09 -12.63 35.42
N ILE B 58 -10.88 -11.70 34.49
CA ILE B 58 -10.72 -10.29 34.81
C ILE B 58 -12.01 -9.71 35.32
N SER B 59 -13.11 -9.94 34.59
CA SER B 59 -14.42 -9.38 34.94
C SER B 59 -14.71 -9.77 36.39
N GLN B 60 -14.20 -10.93 36.72
CA GLN B 60 -14.49 -11.54 38.02
C GLN B 60 -13.72 -10.86 39.12
N LYS B 61 -12.54 -10.33 38.83
CA LYS B 61 -11.76 -9.63 39.84
C LYS B 61 -12.39 -8.23 40.10
N ASP B 62 -12.96 -8.00 41.28
CA ASP B 62 -13.66 -6.75 41.52
C ASP B 62 -12.67 -5.62 41.76
N GLU B 63 -11.53 -5.93 42.35
CA GLU B 63 -10.51 -4.90 42.56
C GLU B 63 -9.91 -4.35 41.27
N LEU B 64 -10.48 -4.76 40.13
CA LEU B 64 -9.93 -4.60 38.77
C LEU B 64 -11.04 -3.93 37.97
N ALA B 65 -10.82 -2.60 37.92
CA ALA B 65 -11.07 -1.86 39.18
C ALA B 65 -11.93 -0.65 39.10
N ASP B 66 -12.61 -0.49 37.98
CA ASP B 66 -12.42 0.74 37.18
C ASP B 66 -11.04 0.84 36.38
N GLU B 67 -10.64 -0.25 35.73
CA GLU B 67 -9.33 -0.30 35.09
C GLU B 67 -9.48 -0.35 33.58
N ASP B 68 -8.78 0.55 32.88
CA ASP B 68 -8.91 0.67 31.42
C ASP B 68 -8.24 -0.44 30.61
N TYR B 69 -7.05 -0.82 31.05
CA TYR B 69 -6.20 -1.74 30.33
C TYR B 69 -5.66 -2.81 31.26
N VAL B 70 -5.31 -3.92 30.64
CA VAL B 70 -4.73 -5.06 31.32
C VAL B 70 -3.67 -5.61 30.37
N TRP B 71 -2.43 -5.62 30.84
CA TRP B 71 -1.32 -6.10 30.03
C TRP B 71 -1.45 -7.59 29.80
N ILE B 72 -1.11 -7.97 28.58
CA ILE B 72 -0.88 -9.35 28.21
C ILE B 72 0.50 -9.38 27.56
N GLY B 73 0.97 -10.58 27.20
CA GLY B 73 2.36 -10.79 26.83
C GLY B 73 2.77 -10.48 25.40
N LEU B 74 1.96 -9.69 24.72
CA LEU B 74 2.28 -9.30 23.35
C LEU B 74 3.21 -8.08 23.27
N ARG B 75 4.33 -8.26 22.58
CA ARG B 75 5.27 -7.17 22.35
C ARG B 75 5.95 -7.29 20.99
N ALA B 76 6.09 -6.16 20.29
CA ALA B 76 6.67 -6.14 18.95
C ALA B 76 8.19 -6.16 19.04
N GLN B 77 8.88 -6.72 18.04
CA GLN B 77 10.30 -7.18 18.26
C GLN B 77 11.51 -6.50 17.58
N ASN B 78 11.41 -5.23 17.69
CA ASN B 78 10.54 -4.46 16.93
C ASN B 78 10.84 -4.18 15.47
N LYS B 79 12.17 -4.15 15.30
CA LYS B 79 13.18 -3.24 15.92
C LYS B 79 13.38 -1.72 15.84
N GLU B 80 12.82 -1.08 14.83
CA GLU B 80 12.91 0.37 14.67
C GLU B 80 12.10 1.14 15.72
N GLN B 81 11.86 2.42 15.49
CA GLN B 81 11.01 3.24 16.42
C GLN B 81 9.49 3.10 16.14
N GLN B 82 9.21 2.68 14.91
CA GLN B 82 7.87 2.39 14.42
C GLN B 82 8.00 1.40 13.27
N CYS B 83 6.90 0.76 12.93
CA CYS B 83 6.91 -0.54 12.22
C CYS B 83 6.80 -0.45 10.69
N SER B 84 6.41 0.72 10.22
CA SER B 84 6.31 0.96 8.79
C SER B 84 7.70 1.22 8.23
N SER B 85 8.19 0.26 7.47
CA SER B 85 9.59 0.20 7.08
C SER B 85 9.95 1.01 5.85
N GLU B 86 8.96 1.59 5.15
CA GLU B 86 9.24 2.47 4.02
C GLU B 86 8.26 3.62 3.99
N TRP B 87 8.73 4.75 3.47
CA TRP B 87 7.89 5.89 3.17
C TRP B 87 7.07 5.49 1.96
N SER B 88 6.01 6.26 1.71
CA SER B 88 5.10 6.01 0.60
C SER B 88 5.78 6.13 -0.77
N ASP B 89 6.85 6.93 -0.84
CA ASP B 89 7.66 7.03 -2.06
C ASP B 89 8.52 5.78 -2.33
N GLY B 90 8.48 4.83 -1.41
CA GLY B 90 9.13 3.54 -1.59
C GLY B 90 10.49 3.42 -0.95
N SER B 91 11.09 4.55 -0.63
CA SER B 91 12.37 4.58 0.05
C SER B 91 12.24 4.06 1.47
N SER B 92 13.34 3.57 2.02
CA SER B 92 13.35 3.00 3.36
C SER B 92 13.40 4.11 4.39
N VAL B 93 12.91 3.78 5.58
CA VAL B 93 12.84 4.69 6.72
C VAL B 93 14.21 4.78 7.39
N SER B 94 14.87 5.94 7.27
CA SER B 94 16.20 6.09 7.83
C SER B 94 16.08 6.89 9.12
N TYR B 95 16.01 8.20 8.96
CA TYR B 95 15.85 9.13 10.07
C TYR B 95 14.45 8.97 10.64
N GLU B 96 14.38 8.90 11.96
CA GLU B 96 13.10 8.80 12.63
C GLU B 96 13.05 9.86 13.71
N ASN B 97 11.87 10.44 13.91
CA ASN B 97 11.71 11.49 14.90
C ASN B 97 10.66 11.13 15.95
N LEU B 98 10.92 10.09 16.73
CA LEU B 98 10.02 9.76 17.84
C LEU B 98 10.74 9.97 19.16
N LEU B 101 9.04 10.77 22.33
CA LEU B 101 7.73 10.35 21.86
C LEU B 101 7.48 8.96 22.40
N HIS B 102 6.23 8.65 22.71
CA HIS B 102 5.87 7.33 23.21
C HIS B 102 5.29 6.48 22.10
N THR B 103 5.58 5.20 22.15
CA THR B 103 5.29 4.32 21.05
C THR B 103 4.44 3.13 21.54
N LYS B 104 3.63 2.60 20.63
CA LYS B 104 2.57 1.63 20.96
C LYS B 104 2.93 0.21 20.56
N LYS B 105 3.97 -0.32 21.22
CA LYS B 105 4.63 -1.59 20.86
C LYS B 105 4.41 -2.77 21.84
N CYS B 106 3.39 -2.60 22.70
CA CYS B 106 3.02 -3.62 23.67
C CYS B 106 1.50 -3.81 23.55
N GLY B 107 1.02 -5.02 23.77
CA GLY B 107 -0.41 -5.32 23.64
C GLY B 107 -1.13 -5.46 24.96
N ALA B 108 -2.36 -4.95 24.96
CA ALA B 108 -3.18 -4.94 26.13
C ALA B 108 -4.63 -5.32 25.80
N LEU B 109 -5.36 -5.74 26.81
CA LEU B 109 -6.80 -5.90 26.67
C LEU B 109 -7.42 -4.62 27.23
N GLU B 110 -8.61 -4.31 26.74
CA GLU B 110 -9.24 -3.01 27.04
C GLU B 110 -10.63 -3.19 27.64
N LYS B 111 -10.97 -2.39 28.64
CA LYS B 111 -12.30 -2.42 29.27
C LYS B 111 -13.45 -2.25 28.26
N LEU B 112 -13.30 -1.24 27.40
CA LEU B 112 -14.35 -0.83 26.48
C LEU B 112 -14.66 -1.88 25.41
N THR B 113 -13.70 -2.79 25.23
CA THR B 113 -13.73 -3.82 24.22
C THR B 113 -13.94 -5.21 24.85
N GLY B 114 -14.41 -5.24 26.11
CA GLY B 114 -14.75 -6.46 26.85
C GLY B 114 -13.62 -7.39 27.28
N PHE B 115 -12.41 -6.82 27.36
CA PHE B 115 -11.14 -7.53 27.62
C PHE B 115 -10.94 -8.76 26.73
N ARG B 116 -11.12 -8.56 25.43
CA ARG B 116 -10.92 -9.63 24.47
C ARG B 116 -10.06 -9.14 23.33
N LYS B 117 -10.57 -8.17 22.58
CA LYS B 117 -9.80 -7.61 21.46
C LYS B 117 -8.51 -6.91 21.94
N TRP B 118 -7.46 -7.09 21.15
CA TRP B 118 -6.11 -6.64 21.49
C TRP B 118 -5.89 -5.22 21.01
N VAL B 119 -5.24 -4.42 21.86
CA VAL B 119 -4.91 -3.06 21.53
C VAL B 119 -3.43 -2.87 21.75
N ASN B 120 -2.73 -2.42 20.72
CA ASN B 120 -1.37 -1.97 20.91
C ASN B 120 -1.41 -0.69 21.73
N TYR B 121 -0.49 -0.56 22.68
CA TYR B 121 -0.55 0.50 23.67
C TYR B 121 0.86 0.79 24.18
N TYR B 122 1.04 1.92 24.85
CA TYR B 122 2.36 2.40 25.28
C TYR B 122 2.92 1.55 26.42
N CYS B 123 4.12 0.98 26.20
CA CYS B 123 4.75 0.00 27.08
C CYS B 123 5.04 0.50 28.50
N GLU B 124 5.28 1.81 28.61
CA GLU B 124 5.69 2.41 29.90
C GLU B 124 4.52 2.95 30.73
N GLN B 125 3.31 2.69 30.23
CA GLN B 125 2.08 2.92 30.99
C GLN B 125 1.83 1.85 32.06
N MET B 126 1.56 2.29 33.27
CA MET B 126 1.29 1.35 34.34
C MET B 126 -0.15 0.82 34.29
N HIS B 127 -0.31 -0.50 34.29
CA HIS B 127 -1.62 -1.15 34.33
C HIS B 127 -1.59 -2.51 35.03
N ALA B 128 -2.76 -3.00 35.43
CA ALA B 128 -2.96 -4.39 35.87
C ALA B 128 -2.59 -5.34 34.73
N PHE B 129 -2.38 -6.60 35.07
CA PHE B 129 -1.90 -7.58 34.10
C PHE B 129 -2.35 -9.00 34.43
N VAL B 130 -2.26 -9.90 33.45
CA VAL B 130 -2.57 -11.32 33.67
C VAL B 130 -1.32 -12.16 33.38
N CYS B 131 -0.95 -13.03 34.32
CA CYS B 131 0.12 -14.00 34.09
C CYS B 131 -0.43 -15.41 33.79
N LYS B 132 0.32 -16.15 33.01
CA LYS B 132 0.00 -17.49 32.59
C LYS B 132 1.15 -18.38 33.03
N LEU B 133 0.82 -19.58 33.46
CA LEU B 133 1.81 -20.51 33.98
C LEU B 133 1.49 -21.94 33.56
N LEU B 134 2.52 -22.76 33.41
CA LEU B 134 2.37 -24.19 33.22
C LEU B 134 2.50 -24.91 34.55
N PRO B 135 1.43 -25.59 34.98
CA PRO B 135 1.36 -26.28 36.27
C PRO B 135 2.67 -26.99 36.64
N TYR B 136 3.16 -26.78 37.86
CA TYR B 136 4.44 -27.34 38.29
C TYR B 136 4.90 -26.67 39.57
N ASP C 24 14.00 24.63 -12.65
CA ASP C 24 14.04 24.36 -11.18
C ASP C 24 12.89 23.47 -10.66
N CYS C 25 11.89 24.10 -10.09
CA CYS C 25 10.64 23.46 -9.72
C CYS C 25 9.53 24.29 -10.34
N PRO C 26 8.47 23.65 -10.83
CA PRO C 26 7.42 24.49 -11.37
C PRO C 26 6.99 25.53 -10.35
N SER C 27 6.17 26.47 -10.85
CA SER C 27 5.57 27.53 -10.04
C SER C 27 4.75 26.94 -8.91
N GLY C 28 4.95 27.47 -7.70
CA GLY C 28 4.29 26.97 -6.49
C GLY C 28 5.15 26.01 -5.68
N TRP C 29 6.13 25.40 -6.35
CA TRP C 29 7.00 24.38 -5.74
C TRP C 29 8.33 24.95 -5.28
N SER C 30 8.82 24.43 -4.15
CA SER C 30 10.10 24.90 -3.59
C SER C 30 11.18 23.84 -3.79
N SER C 31 12.42 24.28 -3.95
CA SER C 31 13.52 23.36 -4.15
C SER C 31 14.28 23.17 -2.85
N TYR C 32 14.63 21.93 -2.59
CA TYR C 32 15.63 21.59 -1.60
C TYR C 32 16.28 20.25 -1.95
N GLU C 33 17.60 20.26 -1.92
CA GLU C 33 18.40 19.04 -2.08
C GLU C 33 18.00 18.14 -3.24
N GLY C 34 17.76 18.73 -4.41
CA GLY C 34 17.38 18.00 -5.63
C GLY C 34 15.91 17.62 -5.78
N HIS C 35 15.07 18.10 -4.84
CA HIS C 35 13.66 17.72 -4.80
C HIS C 35 12.78 18.95 -4.78
N CYS C 36 11.52 18.80 -5.19
CA CYS C 36 10.56 19.88 -5.22
C CYS C 36 9.45 19.55 -4.21
N TYR C 37 9.04 20.56 -3.44
CA TYR C 37 8.08 20.43 -2.35
C TYR C 37 6.93 21.44 -2.53
N LYS C 38 5.72 21.00 -2.17
CA LYS C 38 4.57 21.90 -2.11
C LYS C 38 3.61 21.58 -0.96
N PRO C 39 3.36 22.57 -0.10
CA PRO C 39 2.30 22.44 0.87
C PRO C 39 0.92 22.72 0.29
N PHE C 40 -0.09 22.10 0.89
CA PHE C 40 -1.49 22.24 0.53
C PHE C 40 -2.24 22.29 1.83
N ASN C 41 -2.91 23.43 2.00
CA ASN C 41 -3.76 23.66 3.17
C ASN C 41 -5.24 23.39 2.95
N GLU C 42 -5.55 22.14 2.73
CA GLU C 42 -6.92 21.76 2.49
C GLU C 42 -7.07 20.35 2.95
N PRO C 43 -7.91 20.09 3.98
CA PRO C 43 -7.98 18.88 4.79
C PRO C 43 -8.60 17.73 4.03
N LYS C 44 -7.75 16.71 3.90
CA LYS C 44 -7.90 15.41 3.26
C LYS C 44 -7.41 14.28 4.19
N ASN C 45 -8.04 13.12 4.06
CA ASN C 45 -7.54 11.95 4.75
C ASN C 45 -6.23 11.50 4.10
N TRP C 46 -5.45 10.69 4.84
CA TRP C 46 -4.13 10.24 4.38
C TRP C 46 -4.15 9.67 2.99
N ALA C 47 -5.09 8.76 2.73
CA ALA C 47 -5.24 8.12 1.43
C ALA C 47 -5.58 9.07 0.28
N ASP C 48 -6.51 9.99 0.53
CA ASP C 48 -6.86 11.01 -0.46
C ASP C 48 -5.68 11.92 -0.72
N ALA C 49 -4.91 12.22 0.33
CA ALA C 49 -3.71 13.06 0.23
C ALA C 49 -2.63 12.45 -0.65
N GLU C 50 -2.30 11.18 -0.38
CA GLU C 50 -1.33 10.44 -1.21
C GLU C 50 -1.70 10.43 -2.69
N ARG C 51 -2.95 10.06 -2.99
CA ARG C 51 -3.40 10.12 -4.39
C ARG C 51 -3.42 11.54 -4.98
N PHE C 52 -3.79 12.57 -4.22
CA PHE C 52 -3.72 13.95 -4.70
C PHE C 52 -2.32 14.26 -5.24
N CYS C 53 -1.32 13.93 -4.41
CA CYS C 53 0.08 14.04 -4.77
C CYS C 53 0.38 13.27 -6.05
N LYS C 54 -0.08 12.02 -6.12
CA LYS C 54 0.12 11.15 -7.28
C LYS C 54 -0.37 11.78 -8.57
N LEU C 55 -1.56 12.37 -8.44
CA LEU C 55 -2.24 12.93 -9.59
C LEU C 55 -1.78 14.34 -9.97
N GLN C 56 -0.77 14.87 -9.27
CA GLN C 56 -0.13 16.16 -9.64
C GLN C 56 0.51 16.11 -11.03
N PRO C 57 0.54 17.24 -11.77
CA PRO C 57 1.10 17.30 -13.13
C PRO C 57 2.49 16.68 -13.20
N LYS C 58 3.33 17.04 -12.23
CA LYS C 58 4.52 16.26 -11.95
C LYS C 58 4.08 15.26 -10.90
N HIS C 59 4.09 13.96 -11.19
CA HIS C 59 3.60 12.94 -10.24
C HIS C 59 4.43 13.02 -8.94
N SER C 60 3.75 13.06 -7.80
CA SER C 60 4.43 13.29 -6.53
C SER C 60 3.88 12.37 -5.39
N HIS C 61 4.57 12.34 -4.25
CA HIS C 61 4.12 11.56 -3.09
C HIS C 61 4.15 12.39 -1.82
N LEU C 62 3.46 11.93 -0.77
CA LEU C 62 3.51 12.63 0.50
C LEU C 62 4.98 12.80 0.94
N VAL C 63 5.32 13.96 1.48
CA VAL C 63 6.70 14.25 1.80
C VAL C 63 7.24 13.15 2.70
N SER C 64 8.48 12.74 2.43
CA SER C 64 9.22 11.83 3.27
C SER C 64 10.36 12.61 3.90
N PHE C 65 10.85 12.14 5.04
CA PHE C 65 11.99 12.76 5.70
C PHE C 65 13.16 11.79 5.80
N GLN C 66 14.31 12.20 5.30
CA GLN C 66 15.49 11.35 5.31
C GLN C 66 16.56 11.88 6.24
N SER C 67 16.32 13.10 6.74
CA SER C 67 17.26 13.77 7.65
C SER C 67 16.57 14.84 8.49
N ALA C 68 17.17 15.18 9.63
CA ALA C 68 16.68 16.28 10.48
C ALA C 68 16.61 17.61 9.71
N GLU C 69 17.65 17.87 8.93
CA GLU C 69 17.84 19.09 8.14
C GLU C 69 16.70 19.28 7.14
N GLU C 70 16.29 18.17 6.51
CA GLU C 70 15.18 18.17 5.56
C GLU C 70 13.84 18.42 6.26
N ALA C 71 13.66 17.83 7.44
CA ALA C 71 12.53 18.14 8.28
C ALA C 71 12.47 19.61 8.71
N ASP C 72 13.61 20.17 9.12
CA ASP C 72 13.74 21.60 9.46
C ASP C 72 13.39 22.53 8.31
N PHE C 73 13.73 22.09 7.10
CA PHE C 73 13.43 22.86 5.88
C PHE C 73 11.94 22.83 5.56
N VAL C 74 11.33 21.65 5.71
CA VAL C 74 9.92 21.46 5.40
C VAL C 74 9.04 22.21 6.38
N VAL C 75 9.38 22.26 7.66
CA VAL C 75 8.58 23.05 8.61
C VAL C 75 8.80 24.55 8.37
N LYS C 76 9.96 24.90 7.85
CA LYS C 76 10.26 26.27 7.43
C LYS C 76 9.28 26.68 6.32
N LEU C 77 9.00 25.75 5.39
CA LEU C 77 8.04 25.88 4.31
C LEU C 77 6.58 25.93 4.79
N THR C 78 6.23 25.09 5.75
CA THR C 78 4.91 24.85 6.26
C THR C 78 4.43 26.11 6.97
N ARG C 79 5.34 26.70 7.74
CA ARG C 79 5.02 27.74 8.70
C ARG C 79 4.23 28.94 8.19
N PRO C 80 4.70 29.59 7.09
CA PRO C 80 3.90 30.63 6.45
C PRO C 80 2.53 30.11 6.07
N ARG C 81 2.59 28.96 5.43
CA ARG C 81 1.42 28.49 4.66
C ARG C 81 0.36 27.76 5.54
N LEU C 82 0.85 26.70 6.10
CA LEU C 82 0.05 25.79 6.79
C LEU C 82 -0.05 25.94 8.29
N LYS C 83 0.51 26.96 8.93
CA LYS C 83 0.46 27.06 10.39
C LYS C 83 -0.86 27.13 10.98
N ALA C 84 -0.71 26.76 12.24
CA ALA C 84 -0.76 25.34 12.55
C ALA C 84 -1.98 24.50 12.20
N ASN C 85 -1.74 23.69 11.18
CA ASN C 85 -2.57 22.58 10.85
C ASN C 85 -1.75 21.35 11.08
N LEU C 86 -2.39 20.22 11.38
CA LEU C 86 -1.67 18.96 11.30
C LEU C 86 -1.41 18.68 9.82
N VAL C 87 -0.25 18.11 9.50
CA VAL C 87 0.17 17.95 8.09
C VAL C 87 0.55 16.48 7.87
N TRP C 88 -0.01 15.84 6.86
CA TRP C 88 0.36 14.48 6.61
C TRP C 88 1.81 14.39 6.13
N MET C 89 2.52 13.38 6.63
CA MET C 89 3.78 12.97 6.01
C MET C 89 3.54 11.60 5.40
N GLY C 90 4.51 11.04 4.70
CA GLY C 90 4.30 9.80 3.94
C GLY C 90 4.32 8.44 4.64
N LEU C 91 3.84 8.36 5.88
CA LEU C 91 3.84 7.10 6.63
C LEU C 91 2.45 6.68 7.07
N SER C 92 2.03 5.53 6.57
CA SER C 92 0.72 4.95 6.90
C SER C 92 0.87 3.54 7.47
N ASN C 93 -0.16 3.07 8.16
CA ASN C 93 -0.24 1.73 8.78
C ASN C 93 0.98 1.42 9.63
N ILE C 94 1.23 2.29 10.60
CA ILE C 94 2.54 2.39 11.26
C ILE C 94 2.66 1.28 12.28
N TRP C 95 1.51 0.70 12.64
CA TRP C 95 1.46 -0.37 13.63
C TRP C 95 0.91 -1.60 12.95
N HIS C 96 1.18 -1.78 11.68
CA HIS C 96 0.86 -3.02 11.06
C HIS C 96 1.95 -4.11 11.16
N GLY C 97 3.01 -3.94 10.39
CA GLY C 97 3.99 -4.99 10.20
C GLY C 97 5.09 -5.02 11.23
N CYS C 98 4.70 -4.95 12.50
CA CYS C 98 5.64 -5.04 13.61
C CYS C 98 5.88 -6.51 13.78
N ASN C 99 7.06 -6.90 14.27
CA ASN C 99 7.30 -8.29 14.55
C ASN C 99 6.66 -8.59 15.91
N TRP C 100 5.36 -8.86 15.91
CA TRP C 100 4.61 -9.15 17.15
C TRP C 100 4.91 -10.58 17.61
N GLN C 101 5.14 -10.73 18.90
CA GLN C 101 5.53 -12.03 19.47
C GLN C 101 5.03 -12.12 20.89
N TRP C 102 4.69 -13.33 21.33
CA TRP C 102 4.35 -13.59 22.74
C TRP C 102 5.61 -13.67 23.57
N SER C 103 5.52 -13.16 24.80
CA SER C 103 6.65 -13.11 25.70
C SER C 103 7.12 -14.50 26.10
N ASP C 104 6.19 -15.48 26.04
CA ASP C 104 6.52 -16.87 26.35
C ASP C 104 7.11 -17.64 25.16
N GLY C 105 7.13 -16.97 24.00
CA GLY C 105 7.71 -17.55 22.78
C GLY C 105 6.78 -18.45 22.00
N ALA C 106 5.50 -18.42 22.36
CA ALA C 106 4.49 -19.20 21.65
C ALA C 106 4.07 -18.49 20.36
N ARG C 107 3.65 -19.27 19.38
CA ARG C 107 3.36 -18.77 18.04
C ARG C 107 2.20 -17.83 18.04
N LEU C 108 2.38 -16.70 17.40
CA LEU C 108 1.23 -15.85 17.07
C LEU C 108 0.47 -16.48 15.90
N ASN C 109 -0.32 -17.51 16.21
CA ASN C 109 -1.11 -18.20 15.22
C ASN C 109 -2.57 -17.70 15.21
N TYR C 110 -3.27 -17.86 16.32
CA TYR C 110 -4.55 -17.17 16.51
C TYR C 110 -4.35 -15.65 16.62
N LYS C 111 -5.20 -14.90 15.94
CA LYS C 111 -5.07 -13.42 15.92
C LYS C 111 -6.36 -12.65 16.21
N ASP C 112 -6.31 -11.66 17.13
CA ASP C 112 -7.49 -10.87 17.56
C ASP C 112 -7.23 -9.33 17.71
N TRP C 113 -6.99 -8.71 16.56
CA TRP C 113 -6.63 -7.30 16.50
C TRP C 113 -7.77 -6.35 16.37
N GLN C 114 -7.42 -5.09 16.45
CA GLN C 114 -8.39 -4.12 16.15
C GLN C 114 -7.93 -3.50 14.97
N GLU C 115 -8.77 -3.57 13.93
CA GLU C 115 -9.69 -2.54 13.47
C GLU C 115 -9.41 -1.02 13.51
N GLN C 116 -8.18 -0.66 13.15
CA GLN C 116 -7.74 0.72 13.18
C GLN C 116 -6.43 0.80 12.47
N SER C 117 -6.28 1.93 11.76
CA SER C 117 -5.06 2.21 11.00
C SER C 117 -4.51 3.59 11.36
N GLU C 118 -3.23 3.62 11.70
CA GLU C 118 -2.63 4.89 12.08
C GLU C 118 -1.61 5.36 11.04
N CYS C 119 -1.60 6.68 10.86
CA CYS C 119 -0.72 7.39 9.95
C CYS C 119 0.00 8.52 10.69
N LEU C 120 1.10 8.98 10.12
CA LEU C 120 1.94 9.98 10.79
C LEU C 120 1.84 11.39 10.22
N ALA C 121 1.86 12.36 11.12
CA ALA C 121 1.72 13.76 10.76
C ALA C 121 2.60 14.60 11.70
N PHE C 122 2.74 15.88 11.40
CA PHE C 122 3.43 16.85 12.23
C PHE C 122 2.63 18.14 12.26
N ARG C 123 2.83 19.00 13.27
CA ARG C 123 2.16 20.34 13.24
C ARG C 123 2.92 21.23 12.27
N GLY C 124 2.23 22.19 11.66
CA GLY C 124 2.82 23.07 10.66
C GLY C 124 3.98 23.91 11.22
N VAL C 125 4.20 23.76 12.53
CA VAL C 125 5.06 24.65 13.34
C VAL C 125 6.26 23.95 14.04
N HIS C 126 6.15 22.67 14.35
CA HIS C 126 7.25 21.89 14.96
C HIS C 126 7.61 20.59 14.19
N THR C 127 8.75 19.99 14.51
CA THR C 127 9.30 18.87 13.75
C THR C 127 8.84 17.52 14.30
N GLU C 128 8.21 17.57 15.47
CA GLU C 128 7.73 16.36 16.15
C GLU C 128 6.65 15.67 15.33
N TRP C 129 6.64 14.35 15.36
CA TRP C 129 5.64 13.54 14.65
C TRP C 129 4.49 13.17 15.60
N LEU C 130 3.34 12.86 15.01
CA LEU C 130 2.14 12.55 15.74
C LEU C 130 1.41 11.46 15.00
N ASN C 131 1.05 10.42 15.75
CA ASN C 131 0.26 9.31 15.21
C ASN C 131 -1.24 9.61 15.25
N MET C 132 -1.89 9.44 14.12
CA MET C 132 -3.27 9.85 13.94
C MET C 132 -4.01 8.74 13.22
N ASP C 133 -5.32 8.68 13.45
CA ASP C 133 -6.18 7.78 12.68
C ASP C 133 -6.13 8.17 11.19
N CYS C 134 -5.85 7.21 10.31
CA CYS C 134 -5.65 7.55 8.89
C CYS C 134 -6.85 8.21 8.22
N SER C 135 -8.01 8.06 8.84
CA SER C 135 -9.24 8.60 8.25
C SER C 135 -9.51 10.04 8.68
N SER C 136 -8.63 10.60 9.48
CA SER C 136 -8.78 11.98 9.82
C SER C 136 -8.29 12.84 8.67
N THR C 137 -8.55 14.13 8.82
CA THR C 137 -8.47 15.05 7.72
C THR C 137 -7.57 16.17 8.19
N CYS C 138 -6.47 16.33 7.47
CA CYS C 138 -5.61 17.52 7.68
C CYS C 138 -5.02 17.96 6.43
N SER C 139 -3.87 18.59 6.50
CA SER C 139 -3.20 19.16 5.33
C SER C 139 -1.99 18.31 5.01
N PHE C 140 -1.27 18.61 3.96
CA PHE C 140 -0.19 17.70 3.49
C PHE C 140 0.81 18.45 2.61
N VAL C 141 1.93 17.83 2.34
CA VAL C 141 3.01 18.36 1.49
C VAL C 141 3.33 17.26 0.48
N CYS C 142 3.39 17.62 -0.79
CA CYS C 142 3.88 16.70 -1.82
C CYS C 142 5.37 16.96 -2.09
N LYS C 143 6.04 15.95 -2.63
CA LYS C 143 7.47 15.95 -2.89
C LYS C 143 7.81 15.10 -4.12
N PHE C 144 8.65 15.59 -5.00
CA PHE C 144 9.21 14.71 -6.05
C PHE C 144 10.67 15.05 -6.28
N LYS C 145 11.40 14.12 -6.90
CA LYS C 145 12.77 14.37 -7.29
C LYS C 145 12.77 15.16 -8.59
N ALA C 146 13.64 16.17 -8.67
CA ALA C 146 13.63 17.10 -9.80
C ALA C 146 14.15 16.49 -11.11
N LEU D 2 13.72 62.70 4.85
CA LEU D 2 14.89 63.30 5.56
C LEU D 2 16.21 62.72 5.06
N GLU D 3 17.31 63.42 5.37
CA GLU D 3 18.64 62.97 4.98
C GLU D 3 19.63 63.04 6.14
N ASP D 4 19.10 62.99 7.36
CA ASP D 4 19.92 63.06 8.57
C ASP D 4 19.96 61.74 9.33
N CYS D 5 20.63 60.72 8.81
CA CYS D 5 20.65 59.44 9.49
C CYS D 5 22.07 58.92 9.48
N ASP D 6 22.37 58.05 10.43
CA ASP D 6 23.65 57.30 10.53
C ASP D 6 23.86 56.31 9.40
N PHE D 7 25.10 56.11 8.96
CA PHE D 7 25.42 55.19 7.87
C PHE D 7 24.76 53.86 8.16
N GLY D 8 24.12 53.27 7.14
CA GLY D 8 23.32 52.05 7.31
C GLY D 8 21.82 52.27 7.54
N TRP D 9 21.50 53.43 8.10
CA TRP D 9 20.13 53.74 8.47
C TRP D 9 19.44 54.49 7.35
N SER D 10 18.13 54.27 7.24
CA SER D 10 17.30 54.87 6.21
C SER D 10 16.18 55.80 6.68
N PRO D 11 16.06 56.92 5.99
CA PRO D 11 15.18 57.99 6.37
C PRO D 11 13.71 57.71 6.02
N TYR D 12 12.78 58.02 6.92
CA TYR D 12 11.34 58.20 6.58
C TYR D 12 10.45 58.73 7.68
N ASP D 13 10.04 60.00 7.55
CA ASP D 13 9.07 60.73 8.41
C ASP D 13 9.32 60.85 9.93
N GLN D 14 10.35 61.62 10.29
CA GLN D 14 10.72 61.90 11.68
C GLN D 14 11.46 60.74 12.36
N HIS D 15 11.90 59.75 11.57
CA HIS D 15 12.67 58.63 12.10
C HIS D 15 13.71 58.07 11.14
N CYS D 16 14.56 57.21 11.69
CA CYS D 16 15.50 56.42 10.93
C CYS D 16 15.20 54.93 11.15
N TYR D 17 15.65 54.13 10.20
CA TYR D 17 15.35 52.71 10.23
C TYR D 17 16.52 51.84 9.79
N GLN D 18 16.66 50.66 10.38
CA GLN D 18 17.63 49.67 9.89
C GLN D 18 17.18 48.24 10.12
N ALA D 19 17.19 47.45 9.05
CA ALA D 19 17.03 46.00 9.13
C ALA D 19 18.41 45.40 9.36
N PHE D 20 18.52 44.61 10.43
CA PHE D 20 19.73 43.87 10.77
C PHE D 20 19.48 42.42 10.44
N ASN D 21 20.39 41.85 9.66
CA ASN D 21 20.32 40.47 9.16
C ASN D 21 20.65 39.37 10.19
N GLU D 22 21.36 39.73 11.26
CA GLU D 22 21.60 38.81 12.38
C GLU D 22 20.30 38.29 13.02
N GLN D 23 20.31 36.99 13.32
CA GLN D 23 19.14 36.32 13.84
C GLN D 23 19.13 36.22 15.32
N LYS D 24 18.23 37.00 15.88
CA LYS D 24 18.13 37.11 17.30
C LYS D 24 16.74 36.81 17.75
N THR D 25 16.67 36.29 18.95
CA THR D 25 15.48 36.26 19.75
C THR D 25 14.87 37.65 19.79
N TRP D 26 13.54 37.75 19.97
CA TRP D 26 12.84 39.05 20.07
C TRP D 26 13.46 40.02 21.08
N ASP D 27 13.69 39.51 22.29
CA ASP D 27 14.33 40.27 23.36
C ASP D 27 15.79 40.61 23.08
N GLU D 28 16.57 39.68 22.53
CA GLU D 28 17.89 39.98 22.02
C GLU D 28 17.82 41.13 21.00
N ALA D 29 16.80 41.10 20.15
CA ALA D 29 16.60 42.08 19.09
C ALA D 29 16.31 43.48 19.65
N GLU D 30 15.41 43.53 20.61
CA GLU D 30 15.14 44.80 21.31
C GLU D 30 16.39 45.30 22.04
N LYS D 31 17.10 44.40 22.72
CA LYS D 31 18.32 44.74 23.44
C LYS D 31 19.38 45.32 22.50
N PHE D 32 19.54 44.68 21.35
CA PHE D 32 20.42 45.18 20.31
C PHE D 32 20.05 46.59 19.86
N CYS D 33 18.77 46.80 19.60
CA CYS D 33 18.25 48.09 19.16
C CYS D 33 18.57 49.17 20.17
N ARG D 34 18.42 48.82 21.45
CA ARG D 34 18.64 49.78 22.53
C ARG D 34 20.11 50.18 22.56
N ALA D 35 20.96 49.22 22.19
CA ALA D 35 22.40 49.40 22.25
C ALA D 35 22.87 50.35 21.14
N GLN D 36 22.10 50.38 20.04
CA GLN D 36 22.31 51.31 18.90
C GLN D 36 21.69 52.71 19.20
N GLU D 37 21.77 53.01 20.48
CA GLU D 37 21.40 54.20 21.17
C GLU D 37 21.64 55.57 20.62
N ASN D 38 20.46 56.17 20.50
CA ASN D 38 20.10 57.27 21.34
C ASN D 38 19.07 56.56 22.10
N GLY D 39 17.93 56.50 21.53
CA GLY D 39 17.15 55.51 22.16
C GLY D 39 16.50 54.61 21.16
N ALA D 40 17.19 53.58 20.60
CA ALA D 40 16.46 52.81 19.57
C ALA D 40 15.80 51.52 19.98
N HIS D 41 14.68 51.21 19.32
CA HIS D 41 13.81 50.12 19.71
C HIS D 41 13.50 49.29 18.48
N LEU D 42 13.02 48.08 18.69
CA LEU D 42 12.43 47.34 17.59
C LEU D 42 11.34 48.22 16.99
N ALA D 43 11.17 48.15 15.68
CA ALA D 43 10.33 49.13 15.01
C ALA D 43 8.87 49.04 15.46
N SER D 44 8.27 50.20 15.60
CA SER D 44 6.85 50.32 15.94
C SER D 44 6.02 50.91 14.80
N ILE D 45 5.08 50.13 14.24
CA ILE D 45 4.26 50.53 13.07
C ILE D 45 3.08 51.42 13.48
N GLU D 46 2.96 52.58 12.83
CA GLU D 46 2.03 53.60 13.31
C GLU D 46 1.20 54.16 12.17
N SER D 47 1.66 53.91 10.95
CA SER D 47 0.97 54.40 9.76
C SER D 47 1.01 53.41 8.58
N ASN D 48 0.05 53.57 7.69
CA ASN D 48 -0.07 52.76 6.48
C ASN D 48 1.19 52.80 5.62
N GLY D 49 1.63 54.02 5.37
CA GLY D 49 2.75 54.27 4.51
C GLY D 49 4.04 53.86 5.16
N GLU D 50 4.08 53.80 6.49
CA GLU D 50 5.27 53.40 7.21
C GLU D 50 5.53 51.91 6.97
N ALA D 51 4.44 51.12 7.04
CA ALA D 51 4.55 49.68 6.76
C ALA D 51 4.92 49.43 5.29
N ASP D 52 4.36 50.23 4.38
CA ASP D 52 4.76 50.26 2.96
C ASP D 52 6.27 50.49 2.85
N PHE D 53 6.76 51.49 3.59
CA PHE D 53 8.18 51.77 3.61
C PHE D 53 9.00 50.66 4.25
N VAL D 54 8.58 50.18 5.41
CA VAL D 54 9.41 49.23 6.17
C VAL D 54 9.63 47.94 5.36
N SER D 55 8.56 47.54 4.69
CA SER D 55 8.49 46.37 3.83
C SER D 55 9.42 46.52 2.61
N TRP D 56 9.42 47.74 2.07
CA TRP D 56 10.30 48.10 0.96
C TRP D 56 11.74 48.17 1.39
N LEU D 57 12.01 48.64 2.60
CA LEU D 57 13.34 48.53 3.19
C LEU D 57 13.85 47.07 3.22
N ILE D 58 13.00 46.14 3.66
CA ILE D 58 13.38 44.75 3.79
C ILE D 58 13.53 44.11 2.42
N SER D 59 12.56 44.34 1.54
CA SER D 59 12.54 43.72 0.22
C SER D 59 13.74 44.18 -0.56
N GLN D 60 14.42 45.20 -0.04
CA GLN D 60 15.61 45.79 -0.66
C GLN D 60 16.91 45.24 -0.09
N LYS D 61 16.87 44.79 1.16
CA LYS D 61 18.05 44.23 1.82
C LYS D 61 18.34 42.83 1.29
N ASP D 62 19.48 42.66 0.62
CA ASP D 62 19.78 41.43 -0.07
C ASP D 62 20.13 40.33 0.91
N GLU D 63 20.83 40.69 1.98
CA GLU D 63 21.27 39.68 2.94
C GLU D 63 20.14 38.99 3.69
N LEU D 64 18.89 39.40 3.36
CA LEU D 64 17.72 39.18 4.28
C LEU D 64 16.56 38.57 3.50
N ALA D 65 16.63 37.26 3.62
CA ALA D 65 17.72 36.64 2.87
C ALA D 65 17.22 36.15 1.58
N ASP D 66 16.61 35.02 1.81
CA ASP D 66 15.17 34.87 1.84
C ASP D 66 14.93 34.55 3.32
N GLU D 67 14.51 35.56 4.10
CA GLU D 67 14.21 35.35 5.54
C GLU D 67 12.70 35.36 5.76
N ASP D 68 12.20 34.35 6.45
CA ASP D 68 10.75 34.15 6.60
C ASP D 68 10.04 35.11 7.54
N TYR D 69 10.68 35.44 8.66
CA TYR D 69 10.11 36.30 9.70
C TYR D 69 11.13 37.35 10.06
N VAL D 70 10.67 38.57 10.25
CA VAL D 70 11.47 39.67 10.69
C VAL D 70 10.75 40.35 11.86
N TRP D 71 11.44 40.36 13.00
CA TRP D 71 10.81 40.78 14.23
C TRP D 71 10.61 42.28 14.19
N ILE D 72 9.48 42.66 14.76
CA ILE D 72 9.18 44.04 15.09
C ILE D 72 8.89 44.13 16.59
N GLY D 73 8.75 45.35 17.09
CA GLY D 73 8.70 45.62 18.54
C GLY D 73 7.39 45.27 19.22
N LEU D 74 6.58 44.44 18.57
CA LEU D 74 5.27 44.05 19.07
C LEU D 74 5.36 42.90 20.08
N ARG D 75 4.82 43.14 21.27
CA ARG D 75 4.67 42.08 22.25
C ARG D 75 3.50 42.29 23.21
N ALA D 76 2.94 41.17 23.64
CA ALA D 76 1.80 41.21 24.54
C ALA D 76 2.26 41.36 25.98
N GLN D 77 1.41 41.86 26.87
CA GLN D 77 1.92 42.13 28.26
C GLN D 77 2.04 41.17 29.46
N ASN D 78 1.09 40.23 29.45
CA ASN D 78 0.99 39.17 28.48
C ASN D 78 -0.32 38.80 29.10
N LYS D 79 -0.19 38.90 30.44
CA LYS D 79 0.68 38.07 31.30
C LYS D 79 0.52 36.67 31.79
N GLU D 80 -0.69 36.12 31.76
CA GLU D 80 -0.81 34.67 31.85
C GLU D 80 -0.39 34.01 30.53
N GLN D 81 -0.34 32.69 30.50
CA GLN D 81 0.30 31.91 29.44
C GLN D 81 -0.41 31.87 28.06
N GLN D 82 -1.71 32.19 28.08
CA GLN D 82 -2.46 32.50 26.90
C GLN D 82 -3.51 33.55 27.26
N CYS D 83 -4.11 34.14 26.23
CA CYS D 83 -4.77 35.45 26.35
C CYS D 83 -6.25 35.43 26.68
N SER D 84 -6.86 34.27 26.44
CA SER D 84 -8.28 34.12 26.69
C SER D 84 -8.60 33.85 28.16
N SER D 85 -9.40 34.72 28.76
CA SER D 85 -9.64 34.64 30.19
C SER D 85 -10.84 33.79 30.57
N GLU D 86 -11.56 33.23 29.59
CA GLU D 86 -12.85 32.58 29.85
C GLU D 86 -12.99 31.34 28.99
N TRP D 87 -13.41 30.24 29.59
CA TRP D 87 -13.80 29.05 28.87
C TRP D 87 -15.14 29.38 28.23
N SER D 88 -15.52 28.59 27.24
CA SER D 88 -16.74 28.83 26.47
C SER D 88 -18.01 28.68 27.31
N ASP D 89 -17.89 28.00 28.44
CA ASP D 89 -19.00 27.85 29.38
C ASP D 89 -19.17 29.06 30.33
N GLY D 90 -18.28 30.04 30.20
CA GLY D 90 -18.37 31.24 31.01
C GLY D 90 -17.46 31.24 32.21
N SER D 91 -16.95 30.08 32.57
CA SER D 91 -16.02 29.97 33.68
C SER D 91 -14.68 30.60 33.32
N SER D 92 -13.91 30.92 34.34
CA SER D 92 -12.62 31.57 34.16
C SER D 92 -11.48 30.56 34.21
N VAL D 93 -10.42 30.87 33.45
CA VAL D 93 -9.33 29.94 33.23
C VAL D 93 -8.33 30.08 34.38
N SER D 94 -8.17 28.99 35.12
CA SER D 94 -7.26 28.97 36.27
C SER D 94 -6.05 28.11 35.94
N TYR D 95 -6.27 26.79 35.86
CA TYR D 95 -5.27 25.86 35.38
C TYR D 95 -5.01 26.08 33.90
N GLU D 96 -3.71 26.03 33.57
CA GLU D 96 -3.21 26.15 32.21
C GLU D 96 -2.16 25.08 31.99
N ASN D 97 -2.11 24.54 30.78
CA ASN D 97 -1.17 23.47 30.49
C ASN D 97 -0.28 23.82 29.29
N LEU D 98 0.60 24.78 29.46
CA LEU D 98 1.46 25.11 28.34
C LEU D 98 2.93 24.90 28.58
N LEU D 101 6.17 25.66 26.78
CA LEU D 101 6.41 27.08 26.88
C LEU D 101 6.12 27.59 25.49
N HIS D 102 5.29 26.89 24.76
CA HIS D 102 5.19 27.37 23.38
C HIS D 102 4.12 28.38 23.00
N THR D 103 4.45 29.65 23.12
CA THR D 103 3.44 30.67 23.04
C THR D 103 3.82 31.81 22.08
N LYS D 104 2.78 32.34 21.44
CA LYS D 104 2.91 33.24 20.32
C LYS D 104 2.62 34.68 20.71
N LYS D 105 3.47 35.23 21.58
CA LYS D 105 3.22 36.55 22.20
C LYS D 105 4.11 37.72 21.71
N CYS D 106 4.86 37.46 20.64
CA CYS D 106 5.65 38.46 19.97
C CYS D 106 5.25 38.57 18.49
N GLY D 107 5.25 39.78 17.99
CA GLY D 107 4.84 40.06 16.61
C GLY D 107 6.00 40.19 15.64
N ALA D 108 5.77 39.72 14.43
CA ALA D 108 6.76 39.86 13.39
C ALA D 108 6.10 40.06 12.03
N LEU D 109 6.90 40.42 11.04
CA LEU D 109 6.42 40.49 9.67
C LEU D 109 6.83 39.19 9.00
N GLU D 110 6.02 38.75 8.03
CA GLU D 110 6.18 37.44 7.40
C GLU D 110 6.36 37.57 5.90
N LYS D 111 7.34 36.88 5.36
CA LYS D 111 7.75 37.01 3.96
C LYS D 111 6.60 36.80 2.96
N LEU D 112 5.89 35.70 3.16
CA LEU D 112 4.90 35.24 2.18
C LEU D 112 3.62 36.07 2.19
N THR D 113 3.52 36.93 3.19
CA THR D 113 2.41 37.83 3.44
C THR D 113 2.82 39.27 3.09
N GLY D 114 3.94 39.46 2.39
CA GLY D 114 4.42 40.76 1.92
C GLY D 114 5.02 41.68 2.98
N PHE D 115 5.46 41.08 4.09
CA PHE D 115 6.01 41.85 5.22
C PHE D 115 5.12 43.05 5.51
N ARG D 116 3.81 42.87 5.34
CA ARG D 116 2.81 43.88 5.66
C ARG D 116 2.06 43.44 6.90
N LYS D 117 1.31 42.35 6.77
CA LYS D 117 0.53 41.77 7.85
C LYS D 117 1.41 41.38 9.05
N TRP D 118 0.89 41.65 10.25
CA TRP D 118 1.53 41.25 11.51
C TRP D 118 1.15 39.82 11.88
N VAL D 119 2.15 39.08 12.35
CA VAL D 119 1.92 37.72 12.78
C VAL D 119 2.57 37.41 14.12
N ASN D 120 1.69 37.01 15.04
CA ASN D 120 2.09 36.51 16.34
C ASN D 120 2.95 35.27 16.16
N TYR D 121 4.03 35.20 16.92
CA TYR D 121 4.99 34.11 16.74
C TYR D 121 5.77 33.92 18.03
N TYR D 122 6.51 32.82 18.11
CA TYR D 122 7.24 32.41 19.32
C TYR D 122 8.43 33.35 19.55
N CYS D 123 8.48 34.01 20.72
CA CYS D 123 9.49 35.04 21.04
C CYS D 123 10.95 34.57 21.04
N GLU D 124 11.11 33.27 21.32
CA GLU D 124 12.42 32.65 21.53
C GLU D 124 13.01 32.15 20.24
N GLN D 125 12.26 32.33 19.15
CA GLN D 125 12.74 32.10 17.79
C GLN D 125 13.68 33.20 17.29
N MET D 126 14.85 32.79 16.79
CA MET D 126 15.79 33.77 16.26
C MET D 126 15.42 34.22 14.85
N HIS D 127 15.31 35.54 14.66
CA HIS D 127 15.08 36.11 13.33
C HIS D 127 15.79 37.46 13.15
N ALA D 128 15.94 37.89 11.89
CA ALA D 128 16.36 39.24 11.54
C ALA D 128 15.27 40.20 12.03
N PHE D 129 15.61 41.48 12.13
CA PHE D 129 14.76 42.44 12.82
C PHE D 129 14.94 43.84 12.27
N VAL D 130 13.96 44.72 12.53
CA VAL D 130 14.09 46.14 12.16
C VAL D 130 14.07 47.00 13.41
N CYS D 131 15.04 47.92 13.51
CA CYS D 131 15.06 48.94 14.56
C CYS D 131 14.59 50.29 14.02
N LYS D 132 14.00 51.07 14.91
CA LYS D 132 13.50 52.40 14.65
C LYS D 132 14.19 53.29 15.65
N LEU D 133 14.52 54.49 15.21
CA LEU D 133 15.16 55.48 16.08
C LEU D 133 14.83 56.87 15.53
N LEU D 134 14.40 57.81 16.39
CA LEU D 134 14.19 59.18 15.96
C LEU D 134 15.43 60.03 16.28
N PRO D 135 16.00 60.59 15.22
CA PRO D 135 17.41 60.94 15.03
C PRO D 135 17.99 62.11 15.78
N TYR D 136 19.30 62.00 15.96
CA TYR D 136 20.24 63.04 16.34
C TYR D 136 21.05 62.41 17.46
N ASP E 24 -28.07 10.27 37.84
CA ASP E 24 -26.61 10.56 37.82
C ASP E 24 -26.20 11.30 36.54
N CYS E 25 -25.85 10.54 35.52
CA CYS E 25 -25.68 11.06 34.19
C CYS E 25 -26.45 10.12 33.27
N PRO E 26 -26.99 10.66 32.18
CA PRO E 26 -27.61 9.75 31.22
C PRO E 26 -26.63 8.78 30.58
N SER E 27 -27.17 7.73 29.97
CA SER E 27 -26.38 6.71 29.28
C SER E 27 -25.40 7.34 28.28
N GLY E 28 -24.15 6.88 28.32
CA GLY E 28 -23.11 7.41 27.45
C GLY E 28 -22.28 8.53 28.06
N TRP E 29 -22.79 9.12 29.14
CA TRP E 29 -22.14 10.20 29.89
C TRP E 29 -21.48 9.65 31.15
N SER E 30 -20.39 10.29 31.57
CA SER E 30 -19.65 9.83 32.73
C SER E 30 -19.56 10.97 33.73
N SER E 31 -19.88 10.65 34.98
CA SER E 31 -19.80 11.62 36.06
C SER E 31 -18.38 11.69 36.61
N TYR E 32 -18.08 12.86 37.10
CA TYR E 32 -16.94 13.10 37.95
C TYR E 32 -17.15 14.48 38.53
N GLU E 33 -16.99 14.61 39.84
CA GLU E 33 -17.05 15.90 40.51
C GLU E 33 -18.27 16.73 40.11
N GLY E 34 -19.46 16.13 40.25
CA GLY E 34 -20.74 16.81 40.00
C GLY E 34 -21.19 17.00 38.55
N HIS E 35 -20.24 16.84 37.65
CA HIS E 35 -20.44 17.05 36.25
C HIS E 35 -20.53 15.75 35.44
N CYS E 36 -20.96 15.86 34.19
CA CYS E 36 -21.08 14.73 33.30
C CYS E 36 -20.29 15.05 32.05
N TYR E 37 -19.63 14.02 31.52
CA TYR E 37 -18.73 14.16 30.39
C TYR E 37 -19.03 13.13 29.29
N LYS E 38 -18.85 13.53 28.04
CA LYS E 38 -18.97 12.59 26.91
C LYS E 38 -17.96 12.89 25.79
N PRO E 39 -17.24 11.85 25.33
CA PRO E 39 -16.46 12.01 24.12
C PRO E 39 -17.30 11.79 22.85
N PHE E 40 -17.01 12.56 21.81
CA PHE E 40 -17.63 12.45 20.52
C PHE E 40 -16.54 12.38 19.51
N ASN E 41 -16.49 11.23 18.83
CA ASN E 41 -15.51 10.96 17.81
C ASN E 41 -16.08 11.40 16.48
N GLU E 42 -16.04 12.68 16.19
CA GLU E 42 -16.66 13.13 15.00
C GLU E 42 -15.97 14.41 14.54
N PRO E 43 -15.27 14.35 13.40
CA PRO E 43 -14.54 15.53 12.96
C PRO E 43 -15.46 16.73 12.95
N LYS E 44 -15.19 17.72 13.78
CA LYS E 44 -15.89 19.02 13.66
C LYS E 44 -14.96 20.19 13.93
N ASN E 45 -15.18 21.33 13.27
CA ASN E 45 -14.42 22.53 13.64
C ASN E 45 -14.87 23.02 15.01
N TRP E 46 -14.02 23.82 15.68
CA TRP E 46 -14.31 24.28 17.04
C TRP E 46 -15.74 24.80 17.28
N ALA E 47 -16.16 25.74 16.42
CA ALA E 47 -17.51 26.33 16.44
C ALA E 47 -18.63 25.31 16.23
N ASP E 48 -18.47 24.44 15.25
CA ASP E 48 -19.46 23.40 15.01
C ASP E 48 -19.54 22.45 16.19
N ALA E 49 -18.40 22.17 16.81
CA ALA E 49 -18.29 21.31 18.01
C ALA E 49 -18.92 21.91 19.26
N GLU E 50 -18.70 23.19 19.51
CA GLU E 50 -19.36 23.88 20.62
C GLU E 50 -20.88 23.90 20.38
N ARG E 51 -21.27 24.24 19.16
CA ARG E 51 -22.70 24.27 18.81
C ARG E 51 -23.30 22.89 19.10
N PHE E 52 -22.63 21.82 18.62
CA PHE E 52 -23.09 20.44 18.77
C PHE E 52 -23.35 20.11 20.22
N CYS E 53 -22.41 20.50 21.10
CA CYS E 53 -22.54 20.33 22.54
C CYS E 53 -23.76 21.06 23.07
N LYS E 54 -23.94 22.33 22.67
CA LYS E 54 -25.09 23.13 23.08
C LYS E 54 -26.41 22.51 22.73
N LEU E 55 -26.45 21.86 21.55
CA LEU E 55 -27.67 21.26 21.08
C LEU E 55 -27.89 19.85 21.63
N GLN E 56 -27.09 19.40 22.60
CA GLN E 56 -27.38 18.13 23.30
C GLN E 56 -28.67 18.21 24.12
N PRO E 57 -29.40 17.07 24.28
CA PRO E 57 -30.69 17.05 25.01
C PRO E 57 -30.59 17.74 26.36
N LYS E 58 -29.54 17.41 27.11
CA LYS E 58 -29.12 18.24 28.21
C LYS E 58 -28.10 19.19 27.60
N HIS E 59 -28.40 20.50 27.61
CA HIS E 59 -27.51 21.48 26.97
C HIS E 59 -26.11 21.43 27.63
N SER E 60 -25.06 21.36 26.83
CA SER E 60 -23.70 21.18 27.34
C SER E 60 -22.66 22.00 26.54
N HIS E 61 -21.43 22.09 27.04
CA HIS E 61 -20.37 22.91 26.42
C HIS E 61 -19.08 22.11 26.25
N LEU E 62 -18.18 22.58 25.39
CA LEU E 62 -16.91 21.89 25.22
C LEU E 62 -16.20 21.80 26.56
N VAL E 63 -15.49 20.70 26.77
CA VAL E 63 -14.90 20.41 28.08
C VAL E 63 -14.07 21.62 28.51
N SER E 64 -14.20 21.99 29.79
CA SER E 64 -13.37 23.01 30.38
C SER E 64 -12.61 22.31 31.49
N PHE E 65 -11.34 22.67 31.66
CA PHE E 65 -10.49 22.11 32.71
C PHE E 65 -10.25 23.09 33.86
N GLN E 66 -10.63 22.68 35.06
CA GLN E 66 -10.51 23.55 36.23
C GLN E 66 -9.46 23.03 37.21
N SER E 67 -8.80 21.96 36.83
CA SER E 67 -7.80 21.30 37.66
C SER E 67 -7.01 20.22 36.91
N ALA E 68 -5.80 19.91 37.40
CA ALA E 68 -5.00 18.80 36.86
C ALA E 68 -5.74 17.45 36.95
N GLU E 69 -6.39 17.24 38.10
CA GLU E 69 -7.12 16.00 38.40
C GLU E 69 -8.25 15.74 37.41
N GLU E 70 -8.92 16.84 37.02
CA GLU E 70 -10.01 16.78 36.06
C GLU E 70 -9.50 16.49 34.66
N ALA E 71 -8.37 17.08 34.29
CA ALA E 71 -7.74 16.78 33.01
C ALA E 71 -7.28 15.32 32.91
N ASP E 72 -6.66 14.82 33.97
CA ASP E 72 -6.25 13.42 34.08
C ASP E 72 -7.46 12.51 33.90
N PHE E 73 -8.57 12.86 34.52
CA PHE E 73 -9.79 12.04 34.45
C PHE E 73 -10.32 11.98 33.02
N VAL E 74 -10.35 13.15 32.38
CA VAL E 74 -10.94 13.27 31.05
C VAL E 74 -10.13 12.58 30.00
N VAL E 75 -8.81 12.62 30.07
CA VAL E 75 -7.99 11.86 29.10
C VAL E 75 -8.12 10.35 29.29
N LYS E 76 -8.37 9.96 30.54
CA LYS E 76 -8.65 8.57 30.89
C LYS E 76 -9.92 8.10 30.12
N LEU E 77 -10.92 8.98 30.06
CA LEU E 77 -12.16 8.80 29.33
C LEU E 77 -11.98 8.77 27.79
N THR E 78 -11.16 9.68 27.28
CA THR E 78 -11.01 9.89 25.86
C THR E 78 -10.26 8.72 25.25
N ARG E 79 -9.28 8.18 25.98
CA ARG E 79 -8.41 7.12 25.54
C ARG E 79 -9.00 5.95 24.72
N PRO E 80 -9.98 5.25 25.30
CA PRO E 80 -10.39 3.98 24.64
C PRO E 80 -11.21 4.20 23.41
N ARG E 81 -11.94 5.31 23.36
CA ARG E 81 -12.85 5.68 22.23
C ARG E 81 -12.28 6.68 21.18
N LEU E 82 -11.77 7.75 21.71
CA LEU E 82 -11.29 8.82 20.92
C LEU E 82 -9.87 8.73 20.30
N LYS E 83 -9.25 7.55 20.17
CA LYS E 83 -7.79 7.32 20.43
C LYS E 83 -6.54 7.00 19.59
N ALA E 84 -6.38 7.71 18.48
CA ALA E 84 -5.57 8.95 18.43
C ALA E 84 -6.41 9.97 17.68
N ASN E 85 -7.11 10.91 18.37
CA ASN E 85 -7.60 12.09 17.62
C ASN E 85 -7.24 13.28 18.42
N LEU E 86 -7.00 14.42 17.76
CA LEU E 86 -6.96 15.68 18.48
C LEU E 86 -8.37 15.98 18.99
N VAL E 87 -8.49 16.54 20.19
CA VAL E 87 -9.80 16.72 20.83
C VAL E 87 -10.00 18.19 21.21
N TRP E 88 -11.11 18.78 20.80
CA TRP E 88 -11.31 20.17 21.16
C TRP E 88 -11.54 20.30 22.67
N MET E 89 -10.96 21.35 23.26
CA MET E 89 -11.39 21.80 24.59
C MET E 89 -12.08 23.13 24.40
N GLY E 90 -12.65 23.71 25.43
CA GLY E 90 -13.45 24.91 25.21
C GLY E 90 -12.74 26.26 25.18
N LEU E 91 -11.58 26.36 24.55
CA LEU E 91 -10.88 27.64 24.40
C LEU E 91 -10.68 28.06 22.96
N SER E 92 -11.23 29.22 22.63
CA SER E 92 -11.13 29.81 21.28
C SER E 92 -10.54 31.20 21.32
N ASN E 93 -10.07 31.65 20.15
CA ASN E 93 -9.51 32.99 19.94
C ASN E 93 -8.44 33.35 20.96
N ILE E 94 -7.42 32.51 21.03
CA ILE E 94 -6.53 32.46 22.19
C ILE E 94 -5.51 33.57 22.09
N TRP E 95 -5.41 34.14 20.90
CA TRP E 95 -4.47 35.24 20.65
C TRP E 95 -5.17 36.56 20.44
N HIS E 96 -6.47 36.60 20.74
CA HIS E 96 -7.25 37.79 20.48
C HIS E 96 -7.12 38.94 21.50
N GLY E 97 -7.66 38.75 22.70
CA GLY E 97 -7.61 39.76 23.74
C GLY E 97 -6.33 39.77 24.53
N CYS E 98 -5.19 39.75 23.84
CA CYS E 98 -3.88 39.85 24.46
C CYS E 98 -3.69 41.31 24.71
N ASN E 99 -2.92 41.66 25.75
CA ASN E 99 -2.68 43.06 25.99
C ASN E 99 -1.53 43.46 25.08
N TRP E 100 -1.84 43.78 23.82
CA TRP E 100 -0.81 44.15 22.83
C TRP E 100 -0.23 45.53 23.11
N GLN E 101 1.11 45.61 23.08
CA GLN E 101 1.90 46.82 23.38
C GLN E 101 2.96 47.12 22.34
N TRP E 102 3.32 48.41 22.19
CA TRP E 102 4.60 48.78 21.53
C TRP E 102 5.66 48.91 22.57
N SER E 103 6.83 48.32 22.34
CA SER E 103 7.91 48.32 23.32
C SER E 103 8.45 49.74 23.53
N ASP E 104 8.28 50.60 22.53
CA ASP E 104 8.73 51.99 22.66
C ASP E 104 7.78 52.82 23.56
N GLY E 105 6.54 52.36 23.62
CA GLY E 105 5.49 53.04 24.37
C GLY E 105 4.48 53.70 23.47
N ALA E 106 4.79 53.80 22.17
CA ALA E 106 3.84 54.38 21.24
C ALA E 106 2.51 53.62 21.34
N ARG E 107 1.43 54.33 21.02
CA ARG E 107 0.09 53.78 21.11
C ARG E 107 -0.13 52.76 20.02
N LEU E 108 -0.85 51.71 20.40
CA LEU E 108 -1.47 50.79 19.45
C LEU E 108 -2.65 51.48 18.78
N ASN E 109 -2.35 52.33 17.82
CA ASN E 109 -3.40 53.05 17.08
C ASN E 109 -3.73 52.36 15.75
N TYR E 110 -2.76 52.26 14.84
CA TYR E 110 -2.90 51.39 13.68
C TYR E 110 -2.76 49.92 14.10
N LYS E 111 -3.62 49.08 13.51
CA LYS E 111 -3.66 47.63 13.79
C LYS E 111 -3.67 46.89 12.46
N ASP E 112 -2.74 45.97 12.27
CA ASP E 112 -2.73 45.17 11.04
C ASP E 112 -2.56 43.67 11.23
N TRP E 113 -3.55 43.04 11.87
CA TRP E 113 -3.53 41.58 12.09
C TRP E 113 -4.14 40.77 10.95
N GLN E 114 -3.59 39.58 10.68
CA GLN E 114 -4.18 38.80 9.58
C GLN E 114 -5.41 38.09 10.12
N GLU E 115 -6.38 37.76 9.25
CA GLU E 115 -7.56 37.02 9.62
C GLU E 115 -7.17 35.57 9.89
N GLN E 116 -6.98 35.26 11.18
CA GLN E 116 -6.66 33.92 11.62
C GLN E 116 -7.18 33.79 13.05
N SER E 117 -7.60 32.60 13.39
CA SER E 117 -8.11 32.37 14.74
C SER E 117 -7.63 31.04 15.27
N GLU E 118 -7.12 31.06 16.50
CA GLU E 118 -6.63 29.82 17.06
C GLU E 118 -7.47 29.36 18.24
N CYS E 119 -7.60 28.03 18.34
CA CYS E 119 -8.33 27.35 19.38
C CYS E 119 -7.46 26.26 20.00
N LEU E 120 -7.85 25.80 21.18
CA LEU E 120 -7.05 24.83 21.92
C LEU E 120 -7.61 23.42 21.93
N ALA E 121 -6.69 22.45 21.87
CA ALA E 121 -7.04 21.03 21.81
C ALA E 121 -5.97 20.27 22.58
N PHE E 122 -6.18 18.99 22.71
CA PHE E 122 -5.26 18.08 23.33
C PHE E 122 -5.28 16.76 22.58
N ARG E 123 -4.21 15.98 22.72
CA ARG E 123 -4.09 14.62 22.15
C ARG E 123 -5.08 13.67 22.83
N GLY E 124 -5.61 12.70 22.11
CA GLY E 124 -6.61 11.81 22.70
C GLY E 124 -6.02 10.94 23.81
N VAL E 125 -4.73 11.15 24.11
CA VAL E 125 -3.99 10.28 25.04
C VAL E 125 -3.25 11.00 26.18
N HIS E 126 -2.83 12.24 25.91
CA HIS E 126 -2.03 13.02 26.85
C HIS E 126 -2.62 14.43 27.16
N THR E 127 -2.15 15.06 28.24
CA THR E 127 -2.82 16.21 28.83
C THR E 127 -2.24 17.52 28.29
N GLU E 128 -1.15 17.42 27.53
CA GLU E 128 -0.58 18.58 26.83
C GLU E 128 -1.62 19.27 25.93
N TRP E 129 -1.61 20.60 25.92
CA TRP E 129 -2.53 21.38 25.06
C TRP E 129 -1.82 21.78 23.77
N LEU E 130 -2.60 22.04 22.72
CA LEU E 130 -2.09 22.32 21.42
C LEU E 130 -2.94 23.38 20.79
N ASN E 131 -2.27 24.40 20.26
CA ASN E 131 -2.93 25.48 19.54
C ASN E 131 -3.14 25.14 18.06
N MET E 132 -4.37 25.29 17.60
CA MET E 132 -4.78 24.84 16.29
C MET E 132 -5.62 25.91 15.65
N ASP E 133 -5.64 25.91 14.33
CA ASP E 133 -6.59 26.74 13.58
C ASP E 133 -8.02 26.36 13.95
N CYS E 134 -8.84 27.35 14.31
CA CYS E 134 -10.21 27.03 14.71
C CYS E 134 -11.05 26.32 13.67
N SER E 135 -10.60 26.32 12.41
CA SER E 135 -11.36 25.71 11.33
C SER E 135 -10.87 24.30 10.99
N SER E 136 -9.93 23.80 11.77
CA SER E 136 -9.59 22.40 11.63
C SER E 136 -10.67 21.55 12.32
N THR E 137 -10.60 20.25 12.04
CA THR E 137 -11.65 19.32 12.38
C THR E 137 -11.10 18.29 13.35
N CYS E 138 -11.62 18.30 14.55
CA CYS E 138 -11.20 17.44 15.64
C CYS E 138 -12.37 16.72 16.29
N SER E 139 -12.07 15.75 17.15
CA SER E 139 -13.06 15.22 18.05
C SER E 139 -13.22 16.22 19.21
N PHE E 140 -14.10 15.92 20.15
CA PHE E 140 -14.35 16.85 21.24
C PHE E 140 -15.00 16.08 22.38
N VAL E 141 -15.12 16.72 23.52
CA VAL E 141 -15.79 16.21 24.72
C VAL E 141 -16.78 17.27 25.17
N CYS E 142 -18.02 16.87 25.43
CA CYS E 142 -18.98 17.79 26.06
C CYS E 142 -19.02 17.56 27.58
N LYS E 143 -19.46 18.57 28.30
CA LYS E 143 -19.48 18.62 29.77
C LYS E 143 -20.67 19.44 30.28
N PHE E 144 -21.38 18.95 31.27
CA PHE E 144 -22.37 19.81 31.95
C PHE E 144 -22.44 19.48 33.41
N LYS E 145 -23.04 20.35 34.20
CA LYS E 145 -23.26 20.07 35.62
C LYS E 145 -24.50 19.21 35.74
N ALA E 146 -24.44 18.18 36.59
CA ALA E 146 -25.60 17.29 36.73
C ALA E 146 -26.80 18.05 37.33
N SER F 7 -40.19 -40.51 23.99
CA SER F 7 -40.38 -41.89 24.53
C SER F 7 -41.78 -42.45 24.32
N PRO F 8 -42.79 -42.02 25.15
CA PRO F 8 -44.16 -42.49 24.93
C PRO F 8 -44.92 -41.82 23.77
N CYS F 9 -44.33 -40.78 23.18
CA CYS F 9 -45.03 -40.02 22.14
C CYS F 9 -44.93 -40.65 20.74
N ASP F 10 -45.79 -40.18 19.85
CA ASP F 10 -45.85 -40.72 18.48
C ASP F 10 -45.13 -39.83 17.49
N THR F 11 -45.14 -40.23 16.23
CA THR F 11 -44.62 -39.40 15.15
C THR F 11 -45.31 -38.03 15.17
N ASN F 12 -44.51 -36.97 14.97
CA ASN F 12 -45.00 -35.58 14.99
C ASN F 12 -45.62 -35.17 16.32
N TRP F 13 -45.17 -35.77 17.40
CA TRP F 13 -45.61 -35.32 18.72
C TRP F 13 -44.38 -35.36 19.58
N ARG F 14 -44.11 -34.25 20.26
CA ARG F 14 -42.93 -34.08 21.10
C ARG F 14 -43.28 -34.33 22.54
N TYR F 15 -42.42 -35.06 23.23
CA TYR F 15 -42.61 -35.41 24.64
C TYR F 15 -41.92 -34.43 25.58
N TYR F 16 -42.68 -33.87 26.51
CA TYR F 16 -42.13 -32.99 27.53
C TYR F 16 -42.95 -33.07 28.81
N GLY F 17 -42.27 -33.28 29.94
CA GLY F 17 -42.94 -33.46 31.21
C GLY F 17 -43.79 -34.72 31.18
N ASP F 18 -45.10 -34.55 31.23
CA ASP F 18 -46.02 -35.68 31.16
C ASP F 18 -46.97 -35.56 29.97
N SER F 19 -46.58 -34.77 28.96
CA SER F 19 -47.45 -34.49 27.84
C SER F 19 -46.80 -34.76 26.50
N CYS F 20 -47.65 -34.96 25.50
CA CYS F 20 -47.25 -35.00 24.11
C CYS F 20 -47.80 -33.76 23.43
N TYR F 21 -46.92 -33.05 22.70
CA TYR F 21 -47.30 -31.81 22.01
C TYR F 21 -47.15 -31.96 20.50
N GLY F 22 -48.19 -31.53 19.77
CA GLY F 22 -48.19 -31.59 18.32
C GLY F 22 -48.32 -30.19 17.75
N PHE F 23 -47.52 -29.88 16.73
CA PHE F 23 -47.50 -28.56 16.13
C PHE F 23 -47.94 -28.71 14.70
N PHE F 24 -49.02 -28.03 14.34
CA PHE F 24 -49.62 -28.23 13.02
C PHE F 24 -49.76 -26.92 12.26
N ARG F 25 -49.15 -26.84 11.08
CA ARG F 25 -49.26 -25.64 10.25
C ARG F 25 -50.49 -25.66 9.36
N HIS F 26 -51.64 -25.65 10.04
CA HIS F 26 -52.92 -25.52 9.40
C HIS F 26 -53.48 -24.18 9.88
N ASN F 27 -53.75 -23.31 8.92
CA ASN F 27 -54.18 -21.94 9.17
C ASN F 27 -55.69 -21.91 9.37
N LEU F 28 -56.12 -21.88 10.63
CA LEU F 28 -57.51 -22.11 10.99
C LEU F 28 -57.99 -21.11 12.03
N THR F 29 -59.29 -20.94 12.10
CA THR F 29 -59.87 -20.11 13.17
C THR F 29 -59.67 -20.80 14.51
N TRP F 30 -59.91 -20.08 15.63
CA TRP F 30 -59.71 -20.69 16.93
C TRP F 30 -60.63 -21.91 17.09
N GLU F 31 -61.90 -21.74 16.77
CA GLU F 31 -62.88 -22.82 16.90
C GLU F 31 -62.54 -24.00 16.01
N GLU F 32 -62.11 -23.70 14.78
CA GLU F 32 -61.71 -24.75 13.85
C GLU F 32 -60.49 -25.51 14.37
N SER F 33 -59.60 -24.78 15.04
CA SER F 33 -58.40 -25.38 15.63
C SER F 33 -58.77 -26.28 16.80
N LYS F 34 -59.71 -25.84 17.63
CA LYS F 34 -60.25 -26.65 18.72
C LYS F 34 -60.77 -27.97 18.16
N GLN F 35 -61.52 -27.87 17.06
CA GLN F 35 -62.09 -29.03 16.40
C GLN F 35 -61.00 -29.95 15.88
N TYR F 36 -59.95 -29.36 15.31
CA TYR F 36 -58.86 -30.14 14.78
C TYR F 36 -58.23 -30.97 15.89
N CYS F 37 -57.98 -30.35 17.03
CA CYS F 37 -57.40 -31.09 18.16
C CYS F 37 -58.35 -32.19 18.65
N THR F 38 -59.63 -31.86 18.75
CA THR F 38 -60.67 -32.84 19.14
C THR F 38 -60.64 -34.05 18.21
N ASP F 39 -60.43 -33.81 16.92
CA ASP F 39 -60.38 -34.91 15.92
C ASP F 39 -59.21 -35.86 16.17
N MET F 40 -58.21 -35.37 16.90
CA MET F 40 -57.05 -36.21 17.25
C MET F 40 -57.03 -36.62 18.72
N ASN F 41 -58.21 -36.53 19.36
CA ASN F 41 -58.34 -36.87 20.78
C ASN F 41 -57.40 -36.04 21.65
N ALA F 42 -57.28 -34.77 21.29
CA ALA F 42 -56.35 -33.86 21.94
C ALA F 42 -57.05 -32.54 22.29
N THR F 43 -56.30 -31.62 22.85
CA THR F 43 -56.82 -30.35 23.35
C THR F 43 -55.84 -29.25 22.93
N LEU F 44 -56.35 -28.04 22.65
CA LEU F 44 -55.48 -26.90 22.47
C LEU F 44 -54.66 -26.72 23.73
N LEU F 45 -53.44 -26.20 23.58
CA LEU F 45 -52.47 -26.13 24.68
C LEU F 45 -52.90 -25.29 25.87
N LYS F 46 -52.54 -25.79 27.05
CA LYS F 46 -52.63 -25.03 28.30
C LYS F 46 -51.22 -24.62 28.72
N ILE F 47 -51.03 -23.34 29.03
CA ILE F 47 -49.75 -22.86 29.53
C ILE F 47 -49.89 -22.34 30.94
N ASP F 48 -49.55 -23.13 31.95
CA ASP F 48 -49.80 -22.71 33.32
C ASP F 48 -48.53 -22.47 34.15
N ASN F 49 -47.42 -22.30 33.48
CA ASN F 49 -46.20 -21.94 34.16
C ASN F 49 -45.16 -21.34 33.21
N ARG F 50 -44.18 -20.66 33.79
CA ARG F 50 -43.09 -20.08 33.01
C ARG F 50 -42.25 -21.14 32.28
N ASN F 51 -42.06 -22.29 32.94
CA ASN F 51 -41.25 -23.37 32.38
C ASN F 51 -41.78 -23.82 31.01
N ILE F 52 -43.09 -24.01 30.89
CA ILE F 52 -43.66 -24.41 29.62
C ILE F 52 -43.59 -23.30 28.56
N VAL F 53 -43.81 -22.03 28.95
CA VAL F 53 -43.46 -20.88 28.10
C VAL F 53 -42.13 -21.06 27.35
N GLU F 54 -41.04 -21.33 28.09
CA GLU F 54 -39.72 -21.39 27.49
C GLU F 54 -39.57 -22.57 26.56
N TYR F 55 -40.17 -23.71 26.91
CA TYR F 55 -40.15 -24.87 26.03
C TYR F 55 -40.86 -24.55 24.69
N ILE F 56 -42.07 -23.99 24.81
CA ILE F 56 -42.83 -23.64 23.61
C ILE F 56 -42.06 -22.61 22.81
N LYS F 57 -41.45 -21.66 23.52
CA LYS F 57 -40.69 -20.58 22.87
C LYS F 57 -39.49 -21.13 22.05
N ALA F 58 -38.98 -22.24 22.54
CA ALA F 58 -37.84 -22.93 21.88
C ALA F 58 -38.29 -23.62 20.53
N ARG F 59 -39.49 -24.17 20.64
CA ARG F 59 -40.00 -25.13 19.63
C ARG F 59 -40.48 -24.41 18.39
N THR F 60 -41.04 -23.21 18.58
CA THR F 60 -41.67 -22.49 17.49
C THR F 60 -41.52 -20.97 17.70
N HIS F 61 -41.40 -20.27 16.60
CA HIS F 61 -41.48 -18.82 16.58
C HIS F 61 -42.64 -18.27 15.69
N LEU F 62 -43.44 -19.20 15.14
CA LEU F 62 -44.64 -18.83 14.37
C LEU F 62 -45.83 -18.64 15.27
N ILE F 63 -46.72 -17.72 14.93
CA ILE F 63 -47.96 -17.52 15.68
C ILE F 63 -48.77 -18.82 15.69
N ARG F 64 -49.18 -19.28 16.88
CA ARG F 64 -50.03 -20.47 16.97
C ARG F 64 -51.10 -20.25 18.05
N TRP F 65 -52.33 -20.64 17.72
CA TRP F 65 -53.39 -20.61 18.73
C TRP F 65 -53.02 -21.43 19.97
N VAL F 66 -53.43 -20.94 21.14
CA VAL F 66 -53.44 -21.75 22.35
C VAL F 66 -54.89 -21.90 22.86
N GLY F 67 -55.07 -22.72 23.89
CA GLY F 67 -56.40 -23.04 24.39
C GLY F 67 -57.00 -22.03 25.37
N LEU F 68 -56.58 -20.77 25.28
CA LEU F 68 -57.04 -19.73 26.22
C LEU F 68 -58.11 -18.90 25.53
N SER F 69 -59.26 -18.78 26.19
CA SER F 69 -60.36 -17.98 25.64
C SER F 69 -61.26 -17.47 26.77
N ARG F 70 -62.03 -16.42 26.46
CA ARG F 70 -63.05 -15.99 27.38
C ARG F 70 -64.36 -16.11 26.66
N GLN F 71 -65.15 -17.07 27.11
CA GLN F 71 -66.39 -17.49 26.44
C GLN F 71 -67.38 -16.35 26.13
N LYS F 72 -67.17 -15.21 26.79
CA LYS F 72 -67.84 -13.97 26.36
C LYS F 72 -66.83 -12.85 26.50
N SER F 73 -66.97 -11.80 25.68
CA SER F 73 -66.12 -10.63 25.80
C SER F 73 -66.14 -10.12 27.23
N ASN F 74 -64.99 -9.63 27.69
CA ASN F 74 -64.83 -8.99 28.99
C ASN F 74 -64.96 -9.91 30.23
N GLU F 75 -65.06 -11.21 29.99
CA GLU F 75 -65.06 -12.17 31.09
C GLU F 75 -63.61 -12.63 31.38
N VAL F 76 -63.48 -13.54 32.35
CA VAL F 76 -62.17 -14.08 32.74
C VAL F 76 -61.61 -15.03 31.69
N TRP F 77 -60.28 -15.12 31.64
CA TRP F 77 -59.57 -15.97 30.68
C TRP F 77 -59.42 -17.39 31.22
N LYS F 78 -59.82 -18.37 30.41
CA LYS F 78 -59.89 -19.76 30.86
C LYS F 78 -59.26 -20.67 29.81
N TRP F 79 -58.63 -21.74 30.28
CA TRP F 79 -58.18 -22.80 29.41
C TRP F 79 -59.32 -23.73 28.99
N GLU F 80 -59.05 -24.61 28.03
CA GLU F 80 -60.04 -25.55 27.57
C GLU F 80 -60.65 -26.38 28.67
N ASP F 81 -59.84 -26.69 29.69
CA ASP F 81 -60.29 -27.54 30.80
C ASP F 81 -61.22 -26.80 31.78
N GLY F 82 -61.44 -25.52 31.48
CA GLY F 82 -62.34 -24.68 32.27
C GLY F 82 -61.66 -23.99 33.44
N SER F 83 -60.37 -24.21 33.63
CA SER F 83 -59.63 -23.54 34.70
C SER F 83 -59.36 -22.13 34.26
N VAL F 84 -59.17 -21.23 35.22
CA VAL F 84 -58.83 -19.85 34.94
C VAL F 84 -57.32 -19.69 34.94
N ILE F 85 -56.81 -18.86 34.03
CA ILE F 85 -55.36 -18.56 33.96
C ILE F 85 -54.82 -18.24 35.36
N SER F 86 -53.69 -18.85 35.74
CA SER F 86 -53.12 -18.60 37.07
C SER F 86 -52.63 -17.16 37.19
N GLU F 87 -52.67 -16.63 38.41
CA GLU F 87 -52.30 -15.24 38.67
C GLU F 87 -50.91 -14.93 38.13
N ASN F 88 -50.01 -15.88 38.37
CA ASN F 88 -48.61 -15.72 37.93
C ASN F 88 -48.47 -15.59 36.43
N MET F 89 -49.47 -16.07 35.70
CA MET F 89 -49.38 -16.11 34.24
C MET F 89 -49.91 -14.85 33.54
N PHE F 90 -50.55 -13.96 34.29
CA PHE F 90 -50.96 -12.67 33.72
C PHE F 90 -49.82 -11.86 33.12
N GLU F 91 -48.62 -12.00 33.66
CA GLU F 91 -47.41 -11.37 33.13
C GLU F 91 -47.16 -11.72 31.66
N PHE F 92 -47.70 -12.88 31.24
CA PHE F 92 -47.49 -13.39 29.89
C PHE F 92 -48.67 -13.16 28.96
N LEU F 93 -49.71 -12.46 29.46
CA LEU F 93 -50.86 -12.15 28.63
C LEU F 93 -50.84 -10.69 28.24
N GLU F 94 -50.68 -10.43 26.95
CA GLU F 94 -50.51 -9.07 26.45
C GLU F 94 -51.84 -8.33 26.29
N ASP F 95 -51.78 -7.06 25.87
CA ASP F 95 -52.96 -6.19 25.77
C ASP F 95 -53.93 -6.68 24.71
N GLY F 96 -55.21 -6.36 24.94
CA GLY F 96 -56.27 -6.74 24.04
C GLY F 96 -57.47 -5.84 24.17
N LYS F 97 -58.40 -5.99 23.24
CA LYS F 97 -59.68 -5.28 23.27
C LYS F 97 -60.74 -6.13 23.93
N GLY F 98 -61.85 -5.49 24.27
CA GLY F 98 -62.95 -6.16 24.94
C GLY F 98 -63.61 -7.30 24.21
N ASN F 99 -63.53 -7.27 22.88
CA ASN F 99 -64.15 -8.25 22.00
C ASN F 99 -63.11 -9.14 21.31
N MET F 100 -61.89 -9.11 21.83
CA MET F 100 -60.88 -10.08 21.39
C MET F 100 -60.94 -11.22 22.34
N ASN F 101 -61.46 -12.41 21.98
CA ASN F 101 -61.80 -13.36 23.06
C ASN F 101 -60.86 -14.59 23.18
N CYS F 102 -60.16 -14.83 22.08
CA CYS F 102 -59.26 -16.03 22.00
C CYS F 102 -57.81 -15.56 21.96
N ALA F 103 -56.87 -16.40 22.40
CA ALA F 103 -55.47 -15.98 22.40
C ALA F 103 -54.56 -16.89 21.58
N TYR F 104 -53.58 -16.27 20.93
CA TYR F 104 -52.48 -17.06 20.33
C TYR F 104 -51.22 -16.84 21.16
N PHE F 105 -50.23 -17.68 20.90
CA PHE F 105 -48.91 -17.59 21.53
C PHE F 105 -47.91 -17.22 20.45
N HIS F 106 -47.02 -16.27 20.74
CA HIS F 106 -46.03 -15.91 19.75
C HIS F 106 -44.77 -15.44 20.49
N ASN F 107 -43.65 -16.12 20.27
CA ASN F 107 -42.36 -15.72 20.84
C ASN F 107 -42.39 -15.47 22.33
N GLY F 108 -43.13 -16.28 23.09
CA GLY F 108 -43.09 -16.21 24.54
C GLY F 108 -44.15 -15.36 25.20
N LYS F 109 -45.10 -14.86 24.42
CA LYS F 109 -46.23 -14.10 24.95
C LYS F 109 -47.55 -14.56 24.36
N MET F 110 -48.61 -14.47 25.15
CA MET F 110 -49.97 -14.75 24.64
C MET F 110 -50.64 -13.44 24.30
N HIS F 111 -51.34 -13.43 23.16
CA HIS F 111 -51.98 -12.22 22.67
C HIS F 111 -53.45 -12.49 22.39
N PRO F 112 -54.35 -11.71 23.03
CA PRO F 112 -55.79 -11.77 22.73
C PRO F 112 -56.07 -11.24 21.33
N THR F 113 -57.04 -11.84 20.64
CA THR F 113 -57.34 -11.36 19.31
C THR F 113 -58.61 -11.98 18.82
N PHE F 114 -59.09 -11.56 17.65
CA PHE F 114 -60.41 -12.03 17.15
C PHE F 114 -60.46 -13.52 16.80
N CYS F 115 -61.44 -14.23 17.38
CA CYS F 115 -61.48 -15.67 17.26
C CYS F 115 -61.62 -16.17 15.80
N GLU F 116 -62.16 -15.31 14.93
CA GLU F 116 -62.41 -15.69 13.52
C GLU F 116 -61.20 -15.51 12.60
N ASN F 117 -60.12 -14.96 13.17
CA ASN F 117 -58.87 -14.84 12.44
C ASN F 117 -58.21 -16.21 12.30
N LYS F 118 -57.37 -16.38 11.28
CA LYS F 118 -56.73 -17.66 11.06
C LYS F 118 -55.28 -17.63 11.50
N HIS F 119 -54.89 -18.68 12.24
CA HIS F 119 -53.51 -18.92 12.63
C HIS F 119 -53.23 -20.41 12.68
N TYR F 120 -51.94 -20.74 12.65
CA TYR F 120 -51.51 -22.12 12.89
C TYR F 120 -51.83 -22.52 14.32
N LEU F 121 -51.61 -23.79 14.67
CA LEU F 121 -52.03 -24.24 15.99
C LEU F 121 -51.13 -25.31 16.58
N MET F 122 -51.45 -25.68 17.79
CA MET F 122 -50.79 -26.80 18.44
C MET F 122 -51.74 -27.50 19.39
N CYS F 123 -51.54 -28.80 19.58
CA CYS F 123 -52.40 -29.64 20.42
C CYS F 123 -51.59 -30.36 21.49
N GLU F 124 -52.27 -30.81 22.53
CA GLU F 124 -51.64 -31.49 23.66
C GLU F 124 -52.44 -32.73 24.05
N ARG F 125 -51.76 -33.83 24.37
CA ARG F 125 -52.37 -35.08 24.87
C ARG F 125 -51.52 -35.55 26.06
N LYS F 126 -52.13 -36.23 27.03
CA LYS F 126 -51.38 -36.78 28.14
C LYS F 126 -50.53 -37.91 27.61
N ALA F 127 -49.28 -38.01 28.07
CA ALA F 127 -48.37 -39.01 27.52
C ALA F 127 -48.82 -40.36 28.07
N GLY F 128 -48.87 -41.37 27.20
CA GLY F 128 -49.39 -42.68 27.59
C GLY F 128 -48.59 -43.80 26.97
N LEU G 2 -36.25 -24.23 16.30
CA LEU G 2 -37.52 -24.29 15.53
C LEU G 2 -37.97 -25.70 15.18
N GLU G 3 -39.14 -25.77 14.57
CA GLU G 3 -39.58 -26.91 13.76
C GLU G 3 -40.65 -26.44 12.76
N ASP G 4 -40.67 -25.13 12.51
CA ASP G 4 -41.65 -24.51 11.61
C ASP G 4 -41.33 -24.74 10.12
N CYS G 5 -40.36 -25.60 9.86
CA CYS G 5 -39.91 -25.85 8.51
C CYS G 5 -40.72 -26.87 7.71
N ASP G 6 -40.79 -26.58 6.42
CA ASP G 6 -41.23 -27.53 5.37
C ASP G 6 -40.29 -28.73 5.17
N PHE G 7 -40.87 -29.85 4.73
CA PHE G 7 -40.13 -31.08 4.48
C PHE G 7 -39.00 -30.83 3.49
N GLY G 8 -37.81 -31.31 3.82
CA GLY G 8 -36.60 -31.05 3.05
C GLY G 8 -35.75 -29.95 3.67
N TRP G 9 -36.42 -29.05 4.39
CA TRP G 9 -35.78 -27.92 5.02
C TRP G 9 -35.39 -28.26 6.46
N SER G 10 -34.23 -27.77 6.89
CA SER G 10 -33.74 -27.91 8.26
C SER G 10 -33.75 -26.57 9.00
N PRO G 11 -34.34 -26.54 10.20
CA PRO G 11 -34.35 -25.33 11.02
C PRO G 11 -33.00 -25.06 11.68
N TYR G 12 -32.64 -23.79 11.75
CA TYR G 12 -31.63 -23.31 12.69
C TYR G 12 -31.75 -21.83 12.96
N ASP G 13 -32.02 -21.48 14.22
CA ASP G 13 -32.11 -20.10 14.71
C ASP G 13 -32.89 -19.07 13.87
N GLN G 14 -34.20 -19.28 13.76
CA GLN G 14 -35.12 -18.36 13.07
C GLN G 14 -35.12 -18.47 11.54
N HIS G 15 -34.51 -19.52 11.01
CA HIS G 15 -34.49 -19.75 9.56
C HIS G 15 -34.56 -21.24 9.18
N CYS G 16 -35.00 -21.50 7.95
CA CYS G 16 -35.03 -22.84 7.37
C CYS G 16 -33.97 -22.92 6.27
N TYR G 17 -33.28 -24.06 6.19
CA TYR G 17 -32.14 -24.23 5.30
C TYR G 17 -32.26 -25.50 4.44
N GLN G 18 -31.71 -25.47 3.23
CA GLN G 18 -31.62 -26.68 2.41
C GLN G 18 -30.49 -26.60 1.38
N ALA G 19 -29.63 -27.61 1.41
CA ALA G 19 -28.61 -27.77 0.40
C ALA G 19 -29.18 -28.61 -0.72
N PHE G 20 -29.11 -28.08 -1.93
CA PHE G 20 -29.54 -28.76 -3.12
C PHE G 20 -28.31 -29.18 -3.90
N ASN G 21 -28.26 -30.46 -4.23
CA ASN G 21 -27.13 -31.09 -4.91
C ASN G 21 -27.04 -30.82 -6.42
N GLU G 22 -28.12 -30.37 -7.04
CA GLU G 22 -28.11 -29.85 -8.43
C GLU G 22 -27.05 -28.76 -8.66
N GLN G 23 -26.35 -28.90 -9.78
CA GLN G 23 -25.29 -27.98 -10.09
C GLN G 23 -25.77 -26.83 -10.95
N LYS G 24 -25.73 -25.64 -10.38
CA LYS G 24 -26.18 -24.47 -11.05
C LYS G 24 -25.15 -23.42 -10.95
N THR G 25 -25.11 -22.58 -11.96
CA THR G 25 -24.42 -21.32 -11.89
C THR G 25 -25.02 -20.54 -10.71
N TRP G 26 -24.25 -19.60 -10.17
CA TRP G 26 -24.71 -18.76 -9.06
C TRP G 26 -26.10 -18.15 -9.27
N ASP G 27 -26.30 -17.48 -10.40
CA ASP G 27 -27.58 -16.85 -10.72
C ASP G 27 -28.73 -17.86 -10.79
N GLU G 28 -28.52 -19.00 -11.45
CA GLU G 28 -29.53 -20.06 -11.53
C GLU G 28 -29.89 -20.53 -10.13
N ALA G 29 -28.89 -20.62 -9.24
CA ALA G 29 -29.09 -21.02 -7.85
C ALA G 29 -29.94 -20.02 -7.09
N GLU G 30 -29.64 -18.72 -7.25
CA GLU G 30 -30.42 -17.67 -6.61
C GLU G 30 -31.88 -17.72 -7.06
N LYS G 31 -32.11 -17.84 -8.36
CA LYS G 31 -33.44 -17.91 -8.94
C LYS G 31 -34.23 -19.13 -8.47
N PHE G 32 -33.54 -20.26 -8.40
CA PHE G 32 -34.12 -21.47 -7.85
C PHE G 32 -34.59 -21.24 -6.42
N CYS G 33 -33.74 -20.62 -5.60
CA CYS G 33 -34.09 -20.35 -4.22
C CYS G 33 -35.31 -19.43 -4.16
N ARG G 34 -35.31 -18.43 -5.04
CA ARG G 34 -36.37 -17.43 -5.10
C ARG G 34 -37.68 -18.16 -5.37
N ALA G 35 -37.59 -19.16 -6.25
CA ALA G 35 -38.76 -19.91 -6.74
C ALA G 35 -39.20 -21.06 -5.82
N GLN G 36 -38.51 -21.24 -4.70
CA GLN G 36 -39.00 -22.05 -3.57
C GLN G 36 -39.55 -21.05 -2.53
N GLU G 37 -40.46 -20.25 -3.05
CA GLU G 37 -40.99 -19.12 -2.34
C GLU G 37 -41.58 -19.45 -1.00
N ASN G 38 -41.16 -18.65 -0.04
CA ASN G 38 -41.94 -17.53 0.25
C ASN G 38 -40.96 -16.57 -0.44
N GLY G 39 -40.04 -16.04 0.31
CA GLY G 39 -38.95 -15.27 -0.35
C GLY G 39 -37.68 -16.00 0.00
N ALA G 40 -37.29 -17.07 -0.72
CA ALA G 40 -36.07 -17.83 -0.34
C ALA G 40 -34.89 -17.37 -1.19
N HIS G 41 -33.67 -17.40 -0.65
CA HIS G 41 -32.51 -16.84 -1.32
C HIS G 41 -31.36 -17.77 -1.07
N LEU G 42 -30.30 -17.68 -1.87
CA LEU G 42 -29.04 -18.30 -1.50
C LEU G 42 -28.68 -17.83 -0.09
N ALA G 43 -28.09 -18.73 0.71
CA ALA G 43 -27.89 -18.49 2.13
C ALA G 43 -27.01 -17.27 2.45
N SER G 44 -27.40 -16.53 3.47
CA SER G 44 -26.52 -15.54 4.08
C SER G 44 -26.02 -16.13 5.39
N ILE G 45 -24.73 -15.93 5.64
CA ILE G 45 -24.09 -16.37 6.89
C ILE G 45 -23.76 -15.15 7.75
N GLU G 46 -24.42 -15.06 8.90
CA GLU G 46 -24.37 -13.85 9.71
C GLU G 46 -23.68 -14.13 11.04
N SER G 47 -23.25 -15.37 11.23
CA SER G 47 -22.57 -15.73 12.48
C SER G 47 -21.80 -17.03 12.40
N ASN G 48 -20.94 -17.19 13.41
CA ASN G 48 -20.20 -18.41 13.70
C ASN G 48 -21.11 -19.63 13.85
N GLY G 49 -22.15 -19.54 14.68
CA GLY G 49 -23.10 -20.62 14.88
C GLY G 49 -23.79 -21.11 13.60
N GLU G 50 -24.15 -20.16 12.74
CA GLU G 50 -24.81 -20.43 11.46
C GLU G 50 -23.84 -21.05 10.45
N ALA G 51 -22.61 -20.52 10.44
CA ALA G 51 -21.51 -21.10 9.66
C ALA G 51 -21.30 -22.57 10.04
N ASP G 52 -21.21 -22.82 11.33
CA ASP G 52 -21.14 -24.17 11.86
C ASP G 52 -22.34 -24.99 11.41
N PHE G 53 -23.55 -24.45 11.56
CA PHE G 53 -24.77 -25.14 11.09
C PHE G 53 -24.81 -25.43 9.61
N VAL G 54 -24.52 -24.44 8.77
CA VAL G 54 -24.60 -24.66 7.32
C VAL G 54 -23.58 -25.73 6.89
N SER G 55 -22.42 -25.68 7.54
CA SER G 55 -21.31 -26.60 7.31
C SER G 55 -21.68 -28.05 7.67
N TRP G 56 -22.40 -28.18 8.79
CA TRP G 56 -22.93 -29.46 9.24
C TRP G 56 -24.04 -29.94 8.34
N LEU G 57 -24.89 -29.04 7.88
CA LEU G 57 -25.94 -29.36 6.93
C LEU G 57 -25.40 -30.03 5.65
N ILE G 58 -24.36 -29.43 5.08
CA ILE G 58 -23.77 -29.90 3.85
C ILE G 58 -23.07 -31.21 4.06
N SER G 59 -22.24 -31.30 5.10
CA SER G 59 -21.44 -32.52 5.38
C SER G 59 -22.43 -33.70 5.46
N GLN G 60 -23.61 -33.34 5.91
CA GLN G 60 -24.61 -34.37 6.17
C GLN G 60 -25.29 -34.85 4.93
N LYS G 61 -25.35 -34.01 3.89
CA LYS G 61 -25.97 -34.41 2.63
C LYS G 61 -25.03 -35.37 1.88
N ASP G 62 -25.43 -36.63 1.69
CA ASP G 62 -24.55 -37.63 1.09
C ASP G 62 -24.40 -37.39 -0.40
N GLU G 63 -25.47 -36.96 -1.04
CA GLU G 63 -25.43 -36.74 -2.49
C GLU G 63 -24.49 -35.60 -2.91
N LEU G 64 -23.84 -34.99 -1.90
CA LEU G 64 -23.07 -33.75 -2.05
C LEU G 64 -21.75 -34.33 -1.64
N ALA G 65 -20.86 -34.29 -2.62
CA ALA G 65 -21.05 -35.48 -3.42
C ALA G 65 -19.80 -36.23 -3.78
N ASP G 66 -18.66 -35.81 -3.24
CA ASP G 66 -17.50 -35.38 -4.07
C ASP G 66 -17.55 -33.91 -4.68
N GLU G 67 -18.10 -32.96 -3.91
CA GLU G 67 -18.36 -31.62 -4.40
C GLU G 67 -17.42 -30.54 -3.83
N ASP G 68 -16.74 -29.82 -4.72
CA ASP G 68 -15.71 -28.85 -4.34
C ASP G 68 -16.25 -27.55 -3.75
N TYR G 69 -17.33 -27.04 -4.32
CA TYR G 69 -17.88 -25.75 -3.97
C TYR G 69 -19.37 -25.85 -3.75
N VAL G 70 -19.86 -24.91 -2.94
CA VAL G 70 -21.26 -24.79 -2.61
C VAL G 70 -21.55 -23.30 -2.62
N TRP G 71 -22.44 -22.88 -3.51
CA TRP G 71 -22.80 -21.48 -3.62
C TRP G 71 -23.53 -21.04 -2.38
N ILE G 72 -23.17 -19.84 -1.94
CA ILE G 72 -23.92 -19.08 -0.94
C ILE G 72 -24.22 -17.72 -1.59
N GLY G 73 -24.99 -16.88 -0.89
CA GLY G 73 -25.58 -15.69 -1.48
C GLY G 73 -24.72 -14.45 -1.57
N LEU G 74 -23.40 -14.63 -1.48
CA LEU G 74 -22.48 -13.51 -1.57
C LEU G 74 -22.13 -13.15 -3.02
N ARG G 75 -22.35 -11.89 -3.36
CA ARG G 75 -22.00 -11.38 -4.69
C ARG G 75 -21.55 -9.93 -4.62
N ALA G 76 -20.47 -9.61 -5.35
CA ALA G 76 -19.97 -8.23 -5.43
C ALA G 76 -20.76 -7.45 -6.46
N GLN G 77 -20.93 -6.14 -6.25
CA GLN G 77 -21.98 -5.35 -6.95
C GLN G 77 -21.33 -4.02 -7.33
N ASN G 78 -20.69 -4.09 -8.48
CA ASN G 78 -19.32 -4.50 -8.35
C ASN G 78 -18.37 -3.47 -8.87
N LYS G 79 -19.07 -2.48 -9.41
CA LYS G 79 -19.61 -2.65 -10.74
C LYS G 79 -18.69 -2.71 -11.93
N GLU G 80 -17.42 -2.42 -11.70
CA GLU G 80 -16.41 -2.54 -12.73
C GLU G 80 -16.17 -4.01 -13.13
N GLN G 81 -15.10 -4.28 -13.89
CA GLN G 81 -14.74 -5.68 -14.22
C GLN G 81 -13.93 -6.41 -13.11
N GLN G 82 -13.31 -5.58 -12.29
CA GLN G 82 -12.53 -5.99 -11.14
C GLN G 82 -12.49 -4.83 -10.17
N CYS G 83 -12.11 -5.12 -8.93
CA CYS G 83 -12.47 -4.30 -7.76
C CYS G 83 -11.44 -3.25 -7.36
N SER G 84 -10.23 -3.41 -7.88
CA SER G 84 -9.16 -2.47 -7.60
C SER G 84 -9.35 -1.23 -8.47
N SER G 85 -9.71 -0.14 -7.81
CA SER G 85 -10.23 1.05 -8.48
C SER G 85 -9.17 1.99 -9.02
N GLU G 86 -7.90 1.78 -8.65
CA GLU G 86 -6.80 2.60 -9.18
C GLU G 86 -5.57 1.76 -9.41
N TRP G 87 -4.77 2.19 -10.39
CA TRP G 87 -3.47 1.61 -10.62
C TRP G 87 -2.58 2.07 -9.50
N SER G 88 -1.43 1.42 -9.38
CA SER G 88 -0.45 1.74 -8.33
C SER G 88 0.10 3.16 -8.46
N ASP G 89 0.11 3.68 -9.69
CA ASP G 89 0.52 5.07 -9.91
C ASP G 89 -0.51 6.11 -9.44
N GLY G 90 -1.65 5.61 -8.94
CA GLY G 90 -2.67 6.46 -8.36
C GLY G 90 -3.80 6.84 -9.28
N SER G 91 -3.56 6.71 -10.58
CA SER G 91 -4.60 6.97 -11.56
C SER G 91 -5.68 5.91 -11.48
N SER G 92 -6.91 6.30 -11.79
CA SER G 92 -8.02 5.36 -11.78
C SER G 92 -7.94 4.46 -13.00
N VAL G 93 -8.54 3.28 -12.88
CA VAL G 93 -8.51 2.25 -13.90
C VAL G 93 -9.60 2.54 -14.93
N SER G 94 -9.20 2.82 -16.16
CA SER G 94 -10.15 3.17 -17.20
C SER G 94 -10.37 1.98 -18.12
N TYR G 95 -9.37 1.70 -18.95
CA TYR G 95 -9.41 0.52 -19.81
C TYR G 95 -9.24 -0.73 -18.96
N GLU G 96 -10.02 -1.78 -19.23
CA GLU G 96 -9.90 -3.02 -18.46
C GLU G 96 -9.81 -4.20 -19.42
N ASN G 97 -9.11 -5.28 -19.03
CA ASN G 97 -8.91 -6.43 -19.96
C ASN G 97 -9.00 -7.88 -19.44
N LEU G 98 -9.85 -8.17 -18.46
CA LEU G 98 -10.07 -9.56 -18.04
C LEU G 98 -11.09 -10.24 -18.95
N LEU G 101 -14.72 -14.24 -20.52
CA LEU G 101 -14.65 -13.47 -19.27
C LEU G 101 -14.86 -14.33 -18.05
N HIS G 102 -14.08 -14.08 -17.01
CA HIS G 102 -14.06 -14.94 -15.82
C HIS G 102 -13.54 -14.22 -14.58
N THR G 103 -14.34 -13.35 -14.04
CA THR G 103 -13.92 -12.72 -12.81
C THR G 103 -14.65 -13.32 -11.63
N LYS G 104 -13.96 -13.34 -10.49
CA LYS G 104 -14.37 -14.06 -9.29
C LYS G 104 -15.18 -13.22 -8.29
N LYS G 105 -16.42 -12.94 -8.71
CA LYS G 105 -17.33 -11.97 -8.05
C LYS G 105 -18.55 -12.59 -7.34
N CYS G 106 -18.46 -13.88 -7.06
CA CYS G 106 -19.48 -14.61 -6.34
C CYS G 106 -18.79 -15.42 -5.26
N GLY G 107 -19.47 -15.62 -4.13
CA GLY G 107 -18.87 -16.33 -2.99
C GLY G 107 -19.39 -17.74 -2.82
N ALA G 108 -18.47 -18.61 -2.45
CA ALA G 108 -18.75 -20.01 -2.27
C ALA G 108 -18.10 -20.57 -1.02
N LEU G 109 -18.62 -21.68 -0.53
CA LEU G 109 -17.96 -22.45 0.52
C LEU G 109 -17.18 -23.56 -0.19
N GLU G 110 -16.12 -24.03 0.44
CA GLU G 110 -15.17 -24.92 -0.22
C GLU G 110 -14.93 -26.18 0.61
N LYS G 111 -14.93 -27.32 -0.07
CA LYS G 111 -14.78 -28.62 0.58
C LYS G 111 -13.55 -28.74 1.48
N LEU G 112 -12.41 -28.34 0.93
CA LEU G 112 -11.14 -28.62 1.59
C LEU G 112 -10.86 -27.67 2.75
N THR G 113 -11.72 -26.68 2.92
CA THR G 113 -11.63 -25.80 4.07
C THR G 113 -12.88 -25.89 4.93
N GLY G 114 -13.48 -27.08 4.90
CA GLY G 114 -14.56 -27.47 5.82
C GLY G 114 -15.93 -26.84 5.66
N PHE G 115 -16.19 -26.29 4.46
CA PHE G 115 -17.41 -25.49 4.14
C PHE G 115 -17.72 -24.38 5.15
N ARG G 116 -16.70 -23.60 5.47
CA ARG G 116 -16.82 -22.55 6.45
C ARG G 116 -16.26 -21.26 5.87
N LYS G 117 -14.94 -21.24 5.61
CA LYS G 117 -14.31 -20.09 5.00
C LYS G 117 -14.88 -19.75 3.62
N TRP G 118 -15.04 -18.45 3.34
CA TRP G 118 -15.61 -17.96 2.08
C TRP G 118 -14.53 -17.80 1.03
N VAL G 119 -14.87 -18.21 -0.19
CA VAL G 119 -13.98 -18.11 -1.35
C VAL G 119 -14.70 -17.36 -2.46
N ASN G 120 -14.08 -16.29 -2.95
CA ASN G 120 -14.51 -15.65 -4.19
C ASN G 120 -14.28 -16.64 -5.33
N TYR G 121 -15.25 -16.76 -6.23
CA TYR G 121 -15.17 -17.79 -7.24
C TYR G 121 -15.99 -17.35 -8.46
N TYR G 122 -15.77 -18.00 -9.60
CA TYR G 122 -16.41 -17.62 -10.88
C TYR G 122 -17.90 -17.91 -10.89
N CYS G 123 -18.70 -16.86 -11.13
CA CYS G 123 -20.16 -16.90 -11.04
C CYS G 123 -20.84 -17.89 -12.01
N GLU G 124 -20.18 -18.14 -13.14
CA GLU G 124 -20.77 -18.97 -14.21
C GLU G 124 -20.39 -20.45 -14.08
N GLN G 125 -19.68 -20.77 -13.01
CA GLN G 125 -19.41 -22.16 -12.62
C GLN G 125 -20.61 -22.85 -11.98
N MET G 126 -20.91 -24.03 -12.48
CA MET G 126 -22.03 -24.77 -11.92
C MET G 126 -21.64 -25.53 -10.64
N HIS G 127 -22.38 -25.33 -9.56
CA HIS G 127 -22.16 -26.06 -8.32
C HIS G 127 -23.46 -26.23 -7.52
N ALA G 128 -23.44 -27.15 -6.54
CA ALA G 128 -24.47 -27.26 -5.49
C ALA G 128 -24.55 -25.95 -4.69
N PHE G 129 -25.65 -25.78 -3.99
CA PHE G 129 -25.91 -24.52 -3.28
C PHE G 129 -26.78 -24.71 -2.04
N VAL G 130 -26.80 -23.72 -1.15
CA VAL G 130 -27.69 -23.78 0.01
C VAL G 130 -28.63 -22.57 -0.02
N CYS G 131 -29.93 -22.82 0.13
CA CYS G 131 -30.91 -21.73 0.28
C CYS G 131 -31.35 -21.54 1.74
N LYS G 132 -31.71 -20.30 2.05
CA LYS G 132 -32.15 -19.89 3.37
C LYS G 132 -33.54 -19.31 3.21
N LEU G 133 -34.36 -19.51 4.23
CA LEU G 133 -35.73 -19.03 4.19
C LEU G 133 -36.22 -18.63 5.57
N LEU G 134 -37.10 -17.66 5.64
CA LEU G 134 -37.81 -17.43 6.89
C LEU G 134 -39.04 -18.33 6.83
N PRO G 135 -39.53 -18.80 7.99
CA PRO G 135 -40.68 -19.76 7.94
C PRO G 135 -42.15 -19.27 7.67
N TYR G 136 -42.79 -19.92 6.65
CA TYR G 136 -44.22 -20.03 6.16
C TYR G 136 -44.09 -20.77 4.83
N ASP H 24 14.59 13.08 -24.23
CA ASP H 24 13.53 12.05 -24.46
C ASP H 24 13.24 11.15 -23.23
N CYS H 25 13.82 9.97 -23.23
CA CYS H 25 13.81 9.09 -22.09
C CYS H 25 15.26 8.68 -21.86
N PRO H 26 15.68 8.54 -20.59
CA PRO H 26 17.06 8.10 -20.42
C PRO H 26 17.32 6.84 -21.24
N SER H 27 18.60 6.52 -21.34
CA SER H 27 19.09 5.30 -21.98
C SER H 27 18.47 4.07 -21.33
N GLY H 28 17.97 3.17 -22.17
CA GLY H 28 17.27 1.96 -21.72
C GLY H 28 15.76 2.09 -21.75
N TRP H 29 15.28 3.32 -21.71
CA TRP H 29 13.85 3.62 -21.63
C TRP H 29 13.25 3.97 -22.99
N SER H 30 12.02 3.53 -23.19
CA SER H 30 11.32 3.78 -24.45
C SER H 30 10.22 4.84 -24.25
N SER H 31 9.97 5.63 -25.28
CA SER H 31 8.96 6.65 -25.21
C SER H 31 7.68 6.19 -25.87
N TYR H 32 6.57 6.50 -25.23
CA TYR H 32 5.26 6.45 -25.86
C TYR H 32 4.32 7.42 -25.17
N GLU H 33 3.65 8.22 -25.98
CA GLU H 33 2.59 9.11 -25.53
C GLU H 33 2.96 9.90 -24.28
N GLY H 34 4.15 10.50 -24.28
CA GLY H 34 4.62 11.36 -23.18
C GLY H 34 5.20 10.68 -21.96
N HIS H 35 5.34 9.36 -22.02
CA HIS H 35 5.84 8.56 -20.89
C HIS H 35 7.03 7.71 -21.30
N CYS H 36 7.81 7.27 -20.32
CA CYS H 36 8.96 6.42 -20.55
C CYS H 36 8.71 5.06 -19.90
N TYR H 37 9.06 4.00 -20.63
CA TYR H 37 8.81 2.62 -20.25
C TYR H 37 10.12 1.80 -20.28
N LYS H 38 10.26 0.88 -19.33
CA LYS H 38 11.37 -0.06 -19.34
C LYS H 38 10.97 -1.46 -18.83
N PRO H 39 11.22 -2.48 -19.66
CA PRO H 39 11.08 -3.86 -19.22
C PRO H 39 12.30 -4.32 -18.41
N PHE H 40 12.06 -5.27 -17.49
CA PHE H 40 13.06 -5.85 -16.64
C PHE H 40 12.71 -7.32 -16.54
N ASN H 41 13.66 -8.12 -16.99
CA ASN H 41 13.57 -9.63 -16.94
C ASN H 41 14.09 -10.52 -15.79
N GLU H 42 13.68 -10.26 -14.54
CA GLU H 42 14.34 -10.71 -13.32
C GLU H 42 13.23 -10.90 -12.37
N PRO H 43 12.88 -12.13 -12.06
CA PRO H 43 11.72 -12.54 -11.25
C PRO H 43 11.74 -11.93 -9.88
N LYS H 44 10.68 -11.13 -9.66
CA LYS H 44 10.34 -10.41 -8.38
C LYS H 44 8.88 -10.56 -7.99
N ASN H 45 8.55 -10.58 -6.71
CA ASN H 45 7.14 -10.53 -6.31
C ASN H 45 6.59 -9.14 -6.62
N TRP H 46 5.27 -9.01 -6.69
CA TRP H 46 4.60 -7.76 -7.05
C TRP H 46 5.09 -6.57 -6.25
N ALA H 47 5.16 -6.73 -4.93
CA ALA H 47 5.62 -5.69 -4.01
C ALA H 47 7.07 -5.26 -4.23
N ASP H 48 7.95 -6.24 -4.40
CA ASP H 48 9.36 -5.95 -4.68
C ASP H 48 9.49 -5.25 -6.02
N ALA H 49 8.66 -5.66 -6.99
CA ALA H 49 8.64 -5.04 -8.34
C ALA H 49 8.23 -3.58 -8.28
N GLU H 50 7.09 -3.30 -7.64
CA GLU H 50 6.60 -1.93 -7.44
C GLU H 50 7.63 -0.93 -6.90
N ARG H 51 8.32 -1.29 -5.81
CA ARG H 51 9.40 -0.41 -5.35
C ARG H 51 10.46 -0.37 -6.42
N PHE H 52 10.99 -1.56 -6.72
CA PHE H 52 12.12 -1.54 -7.65
C PHE H 52 11.93 -0.33 -8.55
N CYS H 53 10.75 -0.21 -9.16
CA CYS H 53 10.36 0.89 -10.01
C CYS H 53 10.48 2.19 -9.24
N LYS H 54 9.97 2.23 -8.00
CA LYS H 54 10.00 3.41 -7.14
C LYS H 54 11.41 3.96 -6.94
N LEU H 55 12.32 3.01 -6.74
CA LEU H 55 13.71 3.35 -6.43
C LEU H 55 14.59 3.54 -7.65
N GLN H 56 13.97 3.57 -8.83
CA GLN H 56 14.69 3.94 -10.07
C GLN H 56 15.16 5.41 -10.03
N PRO H 57 16.29 5.74 -10.70
CA PRO H 57 16.84 7.10 -10.70
C PRO H 57 15.79 8.16 -11.04
N LYS H 58 15.01 7.87 -12.07
CA LYS H 58 13.75 8.57 -12.28
C LYS H 58 12.73 7.69 -11.57
N HIS H 59 12.09 8.21 -10.52
CA HIS H 59 11.13 7.40 -9.73
C HIS H 59 9.99 6.93 -10.65
N SER H 60 9.67 5.63 -10.61
CA SER H 60 8.71 5.07 -11.53
C SER H 60 7.72 4.07 -10.84
N HIS H 61 6.69 3.65 -11.55
CA HIS H 61 5.74 2.65 -11.02
C HIS H 61 5.50 1.53 -12.01
N LEU H 62 4.94 0.40 -11.56
CA LEU H 62 4.62 -0.68 -12.46
C LEU H 62 3.68 -0.17 -13.56
N VAL H 63 3.86 -0.67 -14.77
CA VAL H 63 3.15 -0.14 -15.94
C VAL H 63 1.66 -0.16 -15.63
N SER H 64 0.97 0.93 -16.01
CA SER H 64 -0.47 1.01 -15.97
C SER H 64 -0.95 1.07 -17.41
N PHE H 65 -2.19 0.63 -17.65
CA PHE H 65 -2.77 0.72 -18.98
C PHE H 65 -4.01 1.60 -18.98
N GLN H 66 -4.02 2.60 -19.84
CA GLN H 66 -5.13 3.53 -19.92
C GLN H 66 -5.91 3.37 -21.22
N SER H 67 -5.35 2.57 -22.13
CA SER H 67 -5.94 2.32 -23.44
C SER H 67 -5.44 1.02 -24.06
N ALA H 68 -6.22 0.46 -24.98
CA ALA H 68 -5.81 -0.75 -25.74
C ALA H 68 -4.49 -0.53 -26.49
N GLU H 69 -4.38 0.65 -27.11
CA GLU H 69 -3.26 1.07 -27.95
C GLU H 69 -1.97 1.07 -27.15
N GLU H 70 -2.05 1.56 -25.90
CA GLU H 70 -0.91 1.59 -24.98
C GLU H 70 -0.50 0.20 -24.55
N ALA H 71 -1.49 -0.67 -24.29
CA ALA H 71 -1.23 -2.08 -24.06
C ALA H 71 -0.56 -2.79 -25.24
N ASP H 72 -1.05 -2.53 -26.45
CA ASP H 72 -0.45 -3.05 -27.69
C ASP H 72 1.00 -2.63 -27.88
N PHE H 73 1.29 -1.39 -27.47
CA PHE H 73 2.65 -0.83 -27.56
C PHE H 73 3.58 -1.50 -26.56
N VAL H 74 3.09 -1.70 -25.33
CA VAL H 74 3.89 -2.25 -24.27
C VAL H 74 4.23 -3.72 -24.53
N VAL H 75 3.33 -4.52 -25.11
CA VAL H 75 3.81 -5.90 -25.40
C VAL H 75 4.71 -5.94 -26.61
N LYS H 76 4.67 -4.91 -27.46
CA LYS H 76 5.65 -4.73 -28.54
C LYS H 76 7.06 -4.59 -27.91
N LEU H 77 7.14 -3.85 -26.80
CA LEU H 77 8.35 -3.66 -26.00
C LEU H 77 8.80 -4.92 -25.26
N THR H 78 7.86 -5.65 -24.69
CA THR H 78 8.16 -6.79 -23.85
C THR H 78 8.68 -7.93 -24.67
N ARG H 79 8.15 -8.09 -25.87
CA ARG H 79 8.41 -9.22 -26.74
C ARG H 79 9.90 -9.59 -26.97
N PRO H 80 10.73 -8.63 -27.38
CA PRO H 80 12.11 -8.92 -27.67
C PRO H 80 12.86 -9.67 -26.58
N ARG H 81 12.75 -9.17 -25.36
CA ARG H 81 13.56 -9.67 -24.22
C ARG H 81 12.74 -10.40 -23.12
N LEU H 82 11.60 -9.85 -22.78
CA LEU H 82 10.74 -10.44 -21.74
C LEU H 82 9.88 -11.64 -22.14
N LYS H 83 9.54 -11.77 -23.42
CA LYS H 83 8.98 -13.07 -23.90
C LYS H 83 9.51 -14.40 -23.59
N ALA H 84 8.34 -15.01 -23.63
CA ALA H 84 7.21 -15.10 -22.73
C ALA H 84 7.12 -15.42 -21.23
N ASN H 85 7.61 -14.49 -20.45
CA ASN H 85 7.52 -14.51 -18.98
C ASN H 85 6.24 -13.81 -18.64
N LEU H 86 5.67 -14.15 -17.50
CA LEU H 86 4.60 -13.34 -16.95
C LEU H 86 5.22 -12.01 -16.52
N VAL H 87 4.49 -10.92 -16.70
CA VAL H 87 5.01 -9.57 -16.44
C VAL H 87 4.06 -8.84 -15.50
N TRP H 88 4.55 -8.30 -14.40
CA TRP H 88 3.66 -7.57 -13.54
C TRP H 88 3.14 -6.31 -14.18
N MET H 89 1.85 -6.03 -13.99
CA MET H 89 1.32 -4.71 -14.27
C MET H 89 0.95 -4.10 -12.93
N GLY H 90 0.52 -2.84 -12.92
CA GLY H 90 0.32 -2.13 -11.64
C GLY H 90 -0.97 -2.34 -10.83
N LEU H 91 -1.51 -3.56 -10.83
CA LEU H 91 -2.75 -3.85 -10.08
C LEU H 91 -2.56 -4.93 -9.05
N SER H 92 -2.77 -4.56 -7.80
CA SER H 92 -2.68 -5.49 -6.67
C SER H 92 -3.96 -5.51 -5.85
N ASN H 93 -4.15 -6.57 -5.06
CA ASN H 93 -5.33 -6.79 -4.20
C ASN H 93 -6.66 -6.62 -4.94
N ILE H 94 -6.79 -7.38 -6.02
CA ILE H 94 -7.78 -7.10 -7.05
C ILE H 94 -9.17 -7.52 -6.63
N TRP H 95 -9.25 -8.35 -5.59
CA TRP H 95 -10.52 -8.82 -5.06
C TRP H 95 -10.60 -8.35 -3.62
N HIS H 96 -10.08 -7.18 -3.32
CA HIS H 96 -10.31 -6.61 -2.02
C HIS H 96 -11.61 -5.77 -1.90
N GLY H 97 -11.56 -4.58 -2.47
CA GLY H 97 -12.61 -3.60 -2.22
C GLY H 97 -13.79 -3.70 -3.14
N CYS H 98 -14.31 -4.91 -3.31
CA CYS H 98 -15.50 -5.16 -4.10
C CYS H 98 -16.64 -4.80 -3.21
N ASN H 99 -17.77 -4.37 -3.79
CA ASN H 99 -18.92 -4.08 -2.98
C ASN H 99 -19.62 -5.42 -2.71
N TRP H 100 -19.14 -6.16 -1.70
CA TRP H 100 -19.72 -7.46 -1.36
C TRP H 100 -21.03 -7.27 -0.60
N GLN H 101 -22.04 -8.05 -0.94
CA GLN H 101 -23.36 -7.95 -0.33
C GLN H 101 -24.03 -9.30 -0.34
N TRP H 102 -24.91 -9.54 0.64
CA TRP H 102 -25.77 -10.74 0.65
C TRP H 102 -26.93 -10.53 -0.29
N SER H 103 -27.31 -11.61 -0.98
CA SER H 103 -28.38 -11.56 -1.97
C SER H 103 -29.72 -11.26 -1.32
N ASP H 104 -29.84 -11.59 -0.03
CA ASP H 104 -31.08 -11.31 0.72
C ASP H 104 -31.12 -9.89 1.29
N GLY H 105 -30.02 -9.17 1.14
CA GLY H 105 -29.94 -7.76 1.56
C GLY H 105 -29.57 -7.56 3.01
N ALA H 106 -29.15 -8.64 3.66
CA ALA H 106 -28.67 -8.58 5.05
C ALA H 106 -27.25 -8.02 5.10
N ARG H 107 -26.92 -7.35 6.20
CA ARG H 107 -25.65 -6.64 6.32
C ARG H 107 -24.48 -7.59 6.33
N LEU H 108 -23.45 -7.26 5.56
CA LEU H 108 -22.16 -7.94 5.72
C LEU H 108 -21.49 -7.40 6.98
N ASN H 109 -21.97 -7.82 8.15
CA ASN H 109 -21.40 -7.44 9.42
C ASN H 109 -20.41 -8.51 9.93
N TYR H 110 -20.86 -9.73 10.13
CA TYR H 110 -19.95 -10.86 10.34
C TYR H 110 -19.17 -11.16 9.05
N LYS H 111 -17.86 -11.39 9.21
CA LYS H 111 -16.98 -11.62 8.06
C LYS H 111 -16.10 -12.86 8.27
N ASP H 112 -15.78 -13.57 7.18
CA ASP H 112 -14.92 -14.79 7.21
C ASP H 112 -14.26 -15.11 5.84
N TRP H 113 -13.33 -14.24 5.43
CA TRP H 113 -12.71 -14.31 4.12
C TRP H 113 -11.48 -15.14 4.04
N GLN H 114 -10.83 -15.01 2.88
CA GLN H 114 -9.53 -15.62 2.66
C GLN H 114 -8.56 -14.71 3.18
N GLU H 115 -7.48 -15.37 3.58
CA GLU H 115 -6.20 -14.79 3.53
C GLU H 115 -5.51 -15.22 2.22
N GLN H 116 -5.82 -14.50 1.15
CA GLN H 116 -5.00 -14.55 -0.07
C GLN H 116 -5.05 -13.21 -0.78
N SER H 117 -4.00 -12.90 -1.55
CA SER H 117 -3.94 -11.60 -2.25
C SER H 117 -3.58 -11.82 -3.72
N GLU H 118 -4.38 -11.26 -4.62
CA GLU H 118 -4.10 -11.46 -6.03
C GLU H 118 -3.68 -10.15 -6.70
N CYS H 119 -2.78 -10.30 -7.65
CA CYS H 119 -2.23 -9.23 -8.46
C CYS H 119 -2.33 -9.60 -9.94
N LEU H 120 -2.24 -8.59 -10.80
CA LEU H 120 -2.44 -8.80 -12.23
C LEU H 120 -1.16 -8.74 -13.06
N ALA H 121 -1.10 -9.62 -14.07
CA ALA H 121 0.06 -9.75 -14.93
C ALA H 121 -0.44 -10.08 -16.34
N PHE H 122 0.45 -10.02 -17.31
CA PHE H 122 0.23 -10.41 -18.67
C PHE H 122 1.40 -11.20 -19.22
N ARG H 123 1.21 -12.02 -20.25
CA ARG H 123 2.39 -12.74 -20.85
C ARG H 123 3.15 -11.75 -21.71
N GLY H 124 4.47 -11.95 -21.85
CA GLY H 124 5.32 -11.07 -22.62
C GLY H 124 4.93 -10.98 -24.10
N VAL H 125 3.92 -11.79 -24.46
CA VAL H 125 3.54 -12.08 -25.86
C VAL H 125 2.11 -11.62 -26.26
N HIS H 126 1.16 -11.64 -25.30
CA HIS H 126 -0.23 -11.23 -25.56
C HIS H 126 -0.75 -10.14 -24.58
N THR H 127 -1.90 -9.55 -24.88
CA THR H 127 -2.41 -8.43 -24.09
C THR H 127 -3.36 -8.90 -22.99
N GLU H 128 -3.68 -10.18 -23.00
CA GLU H 128 -4.55 -10.79 -22.00
C GLU H 128 -3.95 -10.67 -20.60
N TRP H 129 -4.80 -10.39 -19.62
CA TRP H 129 -4.38 -10.26 -18.22
C TRP H 129 -4.59 -11.59 -17.49
N LEU H 130 -3.85 -11.77 -16.39
CA LEU H 130 -3.83 -13.00 -15.66
C LEU H 130 -3.74 -12.64 -14.20
N ASN H 131 -4.63 -13.22 -13.40
CA ASN H 131 -4.62 -13.08 -11.95
C ASN H 131 -3.69 -14.08 -11.28
N MET H 132 -2.80 -13.57 -10.44
CA MET H 132 -1.73 -14.35 -9.86
C MET H 132 -1.66 -14.02 -8.38
N ASP H 133 -1.20 -15.00 -7.60
CA ASP H 133 -0.84 -14.74 -6.20
C ASP H 133 0.24 -13.65 -6.10
N CYS H 134 0.01 -12.61 -5.31
CA CYS H 134 0.94 -11.48 -5.28
C CYS H 134 2.38 -11.85 -4.89
N SER H 135 2.53 -13.00 -4.27
CA SER H 135 3.86 -13.40 -3.79
C SER H 135 4.60 -14.30 -4.77
N SER H 136 4.02 -14.49 -5.93
CA SER H 136 4.77 -15.16 -6.98
C SER H 136 5.74 -14.16 -7.60
N THR H 137 6.59 -14.72 -8.44
CA THR H 137 7.75 -14.03 -8.91
C THR H 137 7.73 -14.00 -10.43
N CYS H 138 7.90 -12.80 -11.00
CA CYS H 138 7.55 -12.48 -12.37
C CYS H 138 8.40 -11.28 -12.85
N SER H 139 8.50 -11.08 -14.17
CA SER H 139 9.17 -9.88 -14.70
C SER H 139 8.21 -8.69 -14.57
N PHE H 140 8.62 -7.51 -14.98
CA PHE H 140 7.79 -6.31 -14.84
C PHE H 140 8.30 -5.22 -15.79
N VAL H 141 7.48 -4.18 -15.95
CA VAL H 141 7.81 -2.97 -16.73
C VAL H 141 7.55 -1.78 -15.82
N CYS H 142 8.52 -0.87 -15.77
CA CYS H 142 8.31 0.42 -15.09
C CYS H 142 7.89 1.49 -16.10
N LYS H 143 7.26 2.54 -15.58
CA LYS H 143 6.70 3.62 -16.39
C LYS H 143 6.73 4.94 -15.59
N PHE H 144 7.14 6.04 -16.22
CA PHE H 144 6.91 7.36 -15.62
C PHE H 144 6.52 8.35 -16.70
N LYS H 145 5.93 9.47 -16.30
CA LYS H 145 5.65 10.54 -17.25
C LYS H 145 6.92 11.36 -17.46
N ALA H 146 7.18 11.70 -18.71
CA ALA H 146 8.43 12.38 -19.06
C ALA H 146 8.43 13.86 -18.68
N LEU I 2 33.16 -8.42 -55.69
CA LEU I 2 32.44 -9.32 -56.63
C LEU I 2 31.50 -8.51 -57.54
N GLU I 3 31.41 -8.89 -58.80
CA GLU I 3 30.72 -8.08 -59.78
C GLU I 3 29.47 -8.77 -60.32
N ASP I 4 29.04 -9.83 -59.66
CA ASP I 4 28.01 -10.70 -60.24
C ASP I 4 26.58 -10.31 -59.83
N CYS I 5 26.46 -9.62 -58.70
CA CYS I 5 25.15 -9.25 -58.20
C CYS I 5 24.57 -8.00 -58.83
N ASP I 6 23.26 -7.94 -58.75
CA ASP I 6 22.53 -6.80 -59.24
C ASP I 6 22.27 -5.80 -58.14
N PHE I 7 22.14 -4.55 -58.55
CA PHE I 7 21.74 -3.46 -57.68
C PHE I 7 20.44 -3.79 -56.96
N GLY I 8 20.28 -3.16 -55.80
CA GLY I 8 19.18 -3.49 -54.88
C GLY I 8 19.61 -4.66 -54.02
N TRP I 9 19.89 -5.79 -54.69
CA TRP I 9 20.63 -6.92 -54.12
C TRP I 9 22.11 -6.60 -54.25
N SER I 10 22.88 -7.13 -53.29
CA SER I 10 24.28 -6.83 -53.08
C SER I 10 25.13 -8.13 -53.01
N PRO I 11 26.45 -7.98 -53.18
CA PRO I 11 27.32 -9.13 -53.41
C PRO I 11 28.00 -9.66 -52.14
N TYR I 12 27.97 -10.99 -51.94
CA TYR I 12 28.85 -11.63 -50.95
C TYR I 12 29.10 -13.12 -51.09
N ASP I 13 30.27 -13.48 -51.57
CA ASP I 13 30.72 -14.88 -51.78
C ASP I 13 29.76 -15.92 -52.35
N GLN I 14 29.81 -16.10 -53.68
CA GLN I 14 28.90 -17.00 -54.43
C GLN I 14 27.45 -16.54 -54.61
N HIS I 15 26.96 -15.68 -53.73
CA HIS I 15 25.54 -15.34 -53.76
C HIS I 15 25.23 -13.86 -53.90
N CYS I 16 24.02 -13.61 -54.36
CA CYS I 16 23.42 -12.31 -54.18
C CYS I 16 22.61 -12.31 -52.88
N TYR I 17 22.69 -11.19 -52.16
CA TYR I 17 22.09 -11.08 -50.83
C TYR I 17 21.35 -9.79 -50.63
N GLN I 18 20.36 -9.81 -49.75
CA GLN I 18 19.70 -8.56 -49.51
C GLN I 18 18.75 -8.54 -48.34
N ALA I 19 18.60 -7.34 -47.78
CA ALA I 19 17.67 -7.14 -46.71
C ALA I 19 16.59 -6.18 -47.15
N PHE I 20 15.43 -6.31 -46.53
CA PHE I 20 14.37 -5.48 -47.00
C PHE I 20 13.72 -4.65 -45.94
N ASN I 21 13.13 -3.58 -46.42
CA ASN I 21 12.51 -2.56 -45.59
C ASN I 21 11.07 -2.83 -45.10
N GLU I 22 10.29 -3.60 -45.86
CA GLU I 22 8.87 -3.76 -45.53
C GLU I 22 8.49 -5.05 -44.80
N GLN I 23 7.42 -4.90 -44.03
CA GLN I 23 6.87 -5.98 -43.25
C GLN I 23 5.97 -6.86 -44.06
N LYS I 24 6.35 -8.12 -44.12
CA LYS I 24 5.50 -9.15 -44.65
C LYS I 24 5.39 -10.21 -43.57
N THR I 25 4.40 -11.09 -43.74
CA THR I 25 4.34 -12.40 -43.09
C THR I 25 5.33 -13.29 -43.75
N TRP I 26 5.97 -14.18 -43.00
CA TRP I 26 7.06 -15.03 -43.49
C TRP I 26 6.74 -15.67 -44.86
N ASP I 27 5.50 -16.11 -45.03
CA ASP I 27 5.12 -16.73 -46.29
C ASP I 27 4.87 -15.71 -47.39
N GLU I 28 4.29 -14.57 -47.04
CA GLU I 28 4.17 -13.44 -47.95
C GLU I 28 5.56 -13.05 -48.45
N ALA I 29 6.45 -12.89 -47.48
CA ALA I 29 7.84 -12.46 -47.66
C ALA I 29 8.61 -13.43 -48.55
N GLU I 30 8.51 -14.72 -48.23
CA GLU I 30 9.06 -15.79 -49.06
C GLU I 30 8.61 -15.67 -50.50
N LYS I 31 7.30 -15.55 -50.68
CA LYS I 31 6.66 -15.34 -51.98
C LYS I 31 7.20 -14.12 -52.72
N PHE I 32 7.41 -13.04 -51.97
CA PHE I 32 8.01 -11.82 -52.52
C PHE I 32 9.40 -12.14 -53.04
N CYS I 33 10.17 -12.87 -52.24
CA CYS I 33 11.50 -13.31 -52.61
C CYS I 33 11.48 -14.11 -53.91
N ARG I 34 10.62 -15.13 -53.98
CA ARG I 34 10.46 -15.90 -55.22
C ARG I 34 9.93 -15.07 -56.38
N ALA I 35 9.12 -14.08 -56.04
CA ALA I 35 8.52 -13.20 -57.03
C ALA I 35 9.57 -12.30 -57.65
N GLN I 36 10.64 -12.02 -56.87
CA GLN I 36 11.78 -11.16 -57.29
C GLN I 36 12.99 -11.90 -57.92
N GLU I 37 12.82 -12.42 -59.13
CA GLU I 37 13.11 -13.78 -59.39
C GLU I 37 14.25 -14.03 -60.34
N ASN I 38 15.22 -14.83 -59.91
CA ASN I 38 15.64 -15.90 -60.75
C ASN I 38 14.88 -16.92 -59.94
N GLY I 39 15.57 -17.50 -58.99
CA GLY I 39 15.00 -18.59 -58.23
C GLY I 39 15.32 -18.06 -56.88
N ALA I 40 14.66 -16.96 -56.52
CA ALA I 40 15.15 -16.30 -55.32
C ALA I 40 14.33 -16.71 -54.12
N HIS I 41 14.94 -16.81 -52.94
CA HIS I 41 14.24 -17.32 -51.74
C HIS I 41 14.57 -16.50 -50.52
N LEU I 42 13.78 -16.66 -49.45
CA LEU I 42 14.22 -16.19 -48.13
C LEU I 42 15.55 -16.83 -47.81
N ALA I 43 16.36 -16.12 -47.04
CA ALA I 43 17.76 -16.44 -46.88
C ALA I 43 18.04 -17.74 -46.10
N SER I 44 19.21 -18.31 -46.37
CA SER I 44 19.74 -19.41 -45.60
C SER I 44 21.00 -18.90 -44.91
N ILE I 45 21.51 -19.61 -43.92
CA ILE I 45 22.79 -19.20 -43.41
C ILE I 45 23.64 -20.42 -43.45
N GLU I 46 24.26 -20.73 -44.57
CA GLU I 46 25.03 -21.97 -44.55
C GLU I 46 26.54 -21.84 -44.30
N SER I 47 26.90 -20.91 -43.42
CA SER I 47 28.23 -20.83 -42.80
C SER I 47 28.30 -19.69 -41.78
N ASN I 48 29.36 -19.72 -40.96
CA ASN I 48 29.54 -18.70 -39.94
C ASN I 48 30.05 -17.38 -40.52
N GLY I 49 30.86 -17.47 -41.57
CA GLY I 49 31.41 -16.29 -42.25
C GLY I 49 30.35 -15.52 -43.03
N GLU I 50 29.40 -16.26 -43.60
CA GLU I 50 28.28 -15.66 -44.29
C GLU I 50 27.34 -15.05 -43.26
N ALA I 51 27.00 -15.81 -42.22
CA ALA I 51 26.20 -15.29 -41.11
C ALA I 51 26.73 -13.96 -40.55
N ASP I 52 28.06 -13.87 -40.45
CA ASP I 52 28.74 -12.64 -40.09
C ASP I 52 28.67 -11.57 -41.17
N PHE I 53 28.38 -11.97 -42.41
CA PHE I 53 28.27 -11.01 -43.47
C PHE I 53 26.91 -10.40 -43.63
N VAL I 54 25.89 -11.00 -43.02
CA VAL I 54 24.54 -10.45 -43.05
C VAL I 54 24.36 -9.32 -42.02
N SER I 55 25.41 -8.98 -41.27
CA SER I 55 25.31 -8.14 -40.07
C SER I 55 25.10 -6.65 -40.29
N TRP I 56 25.98 -6.05 -41.09
CA TRP I 56 25.84 -4.71 -41.55
C TRP I 56 25.19 -4.90 -42.89
N LEU I 57 23.91 -5.21 -42.90
CA LEU I 57 23.12 -5.09 -44.15
C LEU I 57 21.82 -4.35 -43.91
N ILE I 58 21.00 -4.90 -43.01
CA ILE I 58 19.67 -4.35 -42.75
C ILE I 58 19.74 -2.94 -42.16
N SER I 59 20.95 -2.42 -42.04
CA SER I 59 21.19 -1.16 -41.40
C SER I 59 20.82 -0.08 -42.38
N GLN I 60 19.85 -0.33 -43.24
CA GLN I 60 19.43 0.75 -44.10
C GLN I 60 18.05 1.29 -43.75
N LYS I 61 17.06 0.43 -43.76
CA LYS I 61 15.76 1.04 -43.69
C LYS I 61 15.06 1.01 -42.36
N ASP I 68 13.02 -4.74 -35.83
CA ASP I 68 13.01 -5.59 -34.64
C ASP I 68 13.22 -7.08 -34.91
N TYR I 69 12.65 -7.58 -36.00
CA TYR I 69 12.81 -8.97 -36.41
C TYR I 69 13.12 -9.02 -37.90
N VAL I 70 13.83 -10.05 -38.31
CA VAL I 70 14.14 -10.19 -39.71
C VAL I 70 14.02 -11.65 -40.10
N TRP I 71 13.00 -11.98 -40.90
CA TRP I 71 12.81 -13.36 -41.30
C TRP I 71 13.89 -13.90 -42.18
N ILE I 72 13.93 -15.20 -42.13
CA ILE I 72 14.79 -15.93 -42.98
C ILE I 72 14.03 -17.15 -43.49
N GLY I 73 14.71 -18.00 -44.25
CA GLY I 73 14.03 -19.14 -44.88
C GLY I 73 13.74 -20.33 -43.99
N LEU I 74 13.92 -20.18 -42.69
CA LEU I 74 13.75 -21.29 -41.76
C LEU I 74 12.30 -21.46 -41.30
N ARG I 75 11.78 -22.67 -41.46
CA ARG I 75 10.42 -22.98 -41.01
C ARG I 75 10.26 -24.45 -40.67
N ALA I 76 9.48 -24.75 -39.63
CA ALA I 76 9.22 -26.14 -39.25
C ALA I 76 8.08 -26.74 -40.06
N GLN I 77 8.17 -28.04 -40.36
CA GLN I 77 7.23 -28.75 -41.23
C GLN I 77 7.01 -29.99 -40.41
N ASN I 78 5.98 -29.91 -39.58
CA ASN I 78 6.31 -29.52 -38.23
C ASN I 78 5.76 -30.39 -37.13
N LYS I 79 5.08 -31.44 -37.60
CA LYS I 79 3.72 -31.33 -38.13
C LYS I 79 2.52 -31.04 -37.24
N GLU I 80 2.55 -31.51 -36.01
CA GLU I 80 1.53 -31.07 -35.06
C GLU I 80 1.74 -29.59 -34.67
N GLN I 81 1.04 -29.15 -33.63
CA GLN I 81 1.01 -27.74 -33.21
C GLN I 81 2.18 -27.30 -32.32
N GLN I 82 2.81 -28.30 -31.70
CA GLN I 82 4.07 -28.11 -31.00
C GLN I 82 4.94 -29.35 -31.24
N CYS I 83 6.24 -29.21 -31.04
CA CYS I 83 7.20 -30.11 -31.67
C CYS I 83 7.65 -31.31 -30.83
N SER I 84 7.32 -31.29 -29.55
CA SER I 84 7.67 -32.38 -28.66
C SER I 84 6.74 -33.60 -28.78
N SER I 85 7.34 -34.75 -29.04
CA SER I 85 6.55 -35.93 -29.28
C SER I 85 6.37 -36.81 -28.04
N GLU I 86 6.94 -36.41 -26.90
CA GLU I 86 7.02 -37.28 -25.74
C GLU I 86 6.86 -36.47 -24.46
N TRP I 87 6.00 -36.95 -23.56
CA TRP I 87 5.88 -36.39 -22.22
C TRP I 87 7.10 -36.80 -21.42
N SER I 88 7.35 -36.09 -20.33
CA SER I 88 8.50 -36.34 -19.46
C SER I 88 8.52 -37.74 -18.83
N ASP I 89 7.35 -38.37 -18.76
CA ASP I 89 7.22 -39.73 -18.25
C ASP I 89 7.51 -40.81 -19.30
N GLY I 90 7.76 -40.38 -20.53
CA GLY I 90 8.07 -41.31 -21.61
C GLY I 90 6.91 -41.57 -22.54
N SER I 91 5.68 -41.38 -22.04
CA SER I 91 4.49 -41.54 -22.87
C SER I 91 4.52 -40.58 -24.06
N SER I 92 3.77 -40.91 -25.10
CA SER I 92 3.69 -40.06 -26.29
C SER I 92 2.49 -39.11 -26.25
N VAL I 93 2.68 -37.96 -26.88
CA VAL I 93 1.73 -36.85 -26.85
C VAL I 93 0.58 -37.10 -27.82
N SER I 94 -0.60 -37.32 -27.27
CA SER I 94 -1.79 -37.55 -28.08
C SER I 94 -2.66 -36.29 -28.08
N TYR I 95 -3.29 -36.02 -26.95
CA TYR I 95 -4.10 -34.84 -26.77
C TYR I 95 -3.22 -33.59 -26.78
N GLU I 96 -3.74 -32.54 -27.41
CA GLU I 96 -3.04 -31.27 -27.48
C GLU I 96 -3.99 -30.10 -27.26
N ASN I 97 -3.46 -28.97 -26.80
CA ASN I 97 -4.28 -27.79 -26.55
C ASN I 97 -3.58 -26.44 -26.82
N LEU I 98 -3.10 -26.21 -28.04
CA LEU I 98 -2.45 -24.94 -28.33
C LEU I 98 -3.19 -24.11 -29.36
N LEU I 101 -4.09 -19.77 -32.89
CA LEU I 101 -2.85 -20.54 -32.76
C LEU I 101 -1.67 -19.62 -32.52
N HIS I 102 -1.25 -19.48 -31.28
CA HIS I 102 -0.07 -18.71 -31.04
C HIS I 102 1.03 -19.73 -30.95
N THR I 103 1.31 -20.36 -32.09
CA THR I 103 2.44 -21.26 -32.20
C THR I 103 3.55 -20.51 -32.93
N LYS I 104 4.78 -20.95 -32.77
CA LYS I 104 5.92 -20.17 -33.26
C LYS I 104 6.71 -21.00 -34.25
N LYS I 105 6.17 -21.14 -35.46
CA LYS I 105 6.67 -22.16 -36.39
C LYS I 105 7.56 -21.70 -37.56
N CYS I 106 7.88 -20.40 -37.64
CA CYS I 106 8.93 -19.93 -38.55
C CYS I 106 10.05 -19.14 -37.85
N GLY I 107 11.14 -18.99 -38.58
CA GLY I 107 12.38 -18.44 -38.02
C GLY I 107 12.71 -17.04 -38.42
N ALA I 108 13.25 -16.31 -37.45
CA ALA I 108 13.67 -14.96 -37.67
C ALA I 108 14.92 -14.62 -36.86
N LEU I 109 15.42 -13.44 -37.10
CA LEU I 109 16.53 -12.93 -36.33
C LEU I 109 15.97 -11.90 -35.38
N GLU I 110 16.15 -12.13 -34.06
CA GLU I 110 15.81 -11.17 -33.02
C GLU I 110 16.60 -9.88 -33.22
N LYS I 111 15.86 -8.77 -33.26
CA LYS I 111 16.44 -7.43 -33.42
C LYS I 111 17.69 -7.22 -32.56
N LEU I 112 17.75 -7.92 -31.42
CA LEU I 112 18.61 -7.53 -30.35
C LEU I 112 19.59 -8.60 -29.92
N THR I 113 19.82 -9.60 -30.76
CA THR I 113 21.01 -10.42 -30.50
C THR I 113 22.12 -9.96 -31.46
N GLY I 114 21.77 -8.96 -32.27
CA GLY I 114 22.52 -8.54 -33.42
C GLY I 114 22.30 -9.48 -34.59
N PHE I 115 21.11 -10.06 -34.67
CA PHE I 115 20.76 -10.69 -35.91
C PHE I 115 21.63 -11.91 -36.20
N ARG I 116 22.12 -12.55 -35.15
CA ARG I 116 23.06 -13.62 -35.34
C ARG I 116 22.41 -14.94 -35.01
N LYS I 117 21.83 -15.01 -33.83
CA LYS I 117 21.13 -16.22 -33.43
C LYS I 117 19.71 -16.25 -33.99
N TRP I 118 19.26 -17.47 -34.25
CA TRP I 118 17.92 -17.69 -34.76
C TRP I 118 16.90 -17.85 -33.65
N VAL I 119 15.70 -17.34 -33.93
CA VAL I 119 14.58 -17.42 -33.03
C VAL I 119 13.39 -17.98 -33.80
N ASN I 120 12.73 -18.98 -33.25
CA ASN I 120 11.37 -19.23 -33.69
C ASN I 120 10.65 -17.94 -33.31
N TYR I 121 10.16 -17.20 -34.31
CA TYR I 121 9.17 -16.15 -34.05
C TYR I 121 7.80 -16.62 -34.56
N TYR I 122 6.79 -15.80 -34.41
CA TYR I 122 5.48 -16.17 -34.94
C TYR I 122 5.55 -16.07 -36.46
N CYS I 123 5.01 -17.07 -37.15
CA CYS I 123 4.96 -17.03 -38.63
C CYS I 123 4.15 -15.85 -39.22
N GLU I 124 3.18 -15.34 -38.46
CA GLU I 124 2.13 -14.45 -38.97
C GLU I 124 2.30 -12.96 -38.67
N GLN I 125 3.39 -12.62 -38.00
CA GLN I 125 3.70 -11.24 -37.71
C GLN I 125 4.21 -10.58 -38.97
N MET I 126 3.80 -9.35 -39.25
CA MET I 126 4.31 -8.62 -40.42
C MET I 126 5.60 -7.98 -40.03
N HIS I 127 6.70 -8.44 -40.61
CA HIS I 127 7.97 -7.79 -40.36
C HIS I 127 8.88 -7.76 -41.55
N ALA I 128 10.14 -7.49 -41.29
CA ALA I 128 11.14 -7.34 -42.30
C ALA I 128 11.80 -8.68 -42.59
N PHE I 129 12.32 -8.84 -43.80
CA PHE I 129 12.93 -10.11 -44.20
C PHE I 129 14.20 -9.89 -45.02
N VAL I 130 14.99 -10.95 -45.20
CA VAL I 130 16.16 -10.89 -46.09
C VAL I 130 16.04 -11.99 -47.15
N CYS I 131 16.20 -11.64 -48.43
CA CYS I 131 16.16 -12.63 -49.52
C CYS I 131 17.57 -12.90 -50.07
N LYS I 132 17.82 -14.16 -50.44
CA LYS I 132 19.09 -14.60 -51.02
C LYS I 132 18.92 -15.16 -52.44
N LEU I 133 19.82 -14.71 -53.32
CA LEU I 133 19.92 -15.13 -54.71
C LEU I 133 21.34 -15.63 -55.00
N LEU I 134 21.46 -16.59 -55.89
CA LEU I 134 22.75 -17.09 -56.31
C LEU I 134 22.98 -16.56 -57.71
N PRO I 135 24.10 -15.83 -57.92
CA PRO I 135 24.28 -15.23 -59.26
C PRO I 135 24.31 -16.21 -60.42
N TYR I 136 23.82 -15.74 -61.55
CA TYR I 136 23.58 -16.57 -62.71
C TYR I 136 22.69 -15.71 -63.59
N ASP J 24 -4.48 -47.51 -2.06
CA ASP J 24 -5.01 -46.65 -3.17
C ASP J 24 -3.97 -45.59 -3.58
N CYS J 25 -4.02 -44.44 -2.95
CA CYS J 25 -2.97 -43.45 -3.06
C CYS J 25 -2.63 -43.05 -1.64
N PRO J 26 -1.36 -42.68 -1.40
CA PRO J 26 -1.06 -42.14 -0.07
C PRO J 26 -1.77 -40.82 0.23
N SER J 27 -1.79 -40.46 1.51
CA SER J 27 -2.40 -39.22 1.98
C SER J 27 -1.89 -38.02 1.19
N GLY J 28 -2.81 -37.15 0.76
CA GLY J 28 -2.46 -35.98 -0.02
C GLY J 28 -2.53 -36.18 -1.52
N TRP J 29 -2.56 -37.45 -1.95
CA TRP J 29 -2.65 -37.84 -3.37
C TRP J 29 -4.08 -38.24 -3.72
N SER J 30 -4.45 -38.02 -4.97
CA SER J 30 -5.80 -38.33 -5.40
C SER J 30 -5.75 -39.29 -6.59
N SER J 31 -6.57 -40.31 -6.51
CA SER J 31 -6.65 -41.30 -7.58
C SER J 31 -7.61 -40.85 -8.66
N TYR J 32 -7.30 -41.30 -9.86
CA TYR J 32 -8.19 -41.27 -10.98
C TYR J 32 -7.54 -42.12 -12.05
N GLU J 33 -8.32 -42.99 -12.68
CA GLU J 33 -7.86 -43.82 -13.79
C GLU J 33 -6.56 -44.57 -13.45
N GLY J 34 -6.55 -45.23 -12.29
CA GLY J 34 -5.40 -46.02 -11.82
C GLY J 34 -4.13 -45.25 -11.44
N HIS J 35 -4.17 -43.94 -11.62
CA HIS J 35 -3.04 -43.09 -11.27
C HIS J 35 -3.31 -42.27 -10.01
N CYS J 36 -2.25 -41.63 -9.49
CA CYS J 36 -2.37 -40.79 -8.33
C CYS J 36 -1.79 -39.43 -8.70
N TYR J 37 -2.44 -38.38 -8.18
CA TYR J 37 -2.11 -37.01 -8.52
C TYR J 37 -1.94 -36.15 -7.27
N LYS J 38 -1.01 -35.21 -7.31
CA LYS J 38 -0.86 -34.22 -6.24
C LYS J 38 -0.47 -32.82 -6.78
N PRO J 39 -1.19 -31.79 -6.32
CA PRO J 39 -0.71 -30.43 -6.57
C PRO J 39 0.32 -29.99 -5.53
N PHE J 40 1.31 -29.21 -5.98
CA PHE J 40 2.31 -28.62 -5.14
C PHE J 40 2.33 -27.16 -5.47
N ASN J 41 1.99 -26.38 -4.42
CA ASN J 41 1.87 -24.95 -4.51
C ASN J 41 3.21 -24.35 -4.15
N GLU J 42 4.16 -24.36 -5.06
CA GLU J 42 5.47 -23.94 -4.68
C GLU J 42 6.17 -23.59 -5.96
N PRO J 43 6.28 -22.29 -6.22
CA PRO J 43 6.90 -21.87 -7.48
C PRO J 43 8.27 -22.54 -7.62
N LYS J 44 8.40 -23.37 -8.64
CA LYS J 44 9.69 -23.91 -9.09
C LYS J 44 9.82 -23.83 -10.61
N ASN J 45 11.05 -23.74 -11.11
CA ASN J 45 11.23 -23.83 -12.56
C ASN J 45 10.95 -25.24 -13.04
N TRP J 46 10.66 -25.40 -14.34
CA TRP J 46 10.26 -26.71 -14.90
C TRP J 46 11.14 -27.88 -14.47
N ALA J 47 12.47 -27.74 -14.66
CA ALA J 47 13.48 -28.74 -14.26
C ALA J 47 13.48 -29.05 -12.76
N ASP J 48 13.45 -28.00 -11.93
CA ASP J 48 13.40 -28.19 -10.49
C ASP J 48 12.13 -28.94 -10.10
N ALA J 49 11.03 -28.60 -10.77
CA ALA J 49 9.72 -29.22 -10.52
C ALA J 49 9.61 -30.69 -10.91
N GLU J 50 10.16 -31.05 -12.08
CA GLU J 50 10.23 -32.43 -12.49
C GLU J 50 11.11 -33.29 -11.59
N ARG J 51 12.28 -32.75 -11.19
CA ARG J 51 13.14 -33.50 -10.26
C ARG J 51 12.48 -33.61 -8.89
N PHE J 52 11.76 -32.55 -8.47
CA PHE J 52 11.01 -32.55 -7.19
C PHE J 52 10.05 -33.72 -7.19
N CYS J 53 9.31 -33.90 -8.31
CA CYS J 53 8.38 -35.02 -8.51
C CYS J 53 9.10 -36.35 -8.43
N LYS J 54 10.24 -36.47 -9.13
CA LYS J 54 11.03 -37.69 -9.16
C LYS J 54 11.48 -38.14 -7.76
N LEU J 55 11.82 -37.12 -6.94
CA LEU J 55 12.33 -37.34 -5.60
C LEU J 55 11.21 -37.55 -4.58
N GLN J 56 9.96 -37.68 -5.04
CA GLN J 56 8.86 -38.00 -4.13
C GLN J 56 8.97 -39.41 -3.57
N PRO J 57 8.44 -39.67 -2.34
CA PRO J 57 8.57 -40.98 -1.69
C PRO J 57 8.17 -42.12 -2.64
N LYS J 58 7.02 -41.95 -3.27
CA LYS J 58 6.68 -42.73 -4.44
C LYS J 58 7.19 -41.89 -5.61
N HIS J 59 8.15 -42.42 -6.37
CA HIS J 59 8.76 -41.67 -7.48
C HIS J 59 7.66 -41.28 -8.50
N SER J 60 7.62 -40.02 -8.90
CA SER J 60 6.55 -39.50 -9.75
C SER J 60 7.09 -38.48 -10.78
N HIS J 61 6.26 -38.07 -11.75
CA HIS J 61 6.67 -37.12 -12.79
C HIS J 61 5.64 -36.01 -12.96
N LEU J 62 6.02 -34.91 -13.62
CA LEU J 62 5.06 -33.86 -13.89
C LEU J 62 3.85 -34.41 -14.64
N VAL J 63 2.68 -33.87 -14.34
CA VAL J 63 1.43 -34.40 -14.86
C VAL J 63 1.54 -34.51 -16.37
N SER J 64 1.08 -35.63 -16.93
CA SER J 64 0.92 -35.80 -18.36
C SER J 64 -0.57 -35.98 -18.61
N PHE J 65 -1.05 -35.39 -19.70
CA PHE J 65 -2.45 -35.50 -20.11
C PHE J 65 -2.63 -36.42 -21.30
N GLN J 66 -3.45 -37.45 -21.13
CA GLN J 66 -3.67 -38.44 -22.18
C GLN J 66 -5.10 -38.36 -22.74
N SER J 67 -5.85 -37.42 -22.22
CA SER J 67 -7.26 -37.23 -22.57
C SER J 67 -7.86 -35.93 -21.99
N ALA J 68 -8.92 -35.43 -22.63
CA ALA J 68 -9.61 -34.23 -22.17
C ALA J 68 -10.16 -34.40 -20.75
N GLU J 69 -10.75 -35.58 -20.49
CA GLU J 69 -11.39 -35.92 -19.20
C GLU J 69 -10.40 -36.01 -18.05
N GLU J 70 -9.17 -36.41 -18.36
CA GLU J 70 -8.06 -36.42 -17.38
C GLU J 70 -7.66 -34.99 -17.05
N ALA J 71 -7.57 -34.16 -18.07
CA ALA J 71 -7.32 -32.73 -17.88
C ALA J 71 -8.42 -32.04 -17.07
N ASP J 72 -9.68 -32.32 -17.39
CA ASP J 72 -10.82 -31.79 -16.63
C ASP J 72 -10.69 -32.18 -15.16
N PHE J 73 -10.34 -33.42 -14.90
CA PHE J 73 -10.21 -33.94 -13.55
C PHE J 73 -9.13 -33.19 -12.77
N VAL J 74 -7.99 -33.03 -13.42
CA VAL J 74 -6.82 -32.44 -12.79
C VAL J 74 -7.00 -30.98 -12.47
N VAL J 75 -7.63 -30.22 -13.34
CA VAL J 75 -7.92 -28.81 -13.02
C VAL J 75 -8.92 -28.65 -11.88
N LYS J 76 -9.82 -29.63 -11.81
CA LYS J 76 -10.78 -29.72 -10.72
C LYS J 76 -10.06 -29.85 -9.38
N LEU J 77 -8.98 -30.66 -9.38
CA LEU J 77 -8.09 -30.88 -8.26
C LEU J 77 -7.26 -29.64 -7.90
N THR J 78 -6.73 -28.95 -8.90
CA THR J 78 -5.78 -27.87 -8.71
C THR J 78 -6.51 -26.67 -8.13
N ARG J 79 -7.72 -26.45 -8.61
CA ARG J 79 -8.57 -25.32 -8.23
C ARG J 79 -8.70 -25.02 -6.72
N PRO J 80 -9.13 -26.04 -5.94
CA PRO J 80 -9.26 -25.92 -4.52
C PRO J 80 -8.03 -25.17 -4.09
N ARG J 81 -6.93 -25.59 -4.66
CA ARG J 81 -5.74 -25.21 -3.95
C ARG J 81 -4.49 -24.66 -4.37
N LEU J 82 -4.03 -25.00 -5.54
CA LEU J 82 -3.06 -24.23 -6.24
C LEU J 82 -3.47 -22.82 -6.69
N LYS J 83 -4.70 -22.36 -6.44
CA LYS J 83 -5.29 -21.29 -7.33
C LYS J 83 -5.36 -19.70 -7.25
N ALA J 84 -4.26 -19.04 -7.55
CA ALA J 84 -4.10 -18.25 -8.75
C ALA J 84 -2.70 -18.54 -9.35
N ASN J 85 -2.43 -19.72 -9.91
CA ASN J 85 -1.07 -19.95 -10.33
C ASN J 85 -0.99 -20.67 -11.63
N LEU J 86 0.01 -20.32 -12.42
CA LEU J 86 0.38 -21.14 -13.56
C LEU J 86 0.92 -22.46 -13.04
N VAL J 87 0.61 -23.57 -13.73
CA VAL J 87 0.96 -24.91 -13.24
C VAL J 87 1.78 -25.66 -14.29
N TRP J 88 2.92 -26.19 -13.91
CA TRP J 88 3.72 -26.88 -14.91
C TRP J 88 3.02 -28.18 -15.28
N MET J 89 3.06 -28.52 -16.58
CA MET J 89 2.73 -29.88 -17.01
C MET J 89 4.03 -30.49 -17.51
N GLY J 90 4.03 -31.78 -17.85
CA GLY J 90 5.32 -32.44 -18.21
C GLY J 90 5.85 -32.31 -19.64
N LEU J 91 5.74 -31.11 -20.23
CA LEU J 91 6.29 -30.87 -21.56
C LEU J 91 7.34 -29.76 -21.57
N SER J 92 8.54 -30.14 -22.03
CA SER J 92 9.67 -29.21 -22.11
C SER J 92 10.26 -29.21 -23.49
N ASN J 93 11.05 -28.16 -23.78
CA ASN J 93 11.80 -28.00 -25.03
C ASN J 93 10.91 -28.16 -26.27
N ILE J 94 9.86 -27.35 -26.31
CA ILE J 94 8.72 -27.62 -27.18
C ILE J 94 9.04 -27.17 -28.59
N TRP J 95 10.10 -26.37 -28.71
CA TRP J 95 10.56 -25.87 -29.99
C TRP J 95 11.85 -26.52 -30.45
N HIS J 96 12.28 -27.55 -29.77
CA HIS J 96 13.56 -28.17 -30.04
C HIS J 96 13.59 -29.16 -31.22
N GLY J 97 12.94 -30.30 -31.08
CA GLY J 97 12.84 -31.25 -32.16
C GLY J 97 11.73 -30.92 -33.15
N CYS J 98 11.72 -29.67 -33.63
CA CYS J 98 10.82 -29.23 -34.68
C CYS J 98 11.45 -29.70 -35.96
N ASN J 99 10.62 -29.97 -36.97
CA ASN J 99 11.16 -30.44 -38.21
C ASN J 99 11.61 -29.22 -38.99
N TRP J 100 12.82 -28.73 -38.71
CA TRP J 100 13.35 -27.56 -39.40
C TRP J 100 13.90 -27.93 -40.77
N GLN J 101 13.69 -27.04 -41.71
CA GLN J 101 14.36 -27.12 -43.01
C GLN J 101 14.64 -25.74 -43.57
N TRP J 102 15.42 -25.67 -44.65
CA TRP J 102 15.55 -24.44 -45.46
C TRP J 102 14.55 -24.50 -46.59
N SER J 103 13.84 -23.40 -46.82
CA SER J 103 12.81 -23.38 -47.84
C SER J 103 13.39 -23.49 -49.25
N ASP J 104 14.67 -23.12 -49.38
CA ASP J 104 15.36 -23.29 -50.68
C ASP J 104 15.73 -24.76 -50.95
N GLY J 105 15.86 -25.50 -49.86
CA GLY J 105 16.30 -26.90 -49.92
C GLY J 105 17.73 -27.06 -49.49
N ALA J 106 18.40 -25.95 -49.20
CA ALA J 106 19.78 -26.03 -48.74
C ALA J 106 19.85 -26.95 -47.52
N ARG J 107 21.01 -27.56 -47.34
CA ARG J 107 21.22 -28.47 -46.22
C ARG J 107 21.27 -27.69 -44.91
N LEU J 108 20.53 -28.18 -43.94
CA LEU J 108 20.69 -27.68 -42.59
C LEU J 108 21.98 -28.23 -41.97
N ASN J 109 23.08 -27.62 -42.36
CA ASN J 109 24.40 -28.02 -41.84
C ASN J 109 24.84 -27.14 -40.67
N TYR J 110 25.00 -25.84 -40.89
CA TYR J 110 25.33 -24.92 -39.81
C TYR J 110 24.12 -24.66 -38.92
N LYS J 111 24.33 -24.67 -37.61
CA LYS J 111 23.29 -24.51 -36.60
C LYS J 111 23.71 -23.44 -35.58
N ASP J 112 22.79 -22.57 -35.19
CA ASP J 112 23.08 -21.41 -34.29
C ASP J 112 21.88 -20.93 -33.45
N TRP J 113 21.46 -21.75 -32.48
CA TRP J 113 20.28 -21.45 -31.66
C TRP J 113 20.56 -20.65 -30.42
N GLN J 114 19.59 -19.83 -30.04
CA GLN J 114 19.65 -19.13 -28.79
C GLN J 114 19.48 -20.16 -27.73
N GLU J 115 19.89 -19.78 -26.53
CA GLU J 115 19.67 -20.62 -25.37
C GLU J 115 18.20 -20.71 -24.95
N GLN J 116 17.27 -20.21 -25.77
CA GLN J 116 15.90 -20.04 -25.41
C GLN J 116 15.12 -21.36 -25.48
N SER J 117 14.43 -21.69 -24.38
CA SER J 117 13.74 -22.96 -24.26
C SER J 117 12.34 -22.73 -23.70
N GLU J 118 11.37 -23.39 -24.28
CA GLU J 118 10.05 -23.24 -23.73
C GLU J 118 9.50 -24.55 -23.21
N CYS J 119 8.64 -24.40 -22.20
CA CYS J 119 7.94 -25.47 -21.54
C CYS J 119 6.45 -25.13 -21.45
N LEU J 120 5.63 -26.13 -21.19
CA LEU J 120 4.18 -25.95 -21.19
C LEU J 120 3.55 -25.96 -19.80
N ALA J 121 2.53 -25.11 -19.65
CA ALA J 121 1.83 -24.94 -18.39
C ALA J 121 0.36 -24.65 -18.72
N PHE J 122 -0.43 -24.61 -17.67
CA PHE J 122 -1.83 -24.29 -17.75
C PHE J 122 -2.24 -23.43 -16.56
N ARG J 123 -3.39 -22.75 -16.67
CA ARG J 123 -4.00 -21.94 -15.61
C ARG J 123 -4.43 -22.84 -14.44
N GLY J 124 -4.35 -22.38 -13.20
CA GLY J 124 -4.74 -23.19 -12.06
C GLY J 124 -6.25 -23.52 -12.08
N VAL J 125 -6.94 -23.05 -13.11
CA VAL J 125 -8.41 -23.12 -13.16
C VAL J 125 -8.97 -23.64 -14.49
N HIS J 126 -8.24 -23.40 -15.57
CA HIS J 126 -8.67 -23.73 -16.92
C HIS J 126 -7.66 -24.62 -17.73
N THR J 127 -8.15 -25.29 -18.77
CA THR J 127 -7.45 -26.41 -19.37
C THR J 127 -6.59 -25.99 -20.55
N GLU J 128 -6.71 -24.73 -20.94
CA GLU J 128 -5.85 -24.15 -21.99
C GLU J 128 -4.37 -24.28 -21.61
N TRP J 129 -3.52 -24.55 -22.59
CA TRP J 129 -2.06 -24.67 -22.35
C TRP J 129 -1.38 -23.35 -22.72
N LEU J 130 -0.21 -23.10 -22.13
CA LEU J 130 0.51 -21.88 -22.32
C LEU J 130 1.98 -22.20 -22.36
N ASN J 131 2.63 -21.63 -23.36
CA ASN J 131 4.06 -21.75 -23.55
C ASN J 131 4.84 -20.71 -22.73
N MET J 132 5.79 -21.19 -21.95
CA MET J 132 6.49 -20.37 -20.99
C MET J 132 7.97 -20.67 -21.06
N ASP J 133 8.78 -19.67 -20.74
CA ASP J 133 10.21 -19.90 -20.51
C ASP J 133 10.45 -20.99 -19.43
N CYS J 134 11.25 -21.99 -19.76
CA CYS J 134 11.47 -23.07 -18.79
C CYS J 134 12.05 -22.63 -17.46
N SER J 135 12.60 -21.43 -17.39
CA SER J 135 13.22 -20.94 -16.18
C SER J 135 12.32 -20.05 -15.35
N SER J 136 11.06 -19.94 -15.76
CA SER J 136 10.12 -19.27 -14.89
C SER J 136 9.67 -20.25 -13.81
N THR J 137 8.96 -19.71 -12.82
CA THR J 137 8.62 -20.42 -11.61
C THR J 137 7.12 -20.54 -11.51
N CYS J 138 6.65 -21.77 -11.56
CA CYS J 138 5.24 -22.09 -11.46
C CYS J 138 4.95 -23.12 -10.37
N SER J 139 3.68 -23.34 -10.07
CA SER J 139 3.25 -24.52 -9.32
C SER J 139 3.27 -25.72 -10.27
N PHE J 140 2.99 -26.90 -9.77
CA PHE J 140 3.06 -28.11 -10.59
C PHE J 140 2.20 -29.18 -9.96
N VAL J 141 1.96 -30.25 -10.70
CA VAL J 141 1.22 -31.44 -10.26
C VAL J 141 2.10 -32.64 -10.58
N CYS J 142 2.30 -33.51 -9.59
CA CYS J 142 2.96 -34.79 -9.83
C CYS J 142 1.91 -35.89 -10.06
N LYS J 143 2.31 -36.95 -10.75
CA LYS J 143 1.45 -38.05 -11.18
C LYS J 143 2.25 -39.37 -11.21
N PHE J 144 1.65 -40.45 -10.71
CA PHE J 144 2.25 -41.76 -10.95
C PHE J 144 1.19 -42.82 -11.09
N LYS J 145 1.55 -43.99 -11.59
CA LYS J 145 0.62 -45.11 -11.65
C LYS J 145 0.59 -45.78 -10.30
N ALA J 146 -0.59 -46.13 -9.81
CA ALA J 146 -0.69 -46.79 -8.50
C ALA J 146 -0.02 -48.15 -8.53
N SER K 7 41.69 4.64 -58.21
CA SER K 7 42.22 6.03 -58.26
C SER K 7 41.88 6.72 -59.57
N PRO K 8 42.55 6.35 -60.69
CA PRO K 8 42.25 6.94 -61.99
C PRO K 8 40.98 6.42 -62.68
N CYS K 9 40.39 5.36 -62.13
CA CYS K 9 39.23 4.73 -62.78
C CYS K 9 37.90 5.45 -62.51
N ASP K 10 36.90 5.12 -63.32
CA ASP K 10 35.57 5.70 -63.15
C ASP K 10 34.65 4.78 -62.38
N THR K 11 33.41 5.22 -62.20
CA THR K 11 32.36 4.37 -61.66
C THR K 11 32.26 3.07 -62.48
N ASN K 12 32.07 1.95 -61.78
CA ASN K 12 31.97 0.61 -62.40
C ASN K 12 33.21 0.22 -63.20
N TRP K 13 34.36 0.74 -62.80
CA TRP K 13 35.60 0.30 -63.41
C TRP K 13 36.55 0.15 -62.25
N ARG K 14 37.20 -1.01 -62.17
CA ARG K 14 38.10 -1.36 -61.08
C ARG K 14 39.53 -1.14 -61.52
N TYR K 15 40.34 -0.57 -60.65
CA TYR K 15 41.73 -0.27 -60.97
C TYR K 15 42.68 -1.36 -60.47
N TYR K 16 43.48 -1.90 -61.39
CA TYR K 16 44.46 -2.91 -61.04
C TYR K 16 45.68 -2.79 -61.94
N GLY K 17 46.88 -2.70 -61.35
CA GLY K 17 48.10 -2.50 -62.10
C GLY K 17 48.06 -1.17 -62.80
N ASP K 18 48.00 -1.22 -64.13
CA ASP K 18 47.92 0.02 -64.93
C ASP K 18 46.66 -0.02 -65.81
N SER K 19 45.64 -0.74 -65.39
CA SER K 19 44.42 -0.80 -66.16
C SER K 19 43.17 -0.51 -65.34
N CYS K 20 42.11 -0.16 -66.05
CA CYS K 20 40.75 -0.15 -65.51
C CYS K 20 40.01 -1.31 -66.16
N TYR K 21 39.35 -2.10 -65.30
CA TYR K 21 38.53 -3.23 -65.73
C TYR K 21 37.05 -2.99 -65.42
N GLY K 22 36.22 -3.27 -66.41
CA GLY K 22 34.79 -3.07 -66.32
C GLY K 22 34.11 -4.40 -66.52
N PHE K 23 33.39 -4.86 -65.53
CA PHE K 23 32.63 -6.07 -65.73
C PHE K 23 31.20 -5.69 -66.11
N PHE K 24 30.55 -6.54 -66.88
CA PHE K 24 29.23 -6.22 -67.42
C PHE K 24 28.36 -7.44 -67.55
N ARG K 25 27.18 -7.37 -66.94
CA ARG K 25 26.12 -8.38 -67.16
C ARG K 25 25.26 -8.16 -68.41
N HIS K 26 25.92 -7.90 -69.53
CA HIS K 26 25.30 -7.80 -70.81
C HIS K 26 25.78 -8.96 -71.64
N ASN K 27 24.79 -9.66 -72.17
CA ASN K 27 24.98 -10.81 -73.06
C ASN K 27 25.36 -10.44 -74.49
N LEU K 28 26.61 -10.64 -74.88
CA LEU K 28 26.99 -10.28 -76.23
C LEU K 28 27.80 -11.39 -76.83
N THR K 29 27.56 -11.63 -78.11
CA THR K 29 28.46 -12.46 -78.90
C THR K 29 29.85 -11.86 -78.84
N TRP K 30 30.94 -12.62 -78.90
CA TRP K 30 32.29 -12.06 -78.76
C TRP K 30 32.52 -10.71 -79.50
N GLU K 31 32.11 -10.67 -80.76
CA GLU K 31 32.21 -9.46 -81.56
C GLU K 31 31.36 -8.34 -80.96
N GLU K 32 30.16 -8.69 -80.52
CA GLU K 32 29.27 -7.71 -79.89
C GLU K 32 29.88 -7.18 -78.60
N SER K 33 30.58 -8.05 -77.88
CA SER K 33 31.25 -7.70 -76.64
C SER K 33 32.42 -6.74 -76.92
N LYS K 34 33.20 -7.08 -77.95
CA LYS K 34 34.32 -6.29 -78.42
C LYS K 34 33.85 -4.86 -78.69
N GLN K 35 32.76 -4.76 -79.44
CA GLN K 35 32.23 -3.46 -79.83
C GLN K 35 31.76 -2.69 -78.63
N TYR K 36 31.13 -3.37 -77.68
CA TYR K 36 30.65 -2.72 -76.46
C TYR K 36 31.82 -2.07 -75.73
N CYS K 37 32.91 -2.80 -75.59
CA CYS K 37 34.09 -2.28 -74.96
C CYS K 37 34.60 -1.02 -75.73
N THR K 38 34.74 -1.21 -77.04
CA THR K 38 35.03 -0.12 -77.97
C THR K 38 34.20 1.14 -77.77
N ASP K 39 32.90 1.00 -77.59
CA ASP K 39 31.96 2.10 -77.37
C ASP K 39 32.30 2.92 -76.13
N MET K 40 33.00 2.29 -75.19
CA MET K 40 33.47 3.00 -73.98
C MET K 40 34.97 3.17 -73.95
N ASN K 41 35.56 3.26 -75.14
CA ASN K 41 37.04 3.08 -75.30
C ASN K 41 37.43 1.68 -74.80
N ALA K 42 36.57 0.69 -75.10
CA ALA K 42 36.65 -0.65 -74.47
C ALA K 42 36.89 -1.88 -75.40
N THR K 43 37.47 -2.90 -74.80
CA THR K 43 37.98 -4.04 -75.54
C THR K 43 37.78 -5.26 -74.68
N LEU K 44 37.45 -6.42 -75.28
CA LEU K 44 37.45 -7.67 -74.55
C LEU K 44 38.85 -7.91 -73.95
N LEU K 45 38.87 -8.54 -72.79
CA LEU K 45 40.09 -8.70 -72.00
C LEU K 45 41.23 -9.46 -72.70
N LYS K 46 42.43 -9.02 -72.39
CA LYS K 46 43.63 -9.80 -72.67
C LYS K 46 44.15 -10.42 -71.36
N ILE K 47 44.27 -11.74 -71.29
CA ILE K 47 44.84 -12.40 -70.11
C ILE K 47 46.02 -13.23 -70.53
N ASP K 48 47.25 -12.70 -70.43
CA ASP K 48 48.40 -13.52 -70.75
C ASP K 48 49.40 -13.34 -69.63
N ASN K 49 48.94 -13.55 -68.42
CA ASN K 49 49.78 -13.69 -67.24
C ASN K 49 48.95 -14.21 -66.09
N ARG K 50 49.60 -15.01 -65.25
CA ARG K 50 48.93 -15.64 -64.11
C ARG K 50 48.40 -14.60 -63.11
N ASN K 51 49.14 -13.51 -62.93
CA ASN K 51 48.75 -12.43 -62.03
C ASN K 51 47.36 -11.89 -62.36
N ILE K 52 47.11 -11.67 -63.66
CA ILE K 52 45.77 -11.18 -64.06
C ILE K 52 44.69 -12.26 -63.90
N VAL K 53 45.02 -13.51 -64.22
CA VAL K 53 44.19 -14.68 -63.88
C VAL K 53 43.65 -14.57 -62.44
N GLU K 54 44.57 -14.38 -61.48
CA GLU K 54 44.16 -14.38 -60.07
C GLU K 54 43.27 -13.20 -59.71
N TYR K 55 43.54 -12.04 -60.32
CA TYR K 55 42.69 -10.87 -60.09
C TYR K 55 41.26 -11.14 -60.57
N ILE K 56 41.12 -11.66 -61.78
CA ILE K 56 39.79 -11.91 -62.35
C ILE K 56 39.02 -12.98 -61.58
N LYS K 57 39.69 -14.05 -61.16
CA LYS K 57 38.98 -15.08 -60.40
C LYS K 57 38.59 -14.58 -59.01
N ALA K 58 39.27 -13.54 -58.52
CA ALA K 58 38.88 -12.91 -57.27
C ALA K 58 37.55 -12.20 -57.49
N ARG K 59 37.47 -11.57 -58.65
CA ARG K 59 36.41 -10.61 -58.93
C ARG K 59 35.12 -11.34 -59.19
N THR K 60 35.21 -12.44 -59.96
CA THR K 60 34.03 -13.11 -60.46
C THR K 60 34.17 -14.61 -60.44
N HIS K 61 33.02 -15.23 -60.40
CA HIS K 61 32.91 -16.65 -60.70
C HIS K 61 31.97 -16.97 -61.87
N LEU K 62 31.51 -15.93 -62.57
CA LEU K 62 30.67 -16.09 -63.76
C LEU K 62 31.52 -16.24 -65.00
N ILE K 63 30.83 -16.67 -66.07
CA ILE K 63 31.46 -16.63 -67.37
C ILE K 63 31.49 -15.26 -67.92
N ARG K 64 32.49 -15.14 -68.76
CA ARG K 64 32.64 -13.89 -69.39
C ARG K 64 33.56 -14.11 -70.52
N TRP K 65 33.21 -13.53 -71.66
CA TRP K 65 34.07 -13.52 -72.82
C TRP K 65 35.39 -12.89 -72.47
N VAL K 66 36.45 -13.50 -72.97
CA VAL K 66 37.66 -12.78 -73.10
C VAL K 66 37.92 -12.51 -74.57
N GLY K 67 38.93 -11.71 -74.87
CA GLY K 67 39.20 -11.20 -76.22
C GLY K 67 39.91 -12.15 -77.15
N LEU K 68 40.61 -13.16 -76.62
CA LEU K 68 41.29 -14.19 -77.43
C LEU K 68 40.41 -14.85 -78.50
N SER K 69 41.00 -15.07 -79.67
CA SER K 69 40.27 -15.66 -80.79
C SER K 69 41.23 -16.21 -81.83
N ARG K 70 40.74 -17.21 -82.57
CA ARG K 70 41.41 -17.62 -83.82
C ARG K 70 40.73 -17.13 -85.08
N GLN K 71 41.40 -16.20 -85.79
CA GLN K 71 40.82 -15.41 -86.85
C GLN K 71 40.35 -16.30 -88.01
N LYS K 72 41.03 -17.43 -88.13
CA LYS K 72 40.44 -18.56 -88.82
C LYS K 72 40.34 -19.68 -87.82
N SER K 73 39.30 -20.50 -87.92
CA SER K 73 39.20 -21.70 -87.13
C SER K 73 40.47 -22.53 -87.29
N ASN K 74 40.84 -23.19 -86.19
CA ASN K 74 41.98 -24.13 -86.15
C ASN K 74 43.37 -23.47 -86.27
N GLU K 75 43.42 -22.15 -86.26
CA GLU K 75 44.71 -21.46 -86.27
C GLU K 75 45.16 -21.16 -84.83
N VAL K 76 46.26 -20.43 -84.71
CA VAL K 76 46.82 -20.04 -83.40
C VAL K 76 45.94 -19.01 -82.70
N TRP K 77 45.94 -19.02 -81.36
CA TRP K 77 45.07 -18.14 -80.57
C TRP K 77 45.74 -16.79 -80.33
N LYS K 78 45.07 -15.70 -80.72
CA LYS K 78 45.65 -14.36 -80.60
C LYS K 78 44.73 -13.46 -79.81
N TRP K 79 45.33 -12.58 -79.00
CA TRP K 79 44.61 -11.52 -78.28
C TRP K 79 44.21 -10.39 -79.23
N GLU K 80 43.34 -9.51 -78.74
CA GLU K 80 42.88 -8.38 -79.52
C GLU K 80 44.01 -7.52 -80.09
N ASP K 81 45.09 -7.40 -79.33
CA ASP K 81 46.22 -6.55 -79.76
C ASP K 81 47.07 -7.20 -80.86
N GLY K 82 46.68 -8.42 -81.24
CA GLY K 82 47.35 -9.13 -82.32
C GLY K 82 48.49 -10.02 -81.87
N SER K 83 48.80 -10.00 -80.58
CA SER K 83 49.83 -10.91 -80.06
C SER K 83 49.27 -12.33 -79.96
N VAL K 84 50.16 -13.31 -80.07
CA VAL K 84 49.79 -14.70 -79.82
C VAL K 84 49.74 -14.89 -78.30
N ILE K 85 48.75 -15.61 -77.79
CA ILE K 85 48.80 -16.15 -76.41
C ILE K 85 50.21 -16.63 -76.01
N SER K 86 50.66 -16.18 -74.85
CA SER K 86 52.00 -16.51 -74.38
C SER K 86 52.15 -18.00 -74.11
N GLU K 87 53.36 -18.54 -74.32
CA GLU K 87 53.61 -19.97 -74.12
C GLU K 87 53.18 -20.43 -72.73
N ASN K 88 53.54 -19.60 -71.76
CA ASN K 88 53.23 -19.88 -70.36
C ASN K 88 51.75 -19.95 -70.08
N MET K 89 50.95 -19.33 -70.93
CA MET K 89 49.50 -19.25 -70.70
C MET K 89 48.76 -20.46 -71.31
N PHE K 90 49.59 -21.32 -71.89
CA PHE K 90 49.13 -22.56 -72.50
C PHE K 90 48.24 -23.43 -71.54
N GLU K 91 48.77 -23.55 -70.34
CA GLU K 91 48.11 -24.32 -69.30
C GLU K 91 46.77 -23.75 -68.82
N PHE K 92 46.47 -22.49 -69.15
CA PHE K 92 45.21 -21.85 -68.76
C PHE K 92 44.13 -21.88 -69.84
N LEU K 93 44.45 -22.46 -70.99
CA LEU K 93 43.47 -22.63 -72.05
C LEU K 93 43.05 -24.09 -72.14
N GLU K 94 41.77 -24.33 -71.85
CA GLU K 94 41.26 -25.70 -71.76
C GLU K 94 40.93 -26.28 -73.12
N ASP K 95 40.47 -27.54 -73.13
CA ASP K 95 40.15 -28.27 -74.37
C ASP K 95 38.98 -27.64 -75.10
N GLY K 96 38.98 -27.79 -76.42
CA GLY K 96 37.89 -27.36 -77.26
C GLY K 96 37.91 -28.07 -78.59
N LYS K 97 36.87 -27.83 -79.39
CA LYS K 97 36.70 -28.46 -80.69
C LYS K 97 37.41 -27.67 -81.78
N GLY K 98 37.55 -28.29 -82.93
CA GLY K 98 38.12 -27.63 -84.10
C GLY K 98 37.40 -26.38 -84.60
N ASN K 99 36.12 -26.25 -84.26
CA ASN K 99 35.27 -25.18 -84.70
C ASN K 99 34.74 -24.35 -83.53
N MET K 100 35.31 -24.53 -82.34
CA MET K 100 35.01 -23.55 -81.29
C MET K 100 36.16 -22.59 -81.28
N ASN K 101 35.98 -21.36 -81.76
CA ASN K 101 37.12 -20.46 -82.01
C ASN K 101 37.34 -19.36 -80.98
N CYS K 102 36.30 -19.11 -80.19
CA CYS K 102 36.34 -18.08 -79.18
C CYS K 102 36.57 -18.67 -77.80
N ALA K 103 37.00 -17.83 -76.89
CA ALA K 103 37.22 -18.26 -75.52
C ALA K 103 36.41 -17.43 -74.53
N TYR K 104 35.80 -18.09 -73.54
CA TYR K 104 35.37 -17.38 -72.35
C TYR K 104 36.32 -17.72 -71.20
N PHE K 105 36.22 -16.96 -70.13
CA PHE K 105 36.93 -17.19 -68.87
C PHE K 105 35.91 -17.63 -67.84
N HIS K 106 36.24 -18.69 -67.12
CA HIS K 106 35.33 -19.13 -66.07
C HIS K 106 36.16 -19.77 -64.96
N ASN K 107 36.12 -19.21 -63.76
CA ASN K 107 36.85 -19.76 -62.61
C ASN K 107 38.32 -20.08 -62.88
N GLY K 108 38.99 -19.20 -63.61
CA GLY K 108 40.43 -19.30 -63.78
C GLY K 108 40.90 -20.08 -64.99
N LYS K 109 39.96 -20.49 -65.84
CA LYS K 109 40.30 -21.21 -67.07
C LYS K 109 39.60 -20.63 -68.30
N MET K 110 40.32 -20.63 -69.42
CA MET K 110 39.83 -20.06 -70.65
C MET K 110 39.40 -21.12 -71.65
N HIS K 111 38.49 -20.73 -72.55
CA HIS K 111 37.82 -21.71 -73.40
C HIS K 111 37.64 -21.25 -74.79
N PRO K 112 37.82 -22.19 -75.69
CA PRO K 112 37.57 -21.99 -77.10
C PRO K 112 36.11 -22.29 -77.36
N THR K 113 35.40 -21.31 -77.89
CA THR K 113 33.98 -21.43 -78.09
C THR K 113 33.52 -20.66 -79.31
N PHE K 114 32.38 -21.07 -79.84
CA PHE K 114 31.73 -20.33 -80.90
C PHE K 114 31.50 -18.84 -80.61
N CYS K 115 32.16 -17.98 -81.40
CA CYS K 115 32.07 -16.56 -81.24
C CYS K 115 30.66 -15.99 -81.32
N GLU K 116 29.74 -16.72 -81.94
CA GLU K 116 28.37 -16.27 -82.07
C GLU K 116 27.48 -16.67 -80.91
N ASN K 117 28.05 -17.34 -79.91
CA ASN K 117 27.32 -17.64 -78.67
C ASN K 117 27.31 -16.38 -77.83
N LYS K 118 26.27 -16.18 -77.03
CA LYS K 118 26.18 -14.98 -76.19
C LYS K 118 26.67 -15.26 -74.75
N HIS K 119 27.38 -14.29 -74.22
CA HIS K 119 27.91 -14.40 -72.86
C HIS K 119 28.14 -13.06 -72.23
N TYR K 120 28.16 -13.07 -70.89
CA TYR K 120 28.60 -11.92 -70.14
C TYR K 120 30.05 -11.60 -70.41
N LEU K 121 30.59 -10.55 -69.83
CA LEU K 121 31.70 -9.93 -70.47
C LEU K 121 32.45 -9.05 -69.50
N MET K 122 33.68 -8.70 -69.85
CA MET K 122 34.36 -7.58 -69.20
C MET K 122 35.28 -6.90 -70.22
N CYS K 123 35.60 -5.66 -69.93
CA CYS K 123 36.35 -4.74 -70.77
C CYS K 123 37.58 -4.19 -70.03
N GLU K 124 38.52 -3.64 -70.82
CA GLU K 124 39.78 -3.17 -70.23
C GLU K 124 40.28 -1.91 -70.93
N ARG K 125 40.60 -0.86 -70.17
CA ARG K 125 41.22 0.38 -70.67
C ARG K 125 42.50 0.65 -69.88
N LYS K 126 43.36 1.53 -70.43
CA LYS K 126 44.60 1.93 -69.77
C LYS K 126 44.27 3.01 -68.76
N ALA K 127 44.89 2.88 -67.58
CA ALA K 127 44.66 3.75 -66.44
C ALA K 127 45.27 5.12 -66.74
N GLY K 128 44.51 6.17 -66.49
CA GLY K 128 44.91 7.51 -66.90
C GLY K 128 44.50 8.54 -65.86
N SER L 7 22.49 65.61 -10.84
CA SER L 7 23.19 65.46 -12.15
C SER L 7 24.65 65.86 -12.05
N PRO L 8 24.95 67.17 -11.94
CA PRO L 8 26.32 67.63 -11.81
C PRO L 8 26.96 67.47 -10.41
N CYS L 9 26.15 67.08 -9.43
CA CYS L 9 26.64 67.00 -8.05
C CYS L 9 27.38 65.69 -7.73
N ASP L 10 28.11 65.69 -6.62
CA ASP L 10 28.92 64.54 -6.24
C ASP L 10 28.25 63.72 -5.15
N THR L 11 28.93 62.67 -4.72
CA THR L 11 28.48 61.87 -3.56
C THR L 11 28.25 62.79 -2.35
N ASN L 12 27.15 62.55 -1.63
CA ASN L 12 26.77 63.34 -0.45
C ASN L 12 26.56 64.82 -0.75
N TRP L 13 26.17 65.14 -1.97
CA TRP L 13 25.82 66.53 -2.26
C TRP L 13 24.60 66.45 -3.15
N ARG L 14 23.55 67.18 -2.78
CA ARG L 14 22.27 67.12 -3.47
C ARG L 14 22.15 68.30 -4.39
N TYR L 15 21.62 68.05 -5.59
CA TYR L 15 21.46 69.09 -6.61
C TYR L 15 20.08 69.72 -6.58
N TYR L 16 20.05 71.05 -6.48
CA TYR L 16 18.80 71.78 -6.56
C TYR L 16 19.04 73.16 -7.16
N GLY L 17 18.23 73.52 -8.17
CA GLY L 17 18.41 74.76 -8.89
C GLY L 17 19.74 74.77 -9.60
N ASP L 18 20.64 75.64 -9.15
CA ASP L 18 21.98 75.70 -9.73
C ASP L 18 23.07 75.44 -8.68
N SER L 19 22.69 74.76 -7.60
CA SER L 19 23.59 74.54 -6.48
C SER L 19 23.70 73.09 -6.07
N CYS L 20 24.81 72.79 -5.41
CA CYS L 20 25.00 71.51 -4.73
C CYS L 20 24.99 71.77 -3.24
N TYR L 21 24.20 70.99 -2.51
CA TYR L 21 24.05 71.14 -1.06
C TYR L 21 24.54 69.91 -0.31
N GLY L 22 25.36 70.13 0.71
CA GLY L 22 25.91 69.04 1.52
C GLY L 22 25.46 69.21 2.95
N PHE L 23 25.02 68.11 3.56
CA PHE L 23 24.49 68.13 4.92
C PHE L 23 25.40 67.26 5.77
N PHE L 24 25.99 67.86 6.79
CA PHE L 24 27.00 67.16 7.58
C PHE L 24 26.67 67.15 9.06
N ARG L 25 26.56 65.97 9.65
CA ARG L 25 26.27 65.87 11.09
C ARG L 25 27.53 65.91 11.93
N HIS L 26 28.19 67.07 11.85
CA HIS L 26 29.32 67.41 12.66
C HIS L 26 28.86 68.54 13.55
N ASN L 27 28.94 68.31 14.85
CA ASN L 27 28.46 69.25 15.86
C ASN L 27 29.54 70.27 16.17
N LEU L 28 29.43 71.45 15.57
CA LEU L 28 30.50 72.44 15.54
C LEU L 28 29.97 73.83 15.83
N THR L 29 30.87 74.70 16.28
CA THR L 29 30.51 76.11 16.45
C THR L 29 30.26 76.75 15.09
N TRP L 30 29.69 77.95 15.05
CA TRP L 30 29.40 78.59 13.77
C TRP L 30 30.71 78.79 12.98
N GLU L 31 31.71 79.35 13.65
CA GLU L 31 32.99 79.64 13.01
C GLU L 31 33.68 78.36 12.54
N GLU L 32 33.61 77.32 13.38
CA GLU L 32 34.19 76.03 13.01
C GLU L 32 33.48 75.45 11.79
N SER L 33 32.17 75.67 11.72
CA SER L 33 31.36 75.20 10.59
C SER L 33 31.73 75.95 9.31
N LYS L 34 31.92 77.26 9.42
CA LYS L 34 32.40 78.07 8.31
C LYS L 34 33.70 77.50 7.77
N GLN L 35 34.61 77.17 8.70
CA GLN L 35 35.90 76.60 8.34
C GLN L 35 35.73 75.26 7.65
N TYR L 36 34.80 74.45 8.16
CA TYR L 36 34.56 73.14 7.58
C TYR L 36 34.15 73.29 6.12
N CYS L 37 33.23 74.21 5.85
CA CYS L 37 32.79 74.44 4.47
C CYS L 37 33.94 74.94 3.60
N THR L 38 34.72 75.88 4.14
CA THR L 38 35.90 76.41 3.45
C THR L 38 36.85 75.29 3.05
N ASP L 39 37.02 74.31 3.94
CA ASP L 39 37.90 73.15 3.69
C ASP L 39 37.44 72.32 2.49
N MET L 40 36.15 72.43 2.17
CA MET L 40 35.58 71.73 1.01
C MET L 40 35.28 72.65 -0.17
N ASN L 41 35.92 73.82 -0.17
CA ASN L 41 35.72 74.81 -1.23
C ASN L 41 34.26 75.21 -1.35
N ALA L 42 33.59 75.32 -0.21
CA ALA L 42 32.17 75.58 -0.14
C ALA L 42 31.88 76.73 0.84
N THR L 43 30.60 77.04 1.02
CA THR L 43 30.18 78.14 1.86
C THR L 43 28.96 77.70 2.66
N LEU L 44 28.81 78.21 3.89
CA LEU L 44 27.57 77.99 4.62
C LEU L 44 26.38 78.51 3.80
N LEU L 45 25.22 77.88 3.96
CA LEU L 45 24.06 78.15 3.11
C LEU L 45 23.53 79.58 3.17
N LYS L 46 23.11 80.05 2.00
CA LYS L 46 22.35 81.28 1.86
C LYS L 46 20.90 80.92 1.54
N ILE L 47 19.95 81.50 2.28
CA ILE L 47 18.53 81.29 1.99
C ILE L 47 17.89 82.60 1.57
N ASP L 48 17.69 82.82 0.27
CA ASP L 48 17.22 84.11 -0.18
C ASP L 48 15.81 84.10 -0.79
N ASN L 49 15.09 83.03 -0.56
CA ASN L 49 13.70 82.97 -0.99
C ASN L 49 12.93 81.90 -0.24
N ARG L 50 11.60 81.99 -0.32
CA ARG L 50 10.72 80.99 0.30
C ARG L 50 10.91 79.59 -0.30
N ASN L 51 11.14 79.54 -1.61
CA ASN L 51 11.30 78.28 -2.31
C ASN L 51 12.41 77.40 -1.70
N ILE L 52 13.56 78.01 -1.43
CA ILE L 52 14.67 77.26 -0.83
C ILE L 52 14.37 76.85 0.62
N VAL L 53 13.74 77.73 1.41
CA VAL L 53 13.14 77.33 2.69
C VAL L 53 12.46 75.96 2.65
N GLU L 54 11.50 75.78 1.73
CA GLU L 54 10.71 74.56 1.68
C GLU L 54 11.54 73.35 1.28
N TYR L 55 12.49 73.54 0.38
CA TYR L 55 13.40 72.45 0.01
C TYR L 55 14.23 72.00 1.22
N ILE L 56 14.82 72.97 1.92
CA ILE L 56 15.67 72.64 3.04
C ILE L 56 14.89 71.90 4.14
N LYS L 57 13.69 72.39 4.45
CA LYS L 57 12.92 71.74 5.52
C LYS L 57 12.43 70.35 5.09
N ALA L 58 12.39 70.10 3.79
CA ALA L 58 12.03 68.76 3.27
C ALA L 58 13.21 67.82 3.63
N ARG L 59 14.41 68.38 3.50
CA ARG L 59 15.65 67.60 3.48
C ARG L 59 16.03 67.16 4.88
N THR L 60 15.80 68.07 5.86
CA THR L 60 16.26 67.85 7.21
C THR L 60 15.30 68.52 8.20
N HIS L 61 15.18 67.91 9.36
CA HIS L 61 14.50 68.51 10.50
C HIS L 61 15.36 68.72 11.76
N LEU L 62 16.66 68.45 11.60
CA LEU L 62 17.62 68.71 12.66
C LEU L 62 18.15 70.13 12.57
N ILE L 63 18.48 70.73 13.72
CA ILE L 63 19.07 72.07 13.76
C ILE L 63 20.39 72.06 12.97
N ARG L 64 20.55 72.99 12.02
CA ARG L 64 21.82 73.13 11.30
C ARG L 64 22.14 74.60 11.13
N TRP L 65 23.41 74.94 11.34
CA TRP L 65 23.87 76.31 11.08
C TRP L 65 23.61 76.70 9.62
N VAL L 66 23.25 77.96 9.41
CA VAL L 66 23.30 78.55 8.08
C VAL L 66 24.29 79.73 8.06
N GLY L 67 24.52 80.30 6.87
CA GLY L 67 25.53 81.32 6.69
C GLY L 67 25.13 82.74 7.06
N LEU L 68 24.16 82.90 7.95
CA LEU L 68 23.65 84.22 8.33
C LEU L 68 24.26 84.63 9.66
N SER L 69 24.86 85.81 9.67
CA SER L 69 25.46 86.34 10.90
C SER L 69 25.52 87.87 10.87
N ARG L 70 25.65 88.46 12.05
CA ARG L 70 25.91 89.88 12.11
C ARG L 70 27.26 90.10 12.73
N GLN L 71 28.15 90.70 11.91
CA GLN L 71 29.57 90.89 12.24
C GLN L 71 29.85 91.49 13.62
N LYS L 72 28.85 92.23 14.12
CA LYS L 72 28.84 92.66 15.54
C LYS L 72 27.38 92.58 16.02
N SER L 73 27.22 92.46 17.32
CA SER L 73 25.92 92.35 17.93
C SER L 73 25.03 93.48 17.46
N ASN L 74 23.73 93.17 17.24
CA ASN L 74 22.70 94.14 16.81
C ASN L 74 22.96 94.99 15.54
N GLU L 75 23.89 94.53 14.70
CA GLU L 75 24.10 95.14 13.41
C GLU L 75 23.19 94.35 12.48
N VAL L 76 23.22 94.65 11.19
CA VAL L 76 22.35 93.99 10.20
C VAL L 76 22.79 92.55 9.95
N TRP L 77 21.82 91.73 9.55
CA TRP L 77 22.07 90.31 9.28
C TRP L 77 22.52 90.09 7.83
N LYS L 78 23.62 89.38 7.66
CA LYS L 78 24.26 89.25 6.35
C LYS L 78 24.63 87.79 6.10
N TRP L 79 24.55 87.38 4.83
CA TRP L 79 25.07 86.10 4.42
C TRP L 79 26.59 86.13 4.27
N GLU L 80 27.18 84.93 4.08
CA GLU L 80 28.62 84.82 3.89
C GLU L 80 29.14 85.69 2.78
N ASP L 81 28.34 85.86 1.74
CA ASP L 81 28.77 86.63 0.56
C ASP L 81 28.75 88.15 0.80
N GLY L 82 28.33 88.53 2.01
CA GLY L 82 28.30 89.92 2.41
C GLY L 82 27.00 90.64 2.08
N SER L 83 26.06 89.94 1.44
CA SER L 83 24.78 90.54 1.13
C SER L 83 23.95 90.57 2.39
N VAL L 84 22.98 91.47 2.46
CA VAL L 84 22.08 91.58 3.61
C VAL L 84 20.83 90.74 3.33
N ILE L 85 20.31 90.10 4.37
CA ILE L 85 19.06 89.31 4.26
C ILE L 85 17.98 90.13 3.54
N SER L 86 17.29 89.54 2.57
CA SER L 86 16.25 90.23 1.81
C SER L 86 15.09 90.62 2.71
N GLU L 87 14.42 91.72 2.39
CA GLU L 87 13.28 92.18 3.20
C GLU L 87 12.23 91.09 3.33
N ASN L 88 11.98 90.39 2.22
CA ASN L 88 11.00 89.30 2.17
C ASN L 88 11.33 88.17 3.15
N MET L 89 12.60 88.06 3.52
CA MET L 89 13.06 86.94 4.33
C MET L 89 13.00 87.18 5.84
N PHE L 90 12.72 88.43 6.24
CA PHE L 90 12.54 88.71 7.66
C PHE L 90 11.42 87.90 8.33
N GLU L 91 10.39 87.53 7.55
CA GLU L 91 9.32 86.67 8.03
C GLU L 91 9.83 85.33 8.56
N PHE L 92 11.01 84.93 8.08
CA PHE L 92 11.60 83.64 8.44
C PHE L 92 12.69 83.74 9.49
N LEU L 93 12.94 84.95 10.01
CA LEU L 93 13.95 85.14 11.03
C LEU L 93 13.29 85.37 12.37
N GLU L 94 13.49 84.43 13.28
CA GLU L 94 12.79 84.44 14.57
C GLU L 94 13.47 85.37 15.59
N ASP L 95 12.89 85.49 16.78
CA ASP L 95 13.36 86.40 17.82
C ASP L 95 14.73 86.02 18.33
N GLY L 96 15.46 87.06 18.78
CA GLY L 96 16.80 86.88 19.29
C GLY L 96 17.20 88.01 20.22
N LYS L 97 18.31 87.81 20.90
CA LYS L 97 18.90 88.83 21.78
C LYS L 97 19.97 89.60 21.03
N GLY L 98 20.36 90.73 21.62
CA GLY L 98 21.35 91.61 21.01
C GLY L 98 22.72 91.02 20.76
N ASN L 99 23.08 90.00 21.54
CA ASN L 99 24.37 89.35 21.49
C ASN L 99 24.27 87.91 20.94
N MET L 100 23.14 87.59 20.33
CA MET L 100 23.03 86.36 19.56
C MET L 100 23.38 86.69 18.14
N ASN L 101 24.55 86.29 17.61
CA ASN L 101 24.96 86.95 16.34
C ASN L 101 24.87 86.06 15.07
N CYS L 102 24.83 84.76 15.34
CA CYS L 102 24.82 83.75 14.22
C CYS L 102 23.46 83.04 14.21
N ALA L 103 23.03 82.51 13.06
CA ALA L 103 21.73 81.85 13.00
C ALA L 103 21.80 80.41 12.54
N TYR L 104 20.93 79.59 13.13
CA TYR L 104 20.71 78.24 12.59
C TYR L 104 19.34 78.19 11.93
N PHE L 105 19.11 77.13 11.17
CA PHE L 105 17.83 76.85 10.53
C PHE L 105 17.24 75.61 11.17
N HIS L 106 15.96 75.66 11.49
CA HIS L 106 15.33 74.49 12.09
C HIS L 106 13.85 74.47 11.68
N ASN L 107 13.42 73.42 11.00
CA ASN L 107 12.01 73.24 10.63
C ASN L 107 11.38 74.44 9.95
N GLY L 108 12.14 75.13 9.08
CA GLY L 108 11.59 76.18 8.26
C GLY L 108 11.69 77.59 8.82
N LYS L 109 12.43 77.75 9.91
CA LYS L 109 12.71 79.06 10.48
C LYS L 109 14.18 79.23 10.81
N MET L 110 14.68 80.45 10.70
CA MET L 110 16.05 80.77 11.14
C MET L 110 15.99 81.37 12.53
N HIS L 111 16.90 80.95 13.39
CA HIS L 111 16.92 81.40 14.77
C HIS L 111 18.30 81.95 15.11
N PRO L 112 18.37 83.21 15.59
CA PRO L 112 19.61 83.79 16.13
C PRO L 112 20.02 83.10 17.42
N THR L 113 21.32 82.91 17.61
CA THR L 113 21.77 82.20 18.81
C THR L 113 23.25 82.48 19.01
N PHE L 114 23.79 82.05 20.15
CA PHE L 114 25.19 82.27 20.46
C PHE L 114 26.14 81.47 19.56
N CYS L 115 27.06 82.21 18.93
CA CYS L 115 27.93 81.62 17.90
C CYS L 115 28.79 80.47 18.41
N GLU L 116 29.07 80.45 19.71
CA GLU L 116 29.96 79.41 20.30
C GLU L 116 29.24 78.11 20.65
N ASN L 117 27.93 78.11 20.47
CA ASN L 117 27.13 76.89 20.64
C ASN L 117 27.40 75.92 19.49
N LYS L 118 27.17 74.63 19.74
CA LYS L 118 27.42 73.62 18.75
C LYS L 118 26.16 73.14 18.08
N HIS L 119 26.22 73.07 16.74
CA HIS L 119 25.13 72.51 15.92
C HIS L 119 25.70 71.84 14.70
N TYR L 120 24.91 70.93 14.12
CA TYR L 120 25.23 70.37 12.80
C TYR L 120 25.22 71.47 11.74
N LEU L 121 25.62 71.13 10.52
CA LEU L 121 25.90 72.18 9.50
C LEU L 121 25.44 71.72 8.13
N MET L 122 25.41 72.67 7.21
CA MET L 122 25.27 72.37 5.80
C MET L 122 26.05 73.37 4.97
N CYS L 123 26.55 72.91 3.81
CA CYS L 123 27.36 73.72 2.91
C CYS L 123 26.75 73.77 1.51
N GLU L 124 27.16 74.79 0.74
CA GLU L 124 26.66 75.00 -0.61
C GLU L 124 27.81 75.30 -1.57
N ARG L 125 27.76 74.74 -2.77
CA ARG L 125 28.72 75.01 -3.86
C ARG L 125 27.91 75.22 -5.14
N LYS L 126 28.43 76.00 -6.08
CA LYS L 126 27.74 76.23 -7.35
C LYS L 126 27.89 74.95 -8.13
N ALA L 127 26.82 74.50 -8.81
CA ALA L 127 26.86 73.22 -9.49
C ALA L 127 27.72 73.39 -10.72
N GLY L 128 28.61 72.42 -10.98
CA GLY L 128 29.57 72.53 -12.08
C GLY L 128 29.77 71.20 -12.76
#